data_2JZY
#
_entry.id   2JZY
#
_entity_poly.entity_id   1
_entity_poly.type   'polypeptide(L)'
_entity_poly.pdbx_seq_one_letter_code
;MAATVCTIADMTVDMVRRTVIRSGKKIHLTGKEYVLLELLLQRTGEVLPRSLISSLVWNMNFDSDTNVIDVAVRRLRSKI
DDDFEPKLIHTVRGAGYVLEIREELEHHHHHH
;
_entity_poly.pdbx_strand_id   A
#
# COMPACT_ATOMS: atom_id res chain seq x y z
N MET A 1 24.02 6.11 3.33
CA MET A 1 24.60 6.64 2.11
C MET A 1 23.55 6.73 1.01
N ALA A 2 23.02 5.59 0.60
CA ALA A 2 22.01 5.54 -0.44
C ALA A 2 20.61 5.35 0.15
N ALA A 3 19.59 5.57 -0.67
CA ALA A 3 18.21 5.41 -0.22
C ALA A 3 17.42 4.52 -1.18
N THR A 4 17.35 3.24 -0.87
CA THR A 4 16.63 2.28 -1.70
C THR A 4 15.91 1.24 -0.84
N VAL A 5 15.53 1.64 0.36
CA VAL A 5 14.83 0.74 1.27
C VAL A 5 14.30 1.48 2.49
N CYS A 6 13.02 1.28 2.80
CA CYS A 6 12.40 1.94 3.93
C CYS A 6 11.89 0.91 4.94
N THR A 7 12.33 1.06 6.19
CA THR A 7 11.92 0.14 7.25
C THR A 7 10.73 0.70 8.02
N ILE A 8 9.93 -0.21 8.59
CA ILE A 8 8.76 0.18 9.36
C ILE A 8 8.76 -0.46 10.75
N ALA A 9 7.65 -0.33 11.46
CA ALA A 9 7.53 -0.89 12.79
C ALA A 9 8.06 -2.33 12.83
N ASP A 10 7.64 -3.12 11.86
CA ASP A 10 8.06 -4.52 11.77
C ASP A 10 7.96 -5.04 10.34
N MET A 11 8.67 -4.38 9.43
CA MET A 11 8.66 -4.78 8.03
C MET A 11 9.75 -4.06 7.25
N THR A 12 10.00 -4.51 6.02
CA THR A 12 11.02 -3.90 5.18
C THR A 12 10.48 -3.63 3.77
N VAL A 13 10.27 -2.36 3.46
CA VAL A 13 9.77 -1.98 2.15
C VAL A 13 10.90 -1.71 1.17
N ASP A 14 10.73 -2.14 -0.07
CA ASP A 14 11.74 -1.95 -1.10
C ASP A 14 11.21 -1.07 -2.23
N MET A 15 11.82 0.10 -2.40
CA MET A 15 11.40 1.03 -3.44
C MET A 15 12.04 0.67 -4.77
N VAL A 16 13.03 -0.22 -4.73
CA VAL A 16 13.71 -0.66 -5.94
C VAL A 16 13.26 -2.05 -6.36
N ARG A 17 12.89 -2.86 -5.39
CA ARG A 17 12.43 -4.22 -5.66
C ARG A 17 10.92 -4.32 -5.54
N ARG A 18 10.31 -3.28 -4.97
CA ARG A 18 8.86 -3.26 -4.79
C ARG A 18 8.37 -4.49 -4.04
N THR A 19 8.90 -4.69 -2.83
CA THR A 19 8.54 -5.83 -2.02
C THR A 19 8.42 -5.44 -0.55
N VAL A 20 7.84 -6.34 0.26
CA VAL A 20 7.67 -6.08 1.68
C VAL A 20 8.03 -7.32 2.50
N ILE A 21 9.06 -7.20 3.32
CA ILE A 21 9.51 -8.30 4.17
C ILE A 21 9.08 -8.09 5.62
N ARG A 22 8.15 -8.91 6.09
CA ARG A 22 7.67 -8.82 7.46
C ARG A 22 8.37 -9.82 8.36
N SER A 23 9.17 -9.31 9.29
CA SER A 23 9.91 -10.17 10.22
C SER A 23 10.74 -11.21 9.46
N GLY A 24 11.19 -10.83 8.27
CA GLY A 24 11.98 -11.74 7.46
C GLY A 24 11.13 -12.64 6.59
N LYS A 25 9.86 -12.28 6.42
CA LYS A 25 8.94 -13.05 5.61
C LYS A 25 8.22 -12.16 4.60
N LYS A 26 8.52 -12.37 3.32
CA LYS A 26 7.90 -11.59 2.26
C LYS A 26 6.42 -11.95 2.10
N ILE A 27 5.58 -10.93 2.06
CA ILE A 27 4.14 -11.13 1.91
C ILE A 27 3.77 -11.40 0.45
N HIS A 28 2.78 -12.26 0.26
CA HIS A 28 2.33 -12.61 -1.08
C HIS A 28 0.95 -12.01 -1.36
N LEU A 29 0.73 -11.61 -2.62
CA LEU A 29 -0.55 -11.02 -3.01
C LEU A 29 -0.84 -11.29 -4.48
N THR A 30 -1.99 -10.81 -4.96
CA THR A 30 -2.38 -10.99 -6.35
C THR A 30 -2.00 -9.79 -7.18
N GLY A 31 -2.38 -9.81 -8.46
CA GLY A 31 -2.08 -8.71 -9.36
C GLY A 31 -2.66 -7.40 -8.87
N LYS A 32 -3.95 -7.39 -8.59
CA LYS A 32 -4.62 -6.18 -8.12
C LYS A 32 -3.99 -5.68 -6.82
N GLU A 33 -3.89 -6.56 -5.84
CA GLU A 33 -3.30 -6.20 -4.55
C GLU A 33 -1.87 -5.72 -4.72
N TYR A 34 -1.16 -6.31 -5.68
CA TYR A 34 0.22 -5.93 -5.95
C TYR A 34 0.32 -4.51 -6.47
N VAL A 35 -0.68 -4.10 -7.26
CA VAL A 35 -0.71 -2.76 -7.82
C VAL A 35 -0.96 -1.72 -6.73
N LEU A 36 -1.90 -2.01 -5.84
CA LEU A 36 -2.24 -1.09 -4.75
C LEU A 36 -1.03 -0.84 -3.87
N LEU A 37 -0.32 -1.90 -3.52
CA LEU A 37 0.86 -1.80 -2.68
C LEU A 37 2.05 -1.26 -3.47
N GLU A 38 2.09 -1.59 -4.76
CA GLU A 38 3.16 -1.14 -5.63
C GLU A 38 3.30 0.38 -5.59
N LEU A 39 2.19 1.08 -5.73
CA LEU A 39 2.18 2.54 -5.72
C LEU A 39 2.30 3.06 -4.28
N LEU A 40 1.55 2.44 -3.38
CA LEU A 40 1.57 2.84 -1.98
C LEU A 40 2.99 2.82 -1.42
N LEU A 41 3.68 1.71 -1.64
CA LEU A 41 5.05 1.56 -1.16
C LEU A 41 6.01 2.46 -1.94
N GLN A 42 5.78 2.55 -3.25
CA GLN A 42 6.62 3.39 -4.10
C GLN A 42 6.54 4.85 -3.68
N ARG A 43 5.35 5.29 -3.28
CA ARG A 43 5.15 6.67 -2.86
C ARG A 43 4.98 6.75 -1.34
N THR A 44 5.49 5.74 -0.64
CA THR A 44 5.40 5.70 0.81
C THR A 44 5.90 7.00 1.44
N GLY A 45 5.14 7.51 2.41
CA GLY A 45 5.52 8.75 3.06
C GLY A 45 4.67 9.92 2.63
N GLU A 46 4.00 9.77 1.49
CA GLU A 46 3.15 10.83 0.96
C GLU A 46 1.82 10.26 0.46
N VAL A 47 0.77 11.06 0.58
CA VAL A 47 -0.57 10.64 0.14
C VAL A 47 -0.71 10.78 -1.37
N LEU A 48 -1.24 9.74 -2.01
CA LEU A 48 -1.43 9.74 -3.45
C LEU A 48 -2.90 9.56 -3.80
N PRO A 49 -3.28 9.96 -5.03
CA PRO A 49 -4.66 9.84 -5.52
C PRO A 49 -5.06 8.39 -5.76
N ARG A 50 -6.34 8.18 -6.02
CA ARG A 50 -6.86 6.83 -6.28
C ARG A 50 -7.04 6.59 -7.78
N SER A 51 -7.46 7.64 -8.49
CA SER A 51 -7.68 7.54 -9.93
C SER A 51 -6.45 6.96 -10.62
N LEU A 52 -5.27 7.37 -10.15
CA LEU A 52 -4.02 6.90 -10.73
C LEU A 52 -3.84 5.40 -10.51
N ILE A 53 -3.96 4.97 -9.25
CA ILE A 53 -3.81 3.57 -8.90
C ILE A 53 -4.77 2.70 -9.72
N SER A 54 -6.04 3.08 -9.73
CA SER A 54 -7.05 2.34 -10.47
C SER A 54 -6.64 2.17 -11.94
N SER A 55 -5.90 3.15 -12.45
CA SER A 55 -5.45 3.11 -13.84
C SER A 55 -4.35 2.06 -14.02
N LEU A 56 -3.58 1.83 -12.96
CA LEU A 56 -2.49 0.86 -13.00
C LEU A 56 -3.04 -0.56 -13.04
N VAL A 57 -4.34 -0.70 -12.81
CA VAL A 57 -4.98 -2.01 -12.82
C VAL A 57 -6.15 -2.04 -13.79
N TRP A 58 -7.26 -1.41 -13.40
CA TRP A 58 -8.44 -1.37 -14.25
C TRP A 58 -8.33 -0.26 -15.29
N ASN A 59 -8.51 0.97 -14.85
CA ASN A 59 -8.42 2.13 -15.75
C ASN A 59 -8.66 3.42 -14.99
N MET A 60 -8.49 4.55 -15.69
CA MET A 60 -8.68 5.86 -15.08
C MET A 60 -10.04 6.44 -15.47
N ASN A 61 -10.58 7.30 -14.61
CA ASN A 61 -11.87 7.93 -14.86
C ASN A 61 -12.16 9.01 -13.83
N PHE A 62 -13.04 9.95 -14.19
CA PHE A 62 -13.41 11.04 -13.30
C PHE A 62 -14.18 10.52 -12.09
N ASP A 63 -14.87 9.40 -12.27
CA ASP A 63 -15.65 8.79 -11.21
C ASP A 63 -14.83 7.75 -10.45
N SER A 64 -15.50 6.99 -9.59
CA SER A 64 -14.83 5.96 -8.81
C SER A 64 -15.32 4.56 -9.22
N ASP A 65 -14.37 3.66 -9.46
CA ASP A 65 -14.71 2.30 -9.86
C ASP A 65 -15.24 1.51 -8.67
N THR A 66 -16.50 1.73 -8.34
CA THR A 66 -17.14 1.04 -7.23
C THR A 66 -16.20 0.94 -6.03
N ASN A 67 -15.39 1.98 -5.84
CA ASN A 67 -14.45 2.01 -4.73
C ASN A 67 -13.70 0.69 -4.61
N VAL A 68 -13.30 0.13 -5.76
CA VAL A 68 -12.57 -1.13 -5.79
C VAL A 68 -11.18 -0.98 -5.21
N ILE A 69 -10.63 0.23 -5.31
CA ILE A 69 -9.30 0.51 -4.80
C ILE A 69 -9.26 0.43 -3.28
N ASP A 70 -10.09 1.24 -2.63
CA ASP A 70 -10.17 1.27 -1.18
C ASP A 70 -10.53 -0.12 -0.63
N VAL A 71 -11.49 -0.77 -1.27
CA VAL A 71 -11.92 -2.10 -0.84
C VAL A 71 -10.83 -3.13 -1.07
N ALA A 72 -10.02 -2.91 -2.10
CA ALA A 72 -8.93 -3.83 -2.41
C ALA A 72 -7.84 -3.79 -1.35
N VAL A 73 -7.62 -2.61 -0.78
CA VAL A 73 -6.61 -2.43 0.25
C VAL A 73 -7.11 -2.96 1.60
N ARG A 74 -8.39 -2.74 1.87
CA ARG A 74 -9.00 -3.19 3.12
C ARG A 74 -9.21 -4.70 3.11
N ARG A 75 -9.60 -5.23 1.95
CA ARG A 75 -9.84 -6.66 1.80
C ARG A 75 -8.53 -7.44 1.88
N LEU A 76 -7.49 -6.90 1.27
CA LEU A 76 -6.17 -7.55 1.27
C LEU A 76 -5.51 -7.41 2.63
N ARG A 77 -5.75 -6.29 3.29
CA ARG A 77 -5.16 -6.04 4.61
C ARG A 77 -5.70 -7.03 5.64
N SER A 78 -7.00 -7.27 5.59
CA SER A 78 -7.64 -8.19 6.54
C SER A 78 -7.45 -9.64 6.08
N LYS A 79 -6.76 -9.81 4.95
CA LYS A 79 -6.51 -11.15 4.42
C LYS A 79 -5.30 -11.79 5.11
N ILE A 80 -4.39 -10.95 5.58
CA ILE A 80 -3.19 -11.44 6.26
C ILE A 80 -2.69 -10.42 7.29
N ASP A 81 -2.69 -9.15 6.89
CA ASP A 81 -2.23 -8.08 7.77
C ASP A 81 -3.15 -7.94 8.98
N ASP A 82 -4.33 -8.57 8.90
CA ASP A 82 -5.30 -8.52 9.99
C ASP A 82 -4.64 -8.85 11.32
N ASP A 83 -3.69 -9.78 11.28
CA ASP A 83 -2.98 -10.21 12.49
C ASP A 83 -1.48 -10.00 12.34
N PHE A 84 -1.00 -10.09 11.10
CA PHE A 84 0.43 -9.91 10.83
C PHE A 84 0.93 -8.59 11.38
N GLU A 85 0.59 -7.50 10.70
CA GLU A 85 1.01 -6.17 11.13
C GLU A 85 -0.18 -5.34 11.59
N PRO A 86 0.09 -4.29 12.36
CA PRO A 86 -0.95 -3.39 12.89
C PRO A 86 -1.59 -2.55 11.80
N LYS A 87 -2.54 -1.70 12.19
CA LYS A 87 -3.23 -0.83 11.25
C LYS A 87 -2.27 0.21 10.66
N LEU A 88 -1.64 -0.15 9.55
CA LEU A 88 -0.70 0.76 8.89
C LEU A 88 -1.40 1.57 7.81
N ILE A 89 -2.68 1.31 7.62
CA ILE A 89 -3.47 2.02 6.62
C ILE A 89 -3.99 3.35 7.17
N HIS A 90 -3.64 4.44 6.51
CA HIS A 90 -4.06 5.77 6.93
C HIS A 90 -4.47 6.62 5.72
N THR A 91 -5.56 7.37 5.88
CA THR A 91 -6.06 8.22 4.80
C THR A 91 -6.26 9.65 5.29
N VAL A 92 -5.87 10.61 4.46
CA VAL A 92 -6.01 12.02 4.80
C VAL A 92 -7.23 12.63 4.11
N ARG A 93 -8.15 13.15 4.91
CA ARG A 93 -9.36 13.76 4.37
C ARG A 93 -9.02 14.91 3.43
N GLY A 94 -9.06 14.64 2.13
CA GLY A 94 -8.75 15.66 1.14
C GLY A 94 -7.42 15.41 0.45
N ALA A 95 -7.08 14.14 0.29
CA ALA A 95 -5.83 13.76 -0.37
C ALA A 95 -5.99 12.50 -1.18
N GLY A 96 -6.07 11.36 -0.50
CA GLY A 96 -6.23 10.09 -1.19
C GLY A 96 -6.01 8.90 -0.27
N TYR A 97 -4.84 8.30 -0.35
CA TYR A 97 -4.50 7.14 0.48
C TYR A 97 -2.99 7.03 0.68
N VAL A 98 -2.60 6.67 1.90
CA VAL A 98 -1.18 6.54 2.23
C VAL A 98 -0.96 5.42 3.24
N LEU A 99 0.26 4.89 3.28
CA LEU A 99 0.59 3.81 4.20
C LEU A 99 1.67 4.26 5.20
N GLU A 100 1.45 3.96 6.47
CA GLU A 100 2.40 4.34 7.51
C GLU A 100 1.97 3.77 8.86
N ILE A 101 2.90 3.77 9.81
CA ILE A 101 2.62 3.26 11.15
C ILE A 101 2.28 4.39 12.12
N ARG A 102 1.47 4.06 13.12
CA ARG A 102 1.06 5.05 14.12
C ARG A 102 2.15 5.23 15.18
N GLU A 103 2.94 4.19 15.39
CA GLU A 103 4.01 4.22 16.38
C GLU A 103 4.96 5.39 16.11
N GLU A 104 5.17 5.69 14.83
CA GLU A 104 6.05 6.78 14.44
C GLU A 104 5.60 8.10 15.06
N MET A 1 24.49 8.99 -3.35
CA MET A 1 23.96 7.74 -2.84
C MET A 1 22.44 7.81 -2.68
N ALA A 2 21.76 6.70 -2.97
CA ALA A 2 20.31 6.64 -2.85
C ALA A 2 19.86 5.31 -2.27
N ALA A 3 19.14 5.37 -1.15
CA ALA A 3 18.65 4.17 -0.49
C ALA A 3 17.60 3.46 -1.34
N THR A 4 17.61 2.13 -1.32
CA THR A 4 16.67 1.35 -2.09
C THR A 4 15.87 0.41 -1.19
N VAL A 5 15.76 0.78 0.08
CA VAL A 5 15.02 -0.04 1.04
C VAL A 5 14.41 0.83 2.14
N CYS A 6 13.08 0.80 2.25
CA CYS A 6 12.38 1.58 3.25
C CYS A 6 11.82 0.69 4.35
N THR A 7 12.36 0.82 5.55
CA THR A 7 11.92 0.01 6.69
C THR A 7 10.71 0.64 7.36
N ILE A 8 9.87 -0.19 7.98
CA ILE A 8 8.68 0.28 8.66
C ILE A 8 8.63 -0.24 10.10
N ALA A 9 7.49 -0.02 10.75
CA ALA A 9 7.31 -0.47 12.13
C ALA A 9 7.80 -1.90 12.30
N ASP A 10 7.38 -2.78 11.41
CA ASP A 10 7.77 -4.18 11.47
C ASP A 10 7.71 -4.82 10.08
N MET A 11 8.48 -4.27 9.15
CA MET A 11 8.51 -4.78 7.78
C MET A 11 9.63 -4.13 6.98
N THR A 12 9.86 -4.63 5.77
CA THR A 12 10.91 -4.10 4.91
C THR A 12 10.43 -3.98 3.47
N VAL A 13 10.13 -2.75 3.05
CA VAL A 13 9.66 -2.50 1.69
C VAL A 13 10.82 -2.21 0.76
N ASP A 14 10.80 -2.82 -0.41
CA ASP A 14 11.85 -2.62 -1.41
C ASP A 14 11.34 -1.79 -2.58
N MET A 15 11.98 -0.65 -2.81
CA MET A 15 11.60 0.23 -3.91
C MET A 15 12.20 -0.23 -5.23
N VAL A 16 13.18 -1.12 -5.15
CA VAL A 16 13.83 -1.65 -6.33
C VAL A 16 13.37 -3.07 -6.63
N ARG A 17 13.03 -3.81 -5.59
CA ARG A 17 12.56 -5.18 -5.74
C ARG A 17 11.04 -5.26 -5.64
N ARG A 18 10.44 -4.21 -5.10
CA ARG A 18 8.99 -4.17 -4.95
C ARG A 18 8.48 -5.34 -4.13
N THR A 19 9.03 -5.51 -2.94
CA THR A 19 8.64 -6.60 -2.05
C THR A 19 8.42 -6.11 -0.63
N VAL A 20 7.87 -6.97 0.21
CA VAL A 20 7.61 -6.62 1.61
C VAL A 20 7.97 -7.78 2.54
N ILE A 21 9.01 -7.59 3.34
CA ILE A 21 9.46 -8.61 4.28
C ILE A 21 9.04 -8.26 5.70
N ARG A 22 8.14 -9.06 6.27
CA ARG A 22 7.66 -8.84 7.63
C ARG A 22 8.47 -9.66 8.62
N SER A 23 9.33 -9.00 9.37
CA SER A 23 10.17 -9.67 10.37
C SER A 23 10.91 -10.84 9.74
N GLY A 24 11.25 -10.71 8.46
CA GLY A 24 11.97 -11.76 7.77
C GLY A 24 11.04 -12.74 7.08
N LYS A 25 9.78 -12.33 6.90
CA LYS A 25 8.79 -13.18 6.26
C LYS A 25 8.05 -12.42 5.15
N LYS A 26 8.39 -12.72 3.91
CA LYS A 26 7.77 -12.07 2.76
C LYS A 26 6.28 -12.40 2.70
N ILE A 27 5.45 -11.36 2.58
CA ILE A 27 4.01 -11.54 2.51
C ILE A 27 3.56 -11.77 1.08
N HIS A 28 2.50 -12.56 0.91
CA HIS A 28 1.96 -12.86 -0.42
C HIS A 28 0.78 -11.96 -0.73
N LEU A 29 0.62 -11.62 -2.01
CA LEU A 29 -0.48 -10.76 -2.45
C LEU A 29 -0.87 -11.07 -3.89
N THR A 30 -1.86 -10.35 -4.39
CA THR A 30 -2.33 -10.54 -5.76
C THR A 30 -1.95 -9.36 -6.65
N GLY A 31 -2.24 -9.47 -7.94
CA GLY A 31 -1.91 -8.41 -8.86
C GLY A 31 -2.47 -7.06 -8.43
N LYS A 32 -3.76 -7.02 -8.14
CA LYS A 32 -4.42 -5.79 -7.71
C LYS A 32 -3.74 -5.22 -6.47
N GLU A 33 -3.60 -6.06 -5.44
CA GLU A 33 -2.97 -5.64 -4.19
C GLU A 33 -1.54 -5.15 -4.45
N TYR A 34 -0.86 -5.80 -5.38
CA TYR A 34 0.51 -5.43 -5.72
C TYR A 34 0.57 -4.01 -6.30
N VAL A 35 -0.46 -3.65 -7.05
CA VAL A 35 -0.53 -2.32 -7.65
C VAL A 35 -0.77 -1.24 -6.60
N LEU A 36 -1.82 -1.42 -5.82
CA LEU A 36 -2.16 -0.46 -4.78
C LEU A 36 -0.98 -0.24 -3.84
N LEU A 37 -0.27 -1.31 -3.53
CA LEU A 37 0.89 -1.24 -2.64
C LEU A 37 2.10 -0.69 -3.38
N GLU A 38 2.22 -1.03 -4.67
CA GLU A 38 3.34 -0.58 -5.49
C GLU A 38 3.45 0.95 -5.45
N LEU A 39 2.31 1.62 -5.64
CA LEU A 39 2.29 3.07 -5.63
C LEU A 39 2.33 3.61 -4.21
N LEU A 40 1.59 2.96 -3.31
CA LEU A 40 1.56 3.37 -1.91
C LEU A 40 2.97 3.40 -1.31
N LEU A 41 3.71 2.33 -1.51
CA LEU A 41 5.07 2.23 -0.99
C LEU A 41 6.01 3.16 -1.76
N GLN A 42 5.82 3.22 -3.07
CA GLN A 42 6.66 4.07 -3.92
C GLN A 42 6.59 5.53 -3.47
N ARG A 43 5.39 6.01 -3.21
CA ARG A 43 5.19 7.38 -2.77
C ARG A 43 5.00 7.45 -1.26
N THR A 44 5.51 6.44 -0.56
CA THR A 44 5.40 6.38 0.90
C THR A 44 5.84 7.69 1.53
N GLY A 45 5.04 8.19 2.47
CA GLY A 45 5.36 9.43 3.15
C GLY A 45 4.50 10.59 2.68
N GLU A 46 3.83 10.41 1.55
CA GLU A 46 2.97 11.45 1.00
C GLU A 46 1.68 10.85 0.45
N VAL A 47 0.60 11.63 0.50
CA VAL A 47 -0.69 11.19 0.02
C VAL A 47 -0.80 11.36 -1.50
N LEU A 48 -1.10 10.26 -2.19
CA LEU A 48 -1.24 10.29 -3.65
C LEU A 48 -2.68 10.06 -4.06
N PRO A 49 -3.04 10.53 -5.27
CA PRO A 49 -4.39 10.38 -5.82
C PRO A 49 -4.72 8.93 -6.17
N ARG A 50 -5.88 8.47 -5.73
CA ARG A 50 -6.31 7.10 -6.00
C ARG A 50 -6.54 6.89 -7.49
N SER A 51 -6.85 7.97 -8.20
CA SER A 51 -7.10 7.90 -9.63
C SER A 51 -5.96 7.19 -10.35
N LEU A 52 -4.72 7.55 -9.99
CA LEU A 52 -3.54 6.96 -10.60
C LEU A 52 -3.49 5.46 -10.33
N ILE A 53 -3.59 5.09 -9.06
CA ILE A 53 -3.56 3.68 -8.65
C ILE A 53 -4.57 2.86 -9.46
N SER A 54 -5.83 3.29 -9.41
CA SER A 54 -6.89 2.59 -10.14
C SER A 54 -6.54 2.44 -11.62
N SER A 55 -5.78 3.40 -12.13
CA SER A 55 -5.39 3.39 -13.53
C SER A 55 -4.30 2.33 -13.78
N LEU A 56 -3.49 2.08 -12.76
CA LEU A 56 -2.42 1.09 -12.85
C LEU A 56 -2.98 -0.32 -12.86
N VAL A 57 -4.28 -0.44 -12.57
CA VAL A 57 -4.94 -1.74 -12.55
C VAL A 57 -6.14 -1.77 -13.49
N TRP A 58 -7.22 -1.12 -13.08
CA TRP A 58 -8.43 -1.08 -13.89
C TRP A 58 -8.33 0.01 -14.95
N ASN A 59 -8.47 1.26 -14.54
CA ASN A 59 -8.39 2.39 -15.46
C ASN A 59 -8.60 3.71 -14.73
N MET A 60 -8.45 4.81 -15.44
CA MET A 60 -8.61 6.15 -14.86
C MET A 60 -9.91 6.79 -15.34
N ASN A 61 -10.53 7.57 -14.46
CA ASN A 61 -11.78 8.23 -14.80
C ASN A 61 -12.19 9.21 -13.69
N PHE A 62 -12.92 10.26 -14.07
CA PHE A 62 -13.38 11.25 -13.10
C PHE A 62 -14.20 10.61 -11.99
N ASP A 63 -14.81 9.47 -12.31
CA ASP A 63 -15.63 8.75 -11.34
C ASP A 63 -14.78 7.76 -10.54
N SER A 64 -15.46 6.90 -9.79
CA SER A 64 -14.76 5.91 -8.98
C SER A 64 -15.28 4.50 -9.28
N ASP A 65 -14.34 3.58 -9.53
CA ASP A 65 -14.70 2.20 -9.84
C ASP A 65 -15.14 1.46 -8.58
N THR A 66 -16.39 1.68 -8.18
CA THR A 66 -16.92 1.03 -6.99
C THR A 66 -15.91 1.01 -5.86
N ASN A 67 -15.10 2.06 -5.77
CA ASN A 67 -14.08 2.17 -4.74
C ASN A 67 -13.33 0.85 -4.57
N VAL A 68 -13.04 0.21 -5.70
CA VAL A 68 -12.32 -1.07 -5.69
C VAL A 68 -10.96 -0.93 -5.02
N ILE A 69 -10.39 0.26 -5.10
CA ILE A 69 -9.09 0.54 -4.50
C ILE A 69 -9.15 0.42 -2.98
N ASP A 70 -10.01 1.21 -2.36
CA ASP A 70 -10.17 1.19 -0.91
C ASP A 70 -10.48 -0.23 -0.42
N VAL A 71 -11.35 -0.92 -1.13
CA VAL A 71 -11.73 -2.28 -0.76
C VAL A 71 -10.56 -3.24 -0.95
N ALA A 72 -9.74 -2.99 -1.96
CA ALA A 72 -8.58 -3.83 -2.24
C ALA A 72 -7.58 -3.78 -1.09
N VAL A 73 -7.45 -2.62 -0.47
CA VAL A 73 -6.53 -2.45 0.65
C VAL A 73 -7.10 -3.05 1.92
N ARG A 74 -8.41 -2.94 2.09
CA ARG A 74 -9.08 -3.47 3.28
C ARG A 74 -9.17 -5.00 3.21
N ARG A 75 -9.43 -5.51 2.01
CA ARG A 75 -9.54 -6.96 1.81
C ARG A 75 -8.19 -7.64 1.97
N LEU A 76 -7.15 -7.00 1.46
CA LEU A 76 -5.80 -7.54 1.53
C LEU A 76 -5.25 -7.42 2.95
N ARG A 77 -5.63 -6.35 3.64
CA ARG A 77 -5.18 -6.13 5.02
C ARG A 77 -5.70 -7.22 5.95
N SER A 78 -6.98 -7.55 5.81
CA SER A 78 -7.60 -8.58 6.64
C SER A 78 -7.27 -9.97 6.11
N LYS A 79 -6.47 -10.02 5.07
CA LYS A 79 -6.08 -11.29 4.45
C LYS A 79 -4.80 -11.83 5.10
N ILE A 80 -4.00 -10.94 5.66
CA ILE A 80 -2.75 -11.32 6.31
C ILE A 80 -2.45 -10.41 7.49
N ASP A 81 -2.60 -9.10 7.29
CA ASP A 81 -2.35 -8.13 8.33
C ASP A 81 -3.40 -8.22 9.44
N ASP A 82 -4.48 -8.96 9.16
CA ASP A 82 -5.56 -9.12 10.12
C ASP A 82 -5.02 -9.55 11.48
N ASP A 83 -3.91 -10.29 11.46
CA ASP A 83 -3.29 -10.77 12.70
C ASP A 83 -1.77 -10.85 12.54
N PHE A 84 -1.21 -9.88 11.84
CA PHE A 84 0.24 -9.85 11.61
C PHE A 84 0.80 -8.47 11.95
N GLU A 85 0.47 -7.49 11.12
CA GLU A 85 0.95 -6.12 11.32
C GLU A 85 -0.20 -5.19 11.66
N PRO A 86 0.12 -4.05 12.31
CA PRO A 86 -0.88 -3.05 12.70
C PRO A 86 -1.46 -2.32 11.51
N LYS A 87 -2.66 -1.78 11.68
CA LYS A 87 -3.34 -1.05 10.61
C LYS A 87 -2.48 0.12 10.14
N LEU A 88 -1.91 -0.01 8.94
CA LEU A 88 -1.06 1.04 8.38
C LEU A 88 -1.83 1.82 7.31
N ILE A 89 -3.13 1.60 7.24
CA ILE A 89 -3.96 2.29 6.26
C ILE A 89 -4.40 3.66 6.77
N HIS A 90 -4.08 4.70 6.00
CA HIS A 90 -4.44 6.06 6.38
C HIS A 90 -4.86 6.87 5.15
N THR A 91 -6.13 7.25 5.11
CA THR A 91 -6.67 8.03 4.00
C THR A 91 -7.22 9.37 4.47
N VAL A 92 -6.53 10.45 4.12
CA VAL A 92 -6.95 11.79 4.51
C VAL A 92 -8.26 12.17 3.81
N ARG A 93 -9.13 12.85 4.55
CA ARG A 93 -10.42 13.27 4.00
C ARG A 93 -10.25 14.47 3.08
N GLY A 94 -9.70 14.22 1.89
CA GLY A 94 -9.49 15.28 0.92
C GLY A 94 -8.09 15.27 0.36
N ALA A 95 -7.54 14.08 0.15
CA ALA A 95 -6.20 13.94 -0.40
C ALA A 95 -6.11 12.76 -1.36
N GLY A 96 -6.18 11.55 -0.81
CA GLY A 96 -6.11 10.36 -1.63
C GLY A 96 -5.91 9.10 -0.81
N TYR A 97 -4.66 8.64 -0.74
CA TYR A 97 -4.34 7.44 0.01
C TYR A 97 -2.86 7.42 0.40
N VAL A 98 -2.58 6.98 1.63
CA VAL A 98 -1.21 6.92 2.13
C VAL A 98 -1.08 5.89 3.24
N LEU A 99 0.13 5.39 3.45
CA LEU A 99 0.39 4.40 4.49
C LEU A 99 1.27 5.00 5.59
N GLU A 100 1.03 4.56 6.83
CA GLU A 100 1.81 5.05 7.96
C GLU A 100 1.60 4.13 9.18
N ILE A 101 2.65 4.00 9.99
CA ILE A 101 2.59 3.17 11.18
C ILE A 101 2.04 3.95 12.37
N ARG A 102 1.41 3.24 13.30
CA ARG A 102 0.85 3.86 14.49
C ARG A 102 1.88 3.95 15.60
N GLU A 103 2.86 3.05 15.57
CA GLU A 103 3.90 3.02 16.58
C GLU A 103 4.73 4.31 16.54
N GLU A 104 4.79 4.93 15.37
CA GLU A 104 5.54 6.18 15.20
C GLU A 104 5.09 7.23 16.23
N MET A 1 26.85 4.84 -0.05
CA MET A 1 25.78 5.75 0.36
C MET A 1 24.67 5.80 -0.69
N ALA A 2 23.54 5.18 -0.37
CA ALA A 2 22.40 5.15 -1.28
C ALA A 2 21.14 4.71 -0.56
N ALA A 3 19.99 5.18 -1.04
CA ALA A 3 18.71 4.83 -0.44
C ALA A 3 17.89 3.97 -1.39
N THR A 4 17.78 2.68 -1.08
CA THR A 4 17.02 1.75 -1.90
C THR A 4 16.24 0.77 -1.05
N VAL A 5 15.85 1.21 0.15
CA VAL A 5 15.10 0.35 1.06
C VAL A 5 14.53 1.17 2.22
N CYS A 6 13.24 0.98 2.49
CA CYS A 6 12.57 1.69 3.58
C CYS A 6 12.05 0.72 4.63
N THR A 7 12.54 0.87 5.85
CA THR A 7 12.12 0.00 6.94
C THR A 7 10.93 0.59 7.70
N ILE A 8 10.12 -0.28 8.29
CA ILE A 8 8.95 0.16 9.03
C ILE A 8 8.95 -0.42 10.45
N ALA A 9 7.82 -0.27 11.14
CA ALA A 9 7.69 -0.79 12.49
C ALA A 9 8.26 -2.20 12.60
N ASP A 10 7.90 -3.05 11.65
CA ASP A 10 8.37 -4.43 11.64
C ASP A 10 8.26 -5.03 10.25
N MET A 11 8.94 -4.41 9.28
CA MET A 11 8.92 -4.89 7.90
C MET A 11 9.99 -4.20 7.07
N THR A 12 10.33 -4.81 5.94
CA THR A 12 11.36 -4.26 5.05
C THR A 12 10.82 -4.07 3.64
N VAL A 13 10.50 -2.83 3.29
CA VAL A 13 9.97 -2.52 1.97
C VAL A 13 11.10 -2.11 1.02
N ASP A 14 11.04 -2.62 -0.20
CA ASP A 14 12.06 -2.31 -1.21
C ASP A 14 11.49 -1.38 -2.28
N MET A 15 12.14 -0.24 -2.48
CA MET A 15 11.69 0.73 -3.47
C MET A 15 12.22 0.36 -4.86
N VAL A 16 13.16 -0.57 -4.90
CA VAL A 16 13.75 -1.02 -6.16
C VAL A 16 13.24 -2.41 -6.55
N ARG A 17 12.99 -3.24 -5.54
CA ARG A 17 12.51 -4.59 -5.78
C ARG A 17 10.99 -4.67 -5.59
N ARG A 18 10.43 -3.67 -4.93
CA ARG A 18 9.00 -3.62 -4.68
C ARG A 18 8.54 -4.87 -3.92
N THR A 19 9.17 -5.14 -2.79
CA THR A 19 8.83 -6.30 -1.97
C THR A 19 8.60 -5.90 -0.52
N VAL A 20 8.17 -6.87 0.29
CA VAL A 20 7.91 -6.62 1.70
C VAL A 20 8.33 -7.82 2.55
N ILE A 21 9.28 -7.58 3.45
CA ILE A 21 9.78 -8.65 4.33
C ILE A 21 9.39 -8.38 5.78
N ARG A 22 8.45 -9.17 6.29
CA ARG A 22 7.99 -9.02 7.67
C ARG A 22 8.68 -10.04 8.58
N SER A 23 9.40 -9.53 9.58
CA SER A 23 10.11 -10.39 10.53
C SER A 23 11.06 -11.34 9.79
N GLY A 24 11.50 -10.92 8.61
CA GLY A 24 12.41 -11.75 7.82
C GLY A 24 11.67 -12.74 6.94
N LYS A 25 10.37 -12.51 6.77
CA LYS A 25 9.54 -13.38 5.94
C LYS A 25 8.81 -12.58 4.86
N LYS A 26 9.16 -12.81 3.61
CA LYS A 26 8.53 -12.10 2.50
C LYS A 26 7.09 -12.55 2.32
N ILE A 27 6.18 -11.59 2.37
CA ILE A 27 4.75 -11.87 2.20
C ILE A 27 4.37 -11.99 0.74
N HIS A 28 3.44 -12.90 0.44
CA HIS A 28 2.99 -13.11 -0.93
C HIS A 28 1.65 -12.41 -1.16
N LEU A 29 1.45 -11.93 -2.39
CA LEU A 29 0.21 -11.25 -2.76
C LEU A 29 -0.15 -11.50 -4.21
N THR A 30 -1.27 -10.94 -4.65
CA THR A 30 -1.72 -11.10 -6.02
C THR A 30 -1.45 -9.85 -6.84
N GLY A 31 -1.85 -9.88 -8.11
CA GLY A 31 -1.64 -8.74 -8.99
C GLY A 31 -2.26 -7.47 -8.45
N LYS A 32 -3.55 -7.54 -8.12
CA LYS A 32 -4.26 -6.39 -7.60
C LYS A 32 -3.59 -5.87 -6.32
N GLU A 33 -3.39 -6.76 -5.36
CA GLU A 33 -2.76 -6.39 -4.10
C GLU A 33 -1.37 -5.81 -4.33
N TYR A 34 -0.68 -6.33 -5.33
CA TYR A 34 0.66 -5.86 -5.67
C TYR A 34 0.62 -4.44 -6.22
N VAL A 35 -0.43 -4.14 -6.98
CA VAL A 35 -0.58 -2.81 -7.57
C VAL A 35 -0.89 -1.77 -6.50
N LEU A 36 -1.65 -2.17 -5.49
CA LEU A 36 -2.02 -1.27 -4.40
C LEU A 36 -0.84 -1.05 -3.45
N LEU A 37 -0.07 -2.12 -3.23
CA LEU A 37 1.08 -2.05 -2.34
C LEU A 37 2.25 -1.34 -3.02
N GLU A 38 2.57 -1.78 -4.24
CA GLU A 38 3.67 -1.19 -5.00
C GLU A 38 3.52 0.33 -5.07
N LEU A 39 2.28 0.80 -5.14
CA LEU A 39 2.01 2.23 -5.21
C LEU A 39 2.11 2.88 -3.84
N LEU A 40 1.61 2.18 -2.83
CA LEU A 40 1.64 2.69 -1.46
C LEU A 40 3.08 2.88 -0.98
N LEU A 41 3.92 1.88 -1.24
CA LEU A 41 5.33 1.95 -0.85
C LEU A 41 6.09 2.93 -1.72
N GLN A 42 5.86 2.87 -3.02
CA GLN A 42 6.53 3.76 -3.96
C GLN A 42 6.32 5.22 -3.56
N ARG A 43 5.07 5.57 -3.27
CA ARG A 43 4.74 6.94 -2.87
C ARG A 43 4.60 7.05 -1.37
N THR A 44 5.28 6.17 -0.64
CA THR A 44 5.23 6.16 0.81
C THR A 44 5.58 7.54 1.38
N GLY A 45 4.89 7.93 2.44
CA GLY A 45 5.14 9.22 3.05
C GLY A 45 4.24 10.31 2.52
N GLU A 46 3.74 10.12 1.31
CA GLU A 46 2.85 11.10 0.69
C GLU A 46 1.53 10.45 0.27
N VAL A 47 0.48 11.26 0.21
CA VAL A 47 -0.84 10.77 -0.17
C VAL A 47 -1.02 10.79 -1.69
N LEU A 48 -1.46 9.66 -2.24
CA LEU A 48 -1.68 9.55 -3.68
C LEU A 48 -3.15 9.42 -4.00
N PRO A 49 -3.52 9.72 -5.25
CA PRO A 49 -4.91 9.63 -5.72
C PRO A 49 -5.41 8.20 -5.81
N ARG A 50 -6.71 8.03 -6.03
CA ARG A 50 -7.31 6.71 -6.13
C ARG A 50 -7.45 6.29 -7.59
N SER A 51 -7.80 7.26 -8.44
CA SER A 51 -7.98 6.99 -9.86
C SER A 51 -6.69 6.44 -10.48
N LEU A 52 -5.57 7.08 -10.16
CA LEU A 52 -4.28 6.65 -10.68
C LEU A 52 -4.05 5.18 -10.41
N ILE A 53 -4.18 4.78 -9.14
CA ILE A 53 -3.99 3.39 -8.75
C ILE A 53 -4.87 2.45 -9.58
N SER A 54 -6.16 2.77 -9.65
CA SER A 54 -7.10 1.96 -10.41
C SER A 54 -6.64 1.79 -11.85
N SER A 55 -5.93 2.80 -12.36
CA SER A 55 -5.43 2.76 -13.72
C SER A 55 -4.28 1.76 -13.86
N LEU A 56 -3.56 1.56 -12.77
CA LEU A 56 -2.43 0.63 -12.77
C LEU A 56 -2.92 -0.81 -12.83
N VAL A 57 -4.22 -1.00 -12.64
CA VAL A 57 -4.81 -2.33 -12.67
C VAL A 57 -5.94 -2.40 -13.69
N TRP A 58 -7.09 -1.83 -13.33
CA TRP A 58 -8.25 -1.83 -14.22
C TRP A 58 -8.18 -0.67 -15.20
N ASN A 59 -8.45 0.53 -14.72
CA ASN A 59 -8.42 1.72 -15.57
C ASN A 59 -8.65 2.99 -14.74
N MET A 60 -8.44 4.14 -15.36
CA MET A 60 -8.62 5.42 -14.69
C MET A 60 -10.02 5.96 -14.93
N ASN A 61 -10.44 6.90 -14.10
CA ASN A 61 -11.76 7.52 -14.21
C ASN A 61 -11.89 8.73 -13.31
N PHE A 62 -12.65 9.72 -13.78
CA PHE A 62 -12.85 10.95 -13.01
C PHE A 62 -13.31 10.64 -11.59
N ASP A 63 -14.03 9.53 -11.44
CA ASP A 63 -14.53 9.12 -10.14
C ASP A 63 -13.85 7.84 -9.67
N SER A 64 -14.34 7.27 -8.57
CA SER A 64 -13.77 6.06 -8.01
C SER A 64 -14.51 4.82 -8.52
N ASP A 65 -13.77 3.89 -9.12
CA ASP A 65 -14.36 2.67 -9.64
C ASP A 65 -14.92 1.81 -8.51
N THR A 66 -16.20 2.01 -8.21
CA THR A 66 -16.86 1.24 -7.16
C THR A 66 -15.95 1.09 -5.95
N ASN A 67 -15.16 2.12 -5.67
CA ASN A 67 -14.25 2.11 -4.53
C ASN A 67 -13.49 0.77 -4.46
N VAL A 68 -13.06 0.28 -5.61
CA VAL A 68 -12.33 -0.97 -5.69
C VAL A 68 -10.95 -0.85 -5.05
N ILE A 69 -10.45 0.38 -4.99
CA ILE A 69 -9.14 0.64 -4.40
C ILE A 69 -9.17 0.47 -2.89
N ASP A 70 -10.12 1.15 -2.25
CA ASP A 70 -10.26 1.08 -0.80
C ASP A 70 -10.67 -0.32 -0.36
N VAL A 71 -11.48 -0.97 -1.18
CA VAL A 71 -11.97 -2.32 -0.88
C VAL A 71 -10.87 -3.35 -1.11
N ALA A 72 -9.98 -3.07 -2.06
CA ALA A 72 -8.87 -3.96 -2.38
C ALA A 72 -7.83 -3.98 -1.27
N VAL A 73 -7.58 -2.81 -0.69
CA VAL A 73 -6.60 -2.68 0.39
C VAL A 73 -7.18 -3.20 1.71
N ARG A 74 -8.47 -3.00 1.91
CA ARG A 74 -9.14 -3.44 3.13
C ARG A 74 -9.35 -4.95 3.11
N ARG A 75 -9.74 -5.47 1.95
CA ARG A 75 -9.98 -6.90 1.80
C ARG A 75 -8.67 -7.69 1.92
N LEU A 76 -7.61 -7.17 1.31
CA LEU A 76 -6.31 -7.81 1.36
C LEU A 76 -5.68 -7.69 2.73
N ARG A 77 -5.94 -6.56 3.39
CA ARG A 77 -5.39 -6.30 4.72
C ARG A 77 -5.92 -7.32 5.73
N SER A 78 -7.24 -7.55 5.71
CA SER A 78 -7.87 -8.49 6.62
C SER A 78 -7.71 -9.92 6.11
N LYS A 79 -6.99 -10.08 5.01
CA LYS A 79 -6.77 -11.38 4.42
C LYS A 79 -5.56 -12.07 5.05
N ILE A 80 -4.62 -11.26 5.52
CA ILE A 80 -3.41 -11.78 6.15
C ILE A 80 -2.84 -10.80 7.16
N ASP A 81 -2.77 -9.53 6.77
CA ASP A 81 -2.24 -8.48 7.65
C ASP A 81 -3.08 -8.38 8.92
N ASP A 82 -4.31 -8.90 8.86
CA ASP A 82 -5.21 -8.85 10.01
C ASP A 82 -4.53 -9.43 11.25
N ASP A 83 -3.62 -10.37 11.04
CA ASP A 83 -2.90 -11.00 12.13
C ASP A 83 -1.41 -11.09 11.85
N PHE A 84 -0.89 -10.06 11.18
CA PHE A 84 0.53 -10.02 10.83
C PHE A 84 1.10 -8.62 11.06
N GLU A 85 0.33 -7.60 10.69
CA GLU A 85 0.77 -6.22 10.86
C GLU A 85 -0.39 -5.33 11.31
N PRO A 86 -0.06 -4.17 11.87
CA PRO A 86 -1.06 -3.20 12.36
C PRO A 86 -1.82 -2.54 11.21
N LYS A 87 -2.61 -1.53 11.55
CA LYS A 87 -3.39 -0.80 10.55
C LYS A 87 -2.65 0.47 10.10
N LEU A 88 -1.86 0.34 9.05
CA LEU A 88 -1.11 1.48 8.52
C LEU A 88 -1.92 2.24 7.49
N ILE A 89 -3.02 1.63 7.04
CA ILE A 89 -3.88 2.26 6.05
C ILE A 89 -4.50 3.55 6.59
N HIS A 90 -4.09 4.67 6.01
CA HIS A 90 -4.59 5.97 6.43
C HIS A 90 -5.05 6.80 5.23
N THR A 91 -6.16 7.49 5.38
CA THR A 91 -6.71 8.32 4.30
C THR A 91 -6.97 9.74 4.78
N VAL A 92 -6.40 10.71 4.06
CA VAL A 92 -6.58 12.12 4.40
C VAL A 92 -7.75 12.73 3.65
N ARG A 93 -8.76 13.16 4.40
CA ARG A 93 -9.94 13.78 3.80
C ARG A 93 -9.55 14.91 2.85
N GLY A 94 -9.61 14.62 1.55
CA GLY A 94 -9.26 15.63 0.57
C GLY A 94 -7.92 15.36 -0.09
N ALA A 95 -7.55 14.09 -0.17
CA ALA A 95 -6.29 13.69 -0.77
C ALA A 95 -6.42 12.38 -1.53
N GLY A 96 -6.47 11.28 -0.79
CA GLY A 96 -6.60 9.97 -1.40
C GLY A 96 -6.34 8.84 -0.42
N TYR A 97 -5.15 8.27 -0.49
CA TYR A 97 -4.79 7.16 0.40
C TYR A 97 -3.28 7.14 0.66
N VAL A 98 -2.90 6.80 1.88
CA VAL A 98 -1.49 6.74 2.26
C VAL A 98 -1.28 5.79 3.42
N LEU A 99 -0.04 5.34 3.60
CA LEU A 99 0.30 4.43 4.69
C LEU A 99 1.16 5.13 5.74
N GLU A 100 1.03 4.66 6.98
CA GLU A 100 1.79 5.24 8.09
C GLU A 100 1.59 4.44 9.37
N ILE A 101 2.68 4.11 10.04
CA ILE A 101 2.61 3.35 11.28
C ILE A 101 2.00 4.17 12.40
N ARG A 102 1.95 3.60 13.59
CA ARG A 102 1.38 4.27 14.75
C ARG A 102 2.49 4.83 15.65
N GLU A 103 3.66 4.20 15.59
CA GLU A 103 4.80 4.64 16.40
C GLU A 103 5.18 6.08 16.08
N GLU A 104 4.75 6.55 14.92
CA GLU A 104 5.05 7.92 14.50
C GLU A 104 4.54 8.93 15.52
N MET A 1 26.04 5.13 -0.29
CA MET A 1 25.43 5.67 0.91
C MET A 1 24.13 6.39 0.58
N ALA A 2 23.19 5.66 -0.02
CA ALA A 2 21.90 6.24 -0.39
C ALA A 2 20.75 5.46 0.24
N ALA A 3 19.53 5.93 0.03
CA ALA A 3 18.34 5.28 0.58
C ALA A 3 17.62 4.47 -0.48
N THR A 4 17.51 3.16 -0.26
CA THR A 4 16.84 2.29 -1.20
C THR A 4 16.05 1.20 -0.47
N VAL A 5 15.60 1.53 0.74
CA VAL A 5 14.82 0.58 1.53
C VAL A 5 14.20 1.27 2.75
N CYS A 6 12.92 1.00 2.97
CA CYS A 6 12.20 1.59 4.09
C CYS A 6 11.69 0.51 5.05
N THR A 7 12.09 0.60 6.31
CA THR A 7 11.68 -0.36 7.32
C THR A 7 10.43 0.11 8.05
N ILE A 8 9.62 -0.85 8.50
CA ILE A 8 8.40 -0.54 9.23
C ILE A 8 8.33 -1.28 10.55
N ALA A 9 7.17 -1.23 11.20
CA ALA A 9 6.98 -1.90 12.48
C ALA A 9 7.57 -3.31 12.45
N ASP A 10 7.21 -4.07 11.43
CA ASP A 10 7.72 -5.44 11.28
C ASP A 10 7.72 -5.87 9.82
N MET A 11 8.42 -5.11 8.99
CA MET A 11 8.50 -5.42 7.57
C MET A 11 9.61 -4.61 6.90
N THR A 12 9.91 -4.94 5.66
CA THR A 12 10.95 -4.25 4.90
C THR A 12 10.48 -3.90 3.49
N VAL A 13 10.14 -2.64 3.28
CA VAL A 13 9.67 -2.18 1.97
C VAL A 13 10.84 -1.74 1.10
N ASP A 14 10.77 -2.08 -0.18
CA ASP A 14 11.82 -1.72 -1.13
C ASP A 14 11.32 -0.67 -2.12
N MET A 15 11.99 0.48 -2.15
CA MET A 15 11.62 1.56 -3.06
C MET A 15 12.22 1.33 -4.44
N VAL A 16 13.14 0.39 -4.54
CA VAL A 16 13.79 0.08 -5.80
C VAL A 16 13.28 -1.23 -6.38
N ARG A 17 12.88 -2.14 -5.51
CA ARG A 17 12.38 -3.45 -5.92
C ARG A 17 10.85 -3.50 -5.79
N ARG A 18 10.29 -2.58 -5.03
CA ARG A 18 8.85 -2.52 -4.82
C ARG A 18 8.34 -3.83 -4.25
N THR A 19 8.89 -4.23 -3.10
CA THR A 19 8.49 -5.47 -2.45
C THR A 19 8.25 -5.25 -0.96
N VAL A 20 7.77 -6.28 -0.28
CA VAL A 20 7.50 -6.21 1.15
C VAL A 20 7.88 -7.50 1.85
N ILE A 21 8.92 -7.44 2.68
CA ILE A 21 9.39 -8.62 3.41
C ILE A 21 8.97 -8.55 4.87
N ARG A 22 8.24 -9.56 5.33
CA ARG A 22 7.78 -9.61 6.70
C ARG A 22 8.70 -10.50 7.55
N SER A 23 9.52 -9.85 8.38
CA SER A 23 10.45 -10.58 9.23
C SER A 23 11.27 -11.58 8.42
N GLY A 24 11.51 -11.25 7.16
CA GLY A 24 12.29 -12.13 6.31
C GLY A 24 11.41 -13.04 5.48
N LYS A 25 10.12 -12.72 5.40
CA LYS A 25 9.18 -13.51 4.63
C LYS A 25 8.25 -12.63 3.82
N LYS A 26 8.49 -12.57 2.51
CA LYS A 26 7.67 -11.77 1.61
C LYS A 26 6.19 -12.11 1.76
N ILE A 27 5.36 -11.08 1.87
CA ILE A 27 3.92 -11.28 2.02
C ILE A 27 3.30 -11.77 0.72
N HIS A 28 2.32 -12.67 0.83
CA HIS A 28 1.64 -13.21 -0.34
C HIS A 28 0.48 -12.32 -0.76
N LEU A 29 0.54 -11.84 -2.00
CA LEU A 29 -0.50 -10.98 -2.54
C LEU A 29 -0.84 -11.36 -3.98
N THR A 30 -1.85 -10.69 -4.53
CA THR A 30 -2.27 -10.94 -5.90
C THR A 30 -1.92 -9.78 -6.81
N GLY A 31 -2.36 -9.86 -8.06
CA GLY A 31 -2.09 -8.79 -9.02
C GLY A 31 -2.66 -7.47 -8.59
N LYS A 32 -3.95 -7.45 -8.29
CA LYS A 32 -4.62 -6.23 -7.86
C LYS A 32 -3.97 -5.66 -6.61
N GLU A 33 -3.83 -6.49 -5.58
CA GLU A 33 -3.23 -6.08 -4.32
C GLU A 33 -1.80 -5.58 -4.54
N TYR A 34 -1.09 -6.26 -5.44
CA TYR A 34 0.29 -5.89 -5.74
C TYR A 34 0.36 -4.49 -6.33
N VAL A 35 -0.66 -4.12 -7.10
CA VAL A 35 -0.72 -2.80 -7.72
C VAL A 35 -0.94 -1.72 -6.68
N LEU A 36 -1.97 -1.87 -5.87
CA LEU A 36 -2.29 -0.89 -4.83
C LEU A 36 -1.10 -0.68 -3.90
N LEU A 37 -0.39 -1.77 -3.59
CA LEU A 37 0.78 -1.70 -2.72
C LEU A 37 2.00 -1.17 -3.48
N GLU A 38 2.07 -1.50 -4.76
CA GLU A 38 3.18 -1.07 -5.60
C GLU A 38 3.34 0.45 -5.55
N LEU A 39 2.25 1.16 -5.81
CA LEU A 39 2.27 2.62 -5.79
C LEU A 39 2.30 3.15 -4.35
N LEU A 40 1.46 2.57 -3.50
CA LEU A 40 1.39 2.98 -2.11
C LEU A 40 2.77 2.95 -1.45
N LEU A 41 3.47 1.83 -1.62
CA LEU A 41 4.81 1.67 -1.05
C LEU A 41 5.82 2.54 -1.79
N GLN A 42 5.63 2.69 -3.10
CA GLN A 42 6.52 3.49 -3.92
C GLN A 42 6.48 4.96 -3.48
N ARG A 43 5.31 5.42 -3.07
CA ARG A 43 5.14 6.79 -2.62
C ARG A 43 4.96 6.86 -1.11
N THR A 44 5.40 5.81 -0.42
CA THR A 44 5.28 5.74 1.04
C THR A 44 5.81 7.02 1.68
N GLY A 45 5.06 7.54 2.65
CA GLY A 45 5.47 8.76 3.34
C GLY A 45 4.60 9.95 2.98
N GLU A 46 4.00 9.90 1.80
CA GLU A 46 3.14 10.99 1.33
C GLU A 46 1.79 10.46 0.87
N VAL A 47 0.81 11.36 0.74
CA VAL A 47 -0.52 10.97 0.30
C VAL A 47 -0.64 11.05 -1.22
N LEU A 48 -0.95 9.92 -1.84
CA LEU A 48 -1.09 9.86 -3.29
C LEU A 48 -2.54 9.61 -3.68
N PRO A 49 -2.89 9.98 -4.92
CA PRO A 49 -4.24 9.81 -5.45
C PRO A 49 -4.60 8.34 -5.68
N ARG A 50 -5.89 8.04 -5.63
CA ARG A 50 -6.36 6.66 -5.83
C ARG A 50 -6.66 6.40 -7.31
N SER A 51 -6.96 7.47 -8.04
CA SER A 51 -7.27 7.36 -9.46
C SER A 51 -6.12 6.70 -10.22
N LEU A 52 -4.91 7.19 -9.99
CA LEU A 52 -3.73 6.66 -10.65
C LEU A 52 -3.62 5.15 -10.42
N ILE A 53 -3.72 4.73 -9.16
CA ILE A 53 -3.63 3.32 -8.81
C ILE A 53 -4.62 2.50 -9.62
N SER A 54 -5.88 2.92 -9.61
CA SER A 54 -6.93 2.22 -10.33
C SER A 54 -6.56 2.05 -11.80
N SER A 55 -5.79 3.00 -12.33
CA SER A 55 -5.36 2.95 -13.72
C SER A 55 -4.30 1.87 -13.92
N LEU A 56 -3.53 1.59 -12.89
CA LEU A 56 -2.48 0.58 -12.95
C LEU A 56 -3.09 -0.83 -12.95
N VAL A 57 -4.38 -0.91 -12.68
CA VAL A 57 -5.08 -2.18 -12.65
C VAL A 57 -6.27 -2.19 -13.60
N TRP A 58 -7.35 -1.52 -13.20
CA TRP A 58 -8.54 -1.44 -14.02
C TRP A 58 -8.40 -0.38 -15.10
N ASN A 59 -8.51 0.89 -14.69
CA ASN A 59 -8.40 2.01 -15.63
C ASN A 59 -8.56 3.33 -14.90
N MET A 60 -8.27 4.43 -15.60
CA MET A 60 -8.38 5.76 -15.03
C MET A 60 -9.71 6.40 -15.42
N ASN A 61 -10.35 7.07 -14.47
CA ASN A 61 -11.62 7.73 -14.71
C ASN A 61 -12.02 8.63 -13.54
N PHE A 62 -12.68 9.74 -13.84
CA PHE A 62 -13.11 10.67 -12.80
C PHE A 62 -13.95 9.97 -11.74
N ASP A 63 -14.60 8.88 -12.14
CA ASP A 63 -15.44 8.11 -11.22
C ASP A 63 -14.61 7.08 -10.48
N SER A 64 -15.29 6.18 -9.77
CA SER A 64 -14.62 5.13 -9.02
C SER A 64 -15.26 3.77 -9.29
N ASP A 65 -14.43 2.83 -9.74
CA ASP A 65 -14.92 1.48 -10.04
C ASP A 65 -15.33 0.75 -8.77
N THR A 66 -16.59 0.93 -8.38
CA THR A 66 -17.11 0.30 -7.18
C THR A 66 -16.11 0.35 -6.04
N ASN A 67 -15.35 1.45 -5.98
CA ASN A 67 -14.35 1.63 -4.94
C ASN A 67 -13.54 0.36 -4.73
N VAL A 68 -13.20 -0.31 -5.84
CA VAL A 68 -12.43 -1.55 -5.77
C VAL A 68 -11.09 -1.33 -5.07
N ILE A 69 -10.62 -0.08 -5.11
CA ILE A 69 -9.35 0.25 -4.48
C ILE A 69 -9.44 0.15 -2.95
N ASP A 70 -10.38 0.89 -2.37
CA ASP A 70 -10.56 0.88 -0.92
C ASP A 70 -10.84 -0.55 -0.43
N VAL A 71 -11.66 -1.28 -1.17
CA VAL A 71 -12.00 -2.65 -0.81
C VAL A 71 -10.79 -3.57 -0.96
N ALA A 72 -9.97 -3.31 -1.97
CA ALA A 72 -8.78 -4.11 -2.21
C ALA A 72 -7.81 -4.02 -1.03
N VAL A 73 -7.74 -2.85 -0.42
CA VAL A 73 -6.85 -2.64 0.73
C VAL A 73 -7.44 -3.24 2.00
N ARG A 74 -8.75 -3.16 2.12
CA ARG A 74 -9.44 -3.69 3.30
C ARG A 74 -9.49 -5.21 3.25
N ARG A 75 -9.59 -5.76 2.04
CA ARG A 75 -9.65 -7.21 1.87
C ARG A 75 -8.27 -7.83 2.02
N LEU A 76 -7.26 -7.16 1.49
CA LEU A 76 -5.89 -7.64 1.58
C LEU A 76 -5.34 -7.48 2.98
N ARG A 77 -5.67 -6.36 3.63
CA ARG A 77 -5.21 -6.09 4.98
C ARG A 77 -5.90 -7.01 5.99
N SER A 78 -7.16 -7.35 5.70
CA SER A 78 -7.92 -8.22 6.59
C SER A 78 -7.57 -9.69 6.35
N LYS A 79 -6.62 -9.93 5.44
CA LYS A 79 -6.20 -11.28 5.12
C LYS A 79 -4.99 -11.69 5.97
N ILE A 80 -4.02 -10.80 6.08
CA ILE A 80 -2.83 -11.06 6.87
C ILE A 80 -2.53 -9.92 7.84
N ASP A 81 -2.69 -8.69 7.36
CA ASP A 81 -2.45 -7.51 8.19
C ASP A 81 -3.32 -7.55 9.44
N ASP A 82 -4.41 -8.32 9.39
CA ASP A 82 -5.32 -8.43 10.51
C ASP A 82 -4.64 -9.10 11.70
N ASP A 83 -3.60 -9.88 11.41
CA ASP A 83 -2.86 -10.58 12.46
C ASP A 83 -1.36 -10.44 12.25
N PHE A 84 -0.96 -9.40 11.54
CA PHE A 84 0.45 -9.16 11.25
C PHE A 84 0.88 -7.79 11.76
N GLU A 85 0.41 -6.74 11.07
CA GLU A 85 0.75 -5.38 11.45
C GLU A 85 -0.51 -4.57 11.78
N PRO A 86 -0.34 -3.46 12.51
CA PRO A 86 -1.44 -2.59 12.91
C PRO A 86 -2.04 -1.83 11.72
N LYS A 87 -3.08 -1.05 12.00
CA LYS A 87 -3.74 -0.28 10.95
C LYS A 87 -2.78 0.73 10.33
N LEU A 88 -2.15 0.33 9.22
CA LEU A 88 -1.21 1.19 8.52
C LEU A 88 -1.89 1.96 7.40
N ILE A 89 -3.18 1.68 7.20
CA ILE A 89 -3.95 2.33 6.15
C ILE A 89 -4.42 3.72 6.61
N HIS A 90 -3.62 4.73 6.30
CA HIS A 90 -3.95 6.10 6.68
C HIS A 90 -4.43 6.90 5.47
N THR A 91 -5.60 7.51 5.59
CA THR A 91 -6.16 8.30 4.50
C THR A 91 -6.54 9.70 4.97
N VAL A 92 -5.90 10.71 4.40
CA VAL A 92 -6.17 12.09 4.76
C VAL A 92 -7.38 12.63 4.01
N ARG A 93 -8.42 12.99 4.75
CA ARG A 93 -9.64 13.52 4.15
C ARG A 93 -9.34 14.75 3.29
N GLY A 94 -9.26 14.55 1.98
CA GLY A 94 -8.98 15.64 1.08
C GLY A 94 -7.60 15.54 0.45
N ALA A 95 -7.14 14.31 0.24
CA ALA A 95 -5.83 14.07 -0.35
C ALA A 95 -5.84 12.82 -1.21
N GLY A 96 -5.81 11.66 -0.55
CA GLY A 96 -5.82 10.40 -1.28
C GLY A 96 -5.63 9.21 -0.36
N TYR A 97 -4.47 8.59 -0.42
CA TYR A 97 -4.17 7.42 0.41
C TYR A 97 -2.69 7.34 0.73
N VAL A 98 -2.37 6.92 1.96
CA VAL A 98 -0.99 6.78 2.38
C VAL A 98 -0.82 5.66 3.39
N LEU A 99 0.37 5.07 3.43
CA LEU A 99 0.65 3.97 4.36
C LEU A 99 1.81 4.33 5.28
N GLU A 100 1.64 4.02 6.57
CA GLU A 100 2.67 4.31 7.56
C GLU A 100 2.29 3.75 8.92
N ILE A 101 3.24 3.76 9.85
CA ILE A 101 3.01 3.24 11.19
C ILE A 101 2.94 4.38 12.20
N ARG A 102 2.50 4.05 13.42
CA ARG A 102 2.40 5.05 14.49
C ARG A 102 3.58 4.95 15.44
N GLU A 103 4.14 3.75 15.57
CA GLU A 103 5.28 3.52 16.44
C GLU A 103 6.41 4.50 16.14
N GLU A 104 6.58 4.81 14.86
CA GLU A 104 7.62 5.74 14.43
C GLU A 104 7.55 7.05 15.20
N MET A 1 20.30 8.86 1.85
CA MET A 1 21.65 8.59 1.38
C MET A 1 21.75 7.19 0.79
N ALA A 2 21.29 7.04 -0.45
CA ALA A 2 21.33 5.75 -1.13
C ALA A 2 20.65 4.67 -0.29
N ALA A 3 19.37 4.88 0.00
CA ALA A 3 18.61 3.92 0.80
C ALA A 3 17.49 3.30 -0.03
N THR A 4 17.77 2.11 -0.56
CA THR A 4 16.80 1.40 -1.39
C THR A 4 16.01 0.39 -0.56
N VAL A 5 15.93 0.63 0.75
CA VAL A 5 15.22 -0.25 1.66
C VAL A 5 14.60 0.53 2.82
N CYS A 6 13.28 0.58 2.84
CA CYS A 6 12.56 1.29 3.89
C CYS A 6 11.99 0.32 4.92
N THR A 7 12.54 0.34 6.12
CA THR A 7 12.09 -0.54 7.19
C THR A 7 10.89 0.05 7.92
N ILE A 8 10.06 -0.82 8.49
CA ILE A 8 8.87 -0.39 9.21
C ILE A 8 8.80 -1.02 10.60
N ALA A 9 7.68 -0.85 11.27
CA ALA A 9 7.49 -1.41 12.60
C ALA A 9 7.98 -2.85 12.67
N ASP A 10 7.57 -3.66 11.69
CA ASP A 10 7.98 -5.06 11.64
C ASP A 10 7.90 -5.58 10.21
N MET A 11 8.65 -4.96 9.31
CA MET A 11 8.66 -5.36 7.91
C MET A 11 9.79 -4.66 7.15
N THR A 12 10.02 -5.09 5.91
CA THR A 12 11.06 -4.50 5.09
C THR A 12 10.57 -4.25 3.68
N VAL A 13 10.34 -2.97 3.35
CA VAL A 13 9.86 -2.60 2.02
C VAL A 13 11.02 -2.26 1.10
N ASP A 14 10.91 -2.67 -0.16
CA ASP A 14 11.94 -2.41 -1.15
C ASP A 14 11.45 -1.45 -2.23
N MET A 15 12.10 -0.31 -2.35
CA MET A 15 11.72 0.68 -3.36
C MET A 15 12.32 0.34 -4.72
N VAL A 16 13.24 -0.62 -4.73
CA VAL A 16 13.89 -1.03 -5.96
C VAL A 16 13.37 -2.39 -6.43
N ARG A 17 13.01 -3.23 -5.47
CA ARG A 17 12.50 -4.57 -5.78
C ARG A 17 10.98 -4.61 -5.65
N ARG A 18 10.42 -3.62 -4.95
CA ARG A 18 8.98 -3.55 -4.75
C ARG A 18 8.46 -4.80 -4.04
N THR A 19 9.03 -5.09 -2.87
CA THR A 19 8.65 -6.24 -2.09
C THR A 19 8.45 -5.88 -0.62
N VAL A 20 7.93 -6.83 0.15
CA VAL A 20 7.70 -6.61 1.57
C VAL A 20 8.04 -7.85 2.39
N ILE A 21 9.07 -7.75 3.21
CA ILE A 21 9.50 -8.86 4.05
C ILE A 21 9.08 -8.66 5.50
N ARG A 22 8.14 -9.46 5.97
CA ARG A 22 7.64 -9.37 7.33
C ARG A 22 8.33 -10.41 8.22
N SER A 23 9.10 -9.92 9.20
CA SER A 23 9.80 -10.81 10.12
C SER A 23 10.66 -11.81 9.35
N GLY A 24 11.17 -11.39 8.19
CA GLY A 24 12.00 -12.25 7.39
C GLY A 24 11.19 -13.16 6.48
N LYS A 25 9.91 -12.84 6.33
CA LYS A 25 9.03 -13.63 5.48
C LYS A 25 8.28 -12.74 4.49
N LYS A 26 8.59 -12.91 3.21
CA LYS A 26 7.95 -12.12 2.16
C LYS A 26 6.45 -12.43 2.08
N ILE A 27 5.64 -11.40 2.15
CA ILE A 27 4.18 -11.56 2.08
C ILE A 27 3.72 -11.74 0.65
N HIS A 28 2.71 -12.58 0.45
CA HIS A 28 2.17 -12.84 -0.88
C HIS A 28 1.01 -11.90 -1.18
N LEU A 29 0.89 -11.51 -2.45
CA LEU A 29 -0.19 -10.61 -2.87
C LEU A 29 -0.58 -10.88 -4.31
N THR A 30 -1.68 -10.26 -4.74
CA THR A 30 -2.17 -10.42 -6.11
C THR A 30 -1.87 -9.20 -6.96
N GLY A 31 -2.32 -9.22 -8.20
CA GLY A 31 -2.10 -8.09 -9.09
C GLY A 31 -2.64 -6.79 -8.53
N LYS A 32 -3.90 -6.80 -8.14
CA LYS A 32 -4.54 -5.60 -7.59
C LYS A 32 -3.80 -5.13 -6.34
N GLU A 33 -3.60 -6.04 -5.39
CA GLU A 33 -2.91 -5.70 -4.15
C GLU A 33 -1.51 -5.15 -4.43
N TYR A 34 -0.83 -5.76 -5.40
CA TYR A 34 0.51 -5.33 -5.77
C TYR A 34 0.49 -3.92 -6.35
N VAL A 35 -0.58 -3.60 -7.08
CA VAL A 35 -0.72 -2.29 -7.69
C VAL A 35 -0.88 -1.20 -6.63
N LEU A 36 -1.65 -1.49 -5.59
CA LEU A 36 -1.88 -0.54 -4.51
C LEU A 36 -0.66 -0.46 -3.60
N LEU A 37 -0.05 -1.60 -3.33
CA LEU A 37 1.13 -1.66 -2.48
C LEU A 37 2.33 -1.01 -3.15
N GLU A 38 2.66 -1.48 -4.36
CA GLU A 38 3.78 -0.95 -5.11
C GLU A 38 3.69 0.57 -5.22
N LEU A 39 2.46 1.08 -5.26
CA LEU A 39 2.23 2.51 -5.37
C LEU A 39 2.43 3.20 -4.02
N LEU A 40 2.08 2.50 -2.95
CA LEU A 40 2.21 3.04 -1.60
C LEU A 40 3.68 3.19 -1.23
N LEU A 41 4.45 2.13 -1.44
CA LEU A 41 5.89 2.14 -1.12
C LEU A 41 6.64 3.08 -2.06
N GLN A 42 6.39 2.94 -3.36
CA GLN A 42 7.04 3.78 -4.36
C GLN A 42 6.91 5.26 -4.00
N ARG A 43 5.69 5.67 -3.65
CA ARG A 43 5.44 7.06 -3.28
C ARG A 43 5.29 7.20 -1.77
N THR A 44 5.91 6.30 -1.03
CA THR A 44 5.83 6.32 0.43
C THR A 44 6.17 7.71 0.97
N GLY A 45 5.35 8.19 1.89
CA GLY A 45 5.57 9.50 2.48
C GLY A 45 4.60 10.54 1.95
N GLU A 46 3.98 10.26 0.82
CA GLU A 46 3.03 11.17 0.21
C GLU A 46 1.74 10.45 -0.19
N VAL A 47 0.61 11.11 -0.01
CA VAL A 47 -0.68 10.53 -0.35
C VAL A 47 -0.99 10.70 -1.83
N LEU A 48 -1.44 9.63 -2.46
CA LEU A 48 -1.76 9.65 -3.89
C LEU A 48 -3.27 9.57 -4.10
N PRO A 49 -3.73 10.02 -5.27
CA PRO A 49 -5.15 10.01 -5.62
C PRO A 49 -5.68 8.59 -5.85
N ARG A 50 -7.00 8.44 -5.82
CA ARG A 50 -7.63 7.14 -6.04
C ARG A 50 -7.75 6.83 -7.52
N SER A 51 -8.19 7.82 -8.29
CA SER A 51 -8.37 7.66 -9.73
C SER A 51 -7.10 7.09 -10.37
N LEU A 52 -5.94 7.42 -9.79
CA LEU A 52 -4.67 6.95 -10.30
C LEU A 52 -4.53 5.44 -10.09
N ILE A 53 -4.76 5.00 -8.86
CA ILE A 53 -4.66 3.58 -8.53
C ILE A 53 -5.48 2.73 -9.49
N SER A 54 -6.76 3.04 -9.60
CA SER A 54 -7.66 2.30 -10.49
C SER A 54 -7.11 2.28 -11.91
N SER A 55 -6.39 3.33 -12.28
CA SER A 55 -5.81 3.44 -13.62
C SER A 55 -4.63 2.48 -13.77
N LEU A 56 -3.96 2.19 -12.67
CA LEU A 56 -2.81 1.29 -12.68
C LEU A 56 -3.27 -0.17 -12.70
N VAL A 57 -4.58 -0.38 -12.63
CA VAL A 57 -5.14 -1.72 -12.64
C VAL A 57 -6.24 -1.85 -13.68
N TRP A 58 -7.42 -1.30 -13.38
CA TRP A 58 -8.55 -1.35 -14.29
C TRP A 58 -8.42 -0.28 -15.38
N ASN A 59 -8.68 0.97 -15.00
CA ASN A 59 -8.61 2.08 -15.94
C ASN A 59 -8.90 3.41 -15.23
N MET A 60 -8.70 4.50 -15.95
CA MET A 60 -8.94 5.83 -15.40
C MET A 60 -10.27 6.39 -15.89
N ASN A 61 -10.92 7.20 -15.06
CA ASN A 61 -12.21 7.79 -15.41
C ASN A 61 -12.60 8.88 -14.41
N PHE A 62 -13.61 9.66 -14.75
CA PHE A 62 -14.09 10.73 -13.88
C PHE A 62 -14.90 10.16 -12.72
N ASP A 63 -15.48 8.98 -12.93
CA ASP A 63 -16.28 8.32 -11.90
C ASP A 63 -15.44 7.34 -11.09
N SER A 64 -16.08 6.69 -10.13
CA SER A 64 -15.38 5.73 -9.28
C SER A 64 -15.84 4.30 -9.59
N ASP A 65 -15.09 3.32 -9.09
CA ASP A 65 -15.42 1.92 -9.31
C ASP A 65 -15.66 1.20 -7.99
N THR A 66 -16.87 1.35 -7.45
CA THR A 66 -17.24 0.72 -6.19
C THR A 66 -16.11 0.84 -5.18
N ASN A 67 -15.38 1.94 -5.23
CA ASN A 67 -14.27 2.17 -4.31
C ASN A 67 -13.42 0.90 -4.16
N VAL A 68 -13.21 0.20 -5.27
CA VAL A 68 -12.43 -1.02 -5.26
C VAL A 68 -11.08 -0.79 -4.59
N ILE A 69 -10.59 0.44 -4.64
CA ILE A 69 -9.30 0.79 -4.04
C ILE A 69 -9.35 0.60 -2.54
N ASP A 70 -10.29 1.27 -1.88
CA ASP A 70 -10.43 1.18 -0.43
C ASP A 70 -10.70 -0.27 -0.01
N VAL A 71 -11.40 -1.00 -0.85
CA VAL A 71 -11.73 -2.40 -0.56
C VAL A 71 -10.50 -3.29 -0.74
N ALA A 72 -9.63 -2.92 -1.68
CA ALA A 72 -8.43 -3.68 -1.95
C ALA A 72 -7.46 -3.61 -0.79
N VAL A 73 -7.39 -2.44 -0.15
CA VAL A 73 -6.50 -2.23 0.99
C VAL A 73 -7.07 -2.88 2.25
N ARG A 74 -8.39 -2.80 2.41
CA ARG A 74 -9.06 -3.37 3.57
C ARG A 74 -9.12 -4.90 3.46
N ARG A 75 -9.35 -5.39 2.25
CA ARG A 75 -9.43 -6.83 2.02
C ARG A 75 -8.07 -7.49 2.19
N LEU A 76 -7.04 -6.82 1.69
CA LEU A 76 -5.68 -7.35 1.78
C LEU A 76 -5.15 -7.24 3.21
N ARG A 77 -5.54 -6.17 3.90
CA ARG A 77 -5.10 -5.94 5.27
C ARG A 77 -5.61 -7.05 6.19
N SER A 78 -6.89 -7.37 6.07
CA SER A 78 -7.49 -8.41 6.90
C SER A 78 -7.22 -9.80 6.32
N LYS A 79 -6.43 -9.84 5.24
CA LYS A 79 -6.08 -11.09 4.60
C LYS A 79 -4.83 -11.71 5.23
N ILE A 80 -3.97 -10.85 5.75
CA ILE A 80 -2.73 -11.31 6.39
C ILE A 80 -2.28 -10.34 7.46
N ASP A 81 -2.31 -9.05 7.14
CA ASP A 81 -1.91 -8.01 8.08
C ASP A 81 -2.73 -8.08 9.36
N ASP A 82 -3.91 -8.71 9.27
CA ASP A 82 -4.79 -8.85 10.42
C ASP A 82 -4.05 -9.43 11.61
N ASP A 83 -3.33 -10.52 11.38
CA ASP A 83 -2.57 -11.18 12.44
C ASP A 83 -1.07 -11.06 12.19
N PHE A 84 -0.67 -9.97 11.55
CA PHE A 84 0.73 -9.73 11.25
C PHE A 84 1.19 -8.37 11.77
N GLU A 85 0.78 -7.31 11.08
CA GLU A 85 1.14 -5.96 11.47
C GLU A 85 -0.10 -5.15 11.83
N PRO A 86 0.10 -4.06 12.60
CA PRO A 86 -0.99 -3.18 13.03
C PRO A 86 -1.58 -2.38 11.88
N LYS A 87 -2.54 -1.51 12.21
CA LYS A 87 -3.18 -0.67 11.19
C LYS A 87 -2.20 0.34 10.62
N LEU A 88 -1.65 0.02 9.45
CA LEU A 88 -0.69 0.91 8.79
C LEU A 88 -1.35 1.64 7.62
N ILE A 89 -2.68 1.59 7.57
CA ILE A 89 -3.42 2.25 6.50
C ILE A 89 -3.82 3.66 6.90
N HIS A 90 -3.20 4.65 6.27
CA HIS A 90 -3.49 6.05 6.56
C HIS A 90 -4.10 6.74 5.34
N THR A 91 -5.22 7.43 5.56
CA THR A 91 -5.90 8.13 4.49
C THR A 91 -6.16 9.59 4.86
N VAL A 92 -5.45 10.50 4.20
CA VAL A 92 -5.60 11.92 4.45
C VAL A 92 -6.93 12.44 3.92
N ARG A 93 -7.85 12.75 4.83
CA ARG A 93 -9.16 13.25 4.45
C ARG A 93 -9.04 14.43 3.50
N GLY A 94 -9.29 14.19 2.21
CA GLY A 94 -9.20 15.25 1.23
C GLY A 94 -8.00 15.07 0.31
N ALA A 95 -7.54 13.84 0.16
CA ALA A 95 -6.39 13.55 -0.70
C ALA A 95 -6.57 12.22 -1.42
N GLY A 96 -6.38 11.13 -0.69
CA GLY A 96 -6.52 9.81 -1.28
C GLY A 96 -6.17 8.70 -0.30
N TYR A 97 -4.96 8.16 -0.44
CA TYR A 97 -4.50 7.08 0.42
C TYR A 97 -2.98 7.09 0.56
N VAL A 98 -2.48 6.57 1.67
CA VAL A 98 -1.05 6.52 1.92
C VAL A 98 -0.71 5.49 2.98
N LEU A 99 0.52 4.98 2.94
CA LEU A 99 0.97 3.99 3.90
C LEU A 99 1.84 4.62 4.99
N GLU A 100 1.70 4.12 6.21
CA GLU A 100 2.46 4.64 7.34
C GLU A 100 2.20 3.82 8.60
N ILE A 101 2.89 4.18 9.67
CA ILE A 101 2.74 3.48 10.95
C ILE A 101 2.23 4.41 12.04
N ARG A 102 1.96 3.85 13.21
CA ARG A 102 1.47 4.64 14.33
C ARG A 102 2.54 4.79 15.40
N GLU A 103 3.47 3.84 15.45
CA GLU A 103 4.55 3.87 16.43
C GLU A 103 5.38 5.14 16.29
N GLU A 104 5.48 5.65 15.06
CA GLU A 104 6.25 6.87 14.80
C GLU A 104 5.74 8.02 15.67
N MET A 1 23.54 2.92 -2.26
CA MET A 1 22.99 1.89 -1.40
C MET A 1 22.71 2.45 0.00
N ALA A 2 22.32 3.71 0.06
CA ALA A 2 22.02 4.36 1.32
C ALA A 2 20.53 4.67 1.46
N ALA A 3 19.93 5.15 0.37
CA ALA A 3 18.52 5.49 0.36
C ALA A 3 17.77 4.65 -0.67
N THR A 4 17.76 3.33 -0.45
CA THR A 4 17.07 2.41 -1.35
C THR A 4 16.31 1.35 -0.58
N VAL A 5 15.92 1.68 0.66
CA VAL A 5 15.19 0.74 1.50
C VAL A 5 14.63 1.43 2.74
N CYS A 6 13.33 1.34 2.93
CA CYS A 6 12.67 1.96 4.08
C CYS A 6 12.17 0.90 5.05
N THR A 7 12.56 1.04 6.32
CA THR A 7 12.15 0.10 7.35
C THR A 7 10.94 0.61 8.12
N ILE A 8 10.14 -0.31 8.64
CA ILE A 8 8.94 0.05 9.39
C ILE A 8 8.93 -0.64 10.75
N ALA A 9 7.80 -0.53 11.45
CA ALA A 9 7.66 -1.15 12.76
C ALA A 9 8.18 -2.58 12.76
N ASP A 10 7.76 -3.36 11.76
CA ASP A 10 8.18 -4.75 11.65
C ASP A 10 8.11 -5.22 10.20
N MET A 11 8.84 -4.53 9.32
CA MET A 11 8.86 -4.87 7.90
C MET A 11 9.97 -4.11 7.18
N THR A 12 10.21 -4.48 5.92
CA THR A 12 11.24 -3.82 5.12
C THR A 12 10.73 -3.54 3.71
N VAL A 13 10.48 -2.26 3.42
CA VAL A 13 10.00 -1.85 2.11
C VAL A 13 11.16 -1.55 1.16
N ASP A 14 11.01 -1.95 -0.09
CA ASP A 14 12.04 -1.72 -1.10
C ASP A 14 11.55 -0.75 -2.16
N MET A 15 12.21 0.40 -2.26
CA MET A 15 11.84 1.42 -3.24
C MET A 15 12.48 1.12 -4.60
N VAL A 16 13.39 0.16 -4.61
CA VAL A 16 14.08 -0.23 -5.84
C VAL A 16 13.55 -1.56 -6.38
N ARG A 17 13.13 -2.43 -5.47
CA ARG A 17 12.61 -3.74 -5.84
C ARG A 17 11.08 -3.76 -5.73
N ARG A 18 10.53 -2.81 -4.99
CA ARG A 18 9.09 -2.72 -4.80
C ARG A 18 8.56 -3.99 -4.13
N THR A 19 9.10 -4.29 -2.95
CA THR A 19 8.67 -5.47 -2.20
C THR A 19 8.53 -5.16 -0.72
N VAL A 20 8.05 -6.13 0.04
CA VAL A 20 7.85 -5.96 1.47
C VAL A 20 8.26 -7.22 2.23
N ILE A 21 9.29 -7.09 3.07
CA ILE A 21 9.78 -8.22 3.86
C ILE A 21 9.34 -8.10 5.32
N ARG A 22 8.55 -9.07 5.77
CA ARG A 22 8.07 -9.08 7.15
C ARG A 22 8.96 -9.93 8.03
N SER A 23 9.79 -9.26 8.84
CA SER A 23 10.70 -9.96 9.74
C SER A 23 11.52 -11.00 8.99
N GLY A 24 11.85 -10.70 7.74
CA GLY A 24 12.62 -11.61 6.92
C GLY A 24 11.75 -12.55 6.11
N LYS A 25 10.47 -12.22 6.00
CA LYS A 25 9.53 -13.04 5.25
C LYS A 25 8.72 -12.19 4.28
N LYS A 26 9.09 -12.24 3.00
CA LYS A 26 8.39 -11.48 1.98
C LYS A 26 6.94 -11.93 1.85
N ILE A 27 6.02 -10.97 1.90
CA ILE A 27 4.60 -11.27 1.79
C ILE A 27 4.20 -11.46 0.33
N HIS A 28 3.28 -12.40 0.09
CA HIS A 28 2.80 -12.67 -1.26
C HIS A 28 1.39 -12.14 -1.45
N LEU A 29 1.09 -11.70 -2.68
CA LEU A 29 -0.23 -11.17 -2.99
C LEU A 29 -0.57 -11.40 -4.46
N THR A 30 -1.73 -10.89 -4.88
CA THR A 30 -2.16 -11.04 -6.27
C THR A 30 -1.82 -9.79 -7.08
N GLY A 31 -2.23 -9.79 -8.34
CA GLY A 31 -1.96 -8.66 -9.21
C GLY A 31 -2.56 -7.37 -8.69
N LYS A 32 -3.86 -7.40 -8.39
CA LYS A 32 -4.55 -6.23 -7.88
C LYS A 32 -3.90 -5.73 -6.60
N GLU A 33 -3.76 -6.63 -5.63
CA GLU A 33 -3.14 -6.28 -4.34
C GLU A 33 -1.73 -5.74 -4.55
N TYR A 34 -1.00 -6.36 -5.47
CA TYR A 34 0.37 -5.94 -5.76
C TYR A 34 0.41 -4.51 -6.26
N VAL A 35 -0.59 -4.12 -7.03
CA VAL A 35 -0.67 -2.78 -7.58
C VAL A 35 -0.94 -1.76 -6.47
N LEU A 36 -1.82 -2.11 -5.55
CA LEU A 36 -2.17 -1.23 -4.45
C LEU A 36 -0.94 -0.89 -3.60
N LEU A 37 -0.19 -1.92 -3.25
CA LEU A 37 1.01 -1.74 -2.44
C LEU A 37 2.16 -1.19 -3.29
N GLU A 38 2.15 -1.52 -4.58
CA GLU A 38 3.18 -1.06 -5.49
C GLU A 38 3.30 0.46 -5.46
N LEU A 39 2.17 1.14 -5.59
CA LEU A 39 2.15 2.61 -5.57
C LEU A 39 2.25 3.12 -4.14
N LEU A 40 1.54 2.48 -3.23
CA LEU A 40 1.55 2.87 -1.83
C LEU A 40 2.98 2.91 -1.28
N LEU A 41 3.72 1.85 -1.51
CA LEU A 41 5.11 1.76 -1.05
C LEU A 41 6.01 2.65 -1.89
N GLN A 42 5.75 2.71 -3.19
CA GLN A 42 6.55 3.53 -4.10
C GLN A 42 6.46 5.01 -3.71
N ARG A 43 5.28 5.44 -3.29
CA ARG A 43 5.07 6.82 -2.90
C ARG A 43 4.92 6.94 -1.38
N THR A 44 5.46 5.96 -0.66
CA THR A 44 5.38 5.95 0.80
C THR A 44 5.83 7.29 1.38
N GLY A 45 5.05 7.80 2.33
CA GLY A 45 5.39 9.07 2.96
C GLY A 45 4.50 10.21 2.47
N GLU A 46 3.80 9.97 1.37
CA GLU A 46 2.92 10.98 0.80
C GLU A 46 1.62 10.36 0.32
N VAL A 47 0.55 11.15 0.33
CA VAL A 47 -0.77 10.68 -0.10
C VAL A 47 -0.91 10.78 -1.61
N LEU A 48 -1.43 9.73 -2.23
CA LEU A 48 -1.63 9.70 -3.68
C LEU A 48 -3.10 9.56 -4.02
N PRO A 49 -3.46 9.93 -5.26
CA PRO A 49 -4.84 9.86 -5.75
C PRO A 49 -5.30 8.42 -5.94
N ARG A 50 -6.61 8.21 -5.83
CA ARG A 50 -7.19 6.87 -5.98
C ARG A 50 -7.36 6.53 -7.47
N SER A 51 -7.63 7.54 -8.28
CA SER A 51 -7.82 7.36 -9.70
C SER A 51 -6.57 6.75 -10.34
N LEU A 52 -5.41 7.27 -9.96
CA LEU A 52 -4.14 6.79 -10.50
C LEU A 52 -3.96 5.30 -10.22
N ILE A 53 -4.11 4.92 -8.95
CA ILE A 53 -3.96 3.53 -8.55
C ILE A 53 -4.88 2.63 -9.37
N SER A 54 -6.15 3.00 -9.46
CA SER A 54 -7.14 2.24 -10.21
C SER A 54 -6.71 2.09 -11.66
N SER A 55 -5.99 3.08 -12.17
CA SER A 55 -5.52 3.07 -13.55
C SER A 55 -4.40 2.05 -13.74
N LEU A 56 -3.64 1.82 -12.68
CA LEU A 56 -2.54 0.86 -12.72
C LEU A 56 -3.05 -0.58 -12.76
N VAL A 57 -4.35 -0.73 -12.53
CA VAL A 57 -4.97 -2.05 -12.55
C VAL A 57 -6.13 -2.11 -13.54
N TRP A 58 -7.25 -1.50 -13.16
CA TRP A 58 -8.42 -1.48 -14.02
C TRP A 58 -8.34 -0.34 -15.04
N ASN A 59 -8.57 0.88 -14.57
CA ASN A 59 -8.52 2.06 -15.43
C ASN A 59 -8.75 3.34 -14.63
N MET A 60 -8.33 4.46 -15.19
CA MET A 60 -8.50 5.75 -14.52
C MET A 60 -9.95 6.24 -14.62
N ASN A 61 -10.49 6.71 -13.51
CA ASN A 61 -11.86 7.20 -13.47
C ASN A 61 -11.90 8.68 -13.11
N PHE A 62 -13.08 9.28 -13.24
CA PHE A 62 -13.25 10.70 -12.93
C PHE A 62 -13.19 10.94 -11.42
N ASP A 63 -13.67 9.97 -10.66
CA ASP A 63 -13.67 10.07 -9.21
C ASP A 63 -13.10 8.81 -8.56
N SER A 64 -13.90 7.74 -8.58
CA SER A 64 -13.47 6.47 -8.00
C SER A 64 -14.17 5.30 -8.68
N ASP A 65 -13.44 4.20 -8.84
CA ASP A 65 -13.99 3.00 -9.48
C ASP A 65 -14.64 2.09 -8.44
N THR A 66 -15.95 2.28 -8.23
CA THR A 66 -16.69 1.47 -7.27
C THR A 66 -15.88 1.24 -6.00
N ASN A 67 -15.12 2.26 -5.60
CA ASN A 67 -14.30 2.17 -4.40
C ASN A 67 -13.55 0.85 -4.35
N VAL A 68 -13.00 0.44 -5.49
CA VAL A 68 -12.25 -0.80 -5.58
C VAL A 68 -10.91 -0.69 -4.87
N ILE A 69 -10.36 0.52 -4.85
CA ILE A 69 -9.07 0.76 -4.20
C ILE A 69 -9.18 0.60 -2.69
N ASP A 70 -10.25 1.14 -2.12
CA ASP A 70 -10.47 1.04 -0.67
C ASP A 70 -10.85 -0.38 -0.28
N VAL A 71 -11.61 -1.04 -1.13
CA VAL A 71 -12.05 -2.42 -0.88
C VAL A 71 -10.91 -3.40 -1.11
N ALA A 72 -10.00 -3.05 -2.01
CA ALA A 72 -8.86 -3.91 -2.32
C ALA A 72 -7.83 -3.86 -1.22
N VAL A 73 -7.65 -2.70 -0.62
CA VAL A 73 -6.68 -2.52 0.46
C VAL A 73 -7.21 -3.09 1.77
N ARG A 74 -8.52 -2.96 1.98
CA ARG A 74 -9.15 -3.46 3.19
C ARG A 74 -9.28 -4.98 3.15
N ARG A 75 -9.61 -5.51 1.98
CA ARG A 75 -9.77 -6.95 1.81
C ARG A 75 -8.43 -7.66 1.92
N LEU A 76 -7.39 -7.06 1.34
CA LEU A 76 -6.05 -7.64 1.38
C LEU A 76 -5.43 -7.49 2.77
N ARG A 77 -5.78 -6.40 3.45
CA ARG A 77 -5.25 -6.15 4.79
C ARG A 77 -5.74 -7.21 5.76
N SER A 78 -7.03 -7.53 5.70
CA SER A 78 -7.62 -8.52 6.58
C SER A 78 -7.35 -9.93 6.07
N LYS A 79 -6.59 -10.02 4.98
CA LYS A 79 -6.26 -11.31 4.39
C LYS A 79 -5.00 -11.89 5.02
N ILE A 80 -4.06 -11.00 5.36
CA ILE A 80 -2.80 -11.42 5.97
C ILE A 80 -2.35 -10.43 7.03
N ASP A 81 -2.53 -9.14 6.74
CA ASP A 81 -2.14 -8.09 7.68
C ASP A 81 -2.97 -8.17 8.96
N ASP A 82 -4.11 -8.86 8.87
CA ASP A 82 -4.99 -9.00 10.03
C ASP A 82 -4.30 -9.77 11.15
N ASP A 83 -3.40 -10.67 10.78
CA ASP A 83 -2.66 -11.48 11.75
C ASP A 83 -1.17 -11.41 11.49
N PHE A 84 -0.68 -10.24 11.10
CA PHE A 84 0.73 -10.04 10.82
C PHE A 84 1.21 -8.69 11.35
N GLU A 85 0.84 -7.62 10.65
CA GLU A 85 1.24 -6.27 11.05
C GLU A 85 0.01 -5.42 11.38
N PRO A 86 0.23 -4.34 12.14
CA PRO A 86 -0.85 -3.42 12.55
C PRO A 86 -1.39 -2.61 11.37
N LYS A 87 -2.59 -2.10 11.53
CA LYS A 87 -3.23 -1.30 10.48
C LYS A 87 -2.33 -0.16 10.05
N LEU A 88 -1.69 -0.31 8.88
CA LEU A 88 -0.80 0.71 8.35
C LEU A 88 -1.49 1.52 7.26
N ILE A 89 -2.80 1.33 7.12
CA ILE A 89 -3.57 2.05 6.12
C ILE A 89 -4.11 3.36 6.68
N HIS A 90 -3.79 4.46 6.01
CA HIS A 90 -4.24 5.78 6.44
C HIS A 90 -4.74 6.60 5.25
N THR A 91 -5.87 7.26 5.43
CA THR A 91 -6.46 8.08 4.37
C THR A 91 -6.75 9.49 4.86
N VAL A 92 -6.16 10.48 4.19
CA VAL A 92 -6.35 11.88 4.56
C VAL A 92 -7.63 12.43 3.93
N ARG A 93 -8.41 13.15 4.75
CA ARG A 93 -9.66 13.73 4.28
C ARG A 93 -9.39 14.81 3.24
N GLY A 94 -9.45 14.42 1.96
CA GLY A 94 -9.21 15.36 0.89
C GLY A 94 -7.87 15.15 0.21
N ALA A 95 -7.50 13.89 0.03
CA ALA A 95 -6.24 13.54 -0.61
C ALA A 95 -6.36 12.26 -1.44
N GLY A 96 -6.46 11.13 -0.74
CA GLY A 96 -6.59 9.86 -1.42
C GLY A 96 -6.32 8.68 -0.50
N TYR A 97 -5.10 8.15 -0.55
CA TYR A 97 -4.72 7.02 0.28
C TYR A 97 -3.21 6.98 0.51
N VAL A 98 -2.81 6.59 1.71
CA VAL A 98 -1.40 6.51 2.06
C VAL A 98 -1.15 5.46 3.13
N LEU A 99 0.08 4.96 3.19
CA LEU A 99 0.45 3.95 4.17
C LEU A 99 1.40 4.52 5.22
N GLU A 100 1.15 4.20 6.47
CA GLU A 100 1.98 4.68 7.57
C GLU A 100 1.55 4.06 8.90
N ILE A 101 2.52 3.71 9.73
CA ILE A 101 2.23 3.11 11.04
C ILE A 101 1.65 4.15 11.99
N ARG A 102 1.22 3.68 13.16
CA ARG A 102 0.64 4.57 14.17
C ARG A 102 1.72 5.09 15.11
N GLU A 103 2.76 4.28 15.32
CA GLU A 103 3.85 4.66 16.21
C GLU A 103 4.38 6.04 15.85
N GLU A 104 4.28 6.40 14.57
CA GLU A 104 4.76 7.70 14.10
C GLU A 104 4.18 8.82 14.95
N MET A 1 24.14 0.83 -1.71
CA MET A 1 22.79 0.57 -1.22
C MET A 1 22.33 1.68 -0.27
N ALA A 2 22.37 2.92 -0.77
CA ALA A 2 21.96 4.06 0.04
C ALA A 2 20.63 4.62 -0.45
N ALA A 3 19.67 4.74 0.46
CA ALA A 3 18.35 5.26 0.13
C ALA A 3 17.64 4.35 -0.86
N THR A 4 17.82 3.04 -0.69
CA THR A 4 17.20 2.06 -1.57
C THR A 4 16.43 1.02 -0.76
N VAL A 5 15.98 1.41 0.43
CA VAL A 5 15.23 0.52 1.30
C VAL A 5 14.50 1.30 2.39
N CYS A 6 13.18 1.12 2.47
CA CYS A 6 12.38 1.80 3.47
C CYS A 6 11.78 0.80 4.46
N THR A 7 12.22 0.90 5.72
CA THR A 7 11.73 0.01 6.76
C THR A 7 10.45 0.55 7.41
N ILE A 8 9.64 -0.34 7.95
CA ILE A 8 8.39 0.05 8.59
C ILE A 8 8.28 -0.57 9.98
N ALA A 9 7.10 -0.45 10.58
CA ALA A 9 6.86 -0.99 11.91
C ALA A 9 7.43 -2.39 12.04
N ASP A 10 7.11 -3.25 11.08
CA ASP A 10 7.59 -4.62 11.09
C ASP A 10 7.63 -5.20 9.67
N MET A 11 8.38 -4.56 8.80
CA MET A 11 8.50 -5.00 7.41
C MET A 11 9.65 -4.28 6.71
N THR A 12 10.04 -4.81 5.54
CA THR A 12 11.13 -4.23 4.77
C THR A 12 10.72 -4.02 3.32
N VAL A 13 10.41 -2.78 2.96
CA VAL A 13 10.00 -2.44 1.61
C VAL A 13 11.21 -2.04 0.76
N ASP A 14 11.23 -2.47 -0.49
CA ASP A 14 12.31 -2.15 -1.41
C ASP A 14 11.84 -1.22 -2.52
N MET A 15 12.49 -0.07 -2.63
CA MET A 15 12.12 0.90 -3.65
C MET A 15 12.76 0.55 -5.00
N VAL A 16 13.72 -0.37 -4.96
CA VAL A 16 14.40 -0.80 -6.17
C VAL A 16 13.94 -2.19 -6.60
N ARG A 17 13.58 -3.02 -5.63
CA ARG A 17 13.12 -4.37 -5.91
C ARG A 17 11.60 -4.46 -5.85
N ARG A 18 10.97 -3.46 -5.23
CA ARG A 18 9.53 -3.42 -5.10
C ARG A 18 9.00 -4.67 -4.41
N THR A 19 9.54 -4.96 -3.23
CA THR A 19 9.13 -6.14 -2.46
C THR A 19 8.76 -5.75 -1.03
N VAL A 20 8.22 -6.72 -0.29
CA VAL A 20 7.82 -6.49 1.08
C VAL A 20 8.12 -7.70 1.96
N ILE A 21 9.11 -7.57 2.83
CA ILE A 21 9.50 -8.66 3.72
C ILE A 21 9.01 -8.41 5.14
N ARG A 22 8.07 -9.24 5.59
CA ARG A 22 7.52 -9.10 6.94
C ARG A 22 8.31 -9.94 7.93
N SER A 23 9.17 -9.27 8.70
CA SER A 23 9.99 -9.95 9.69
C SER A 23 10.74 -11.13 9.07
N GLY A 24 11.16 -10.96 7.82
CA GLY A 24 11.87 -12.01 7.13
C GLY A 24 10.95 -12.95 6.38
N LYS A 25 9.70 -12.53 6.21
CA LYS A 25 8.71 -13.34 5.51
C LYS A 25 8.02 -12.52 4.41
N LYS A 26 8.47 -12.70 3.18
CA LYS A 26 7.90 -11.99 2.04
C LYS A 26 6.41 -12.28 1.92
N ILE A 27 5.60 -11.23 2.02
CA ILE A 27 4.15 -11.38 1.91
C ILE A 27 3.70 -11.38 0.45
N HIS A 28 2.93 -12.41 0.09
CA HIS A 28 2.43 -12.54 -1.28
C HIS A 28 1.21 -11.67 -1.49
N LEU A 29 1.06 -11.16 -2.72
CA LEU A 29 -0.08 -10.31 -3.06
C LEU A 29 -0.56 -10.59 -4.48
N THR A 30 -1.70 -9.99 -4.84
CA THR A 30 -2.26 -10.17 -6.17
C THR A 30 -1.92 -9.00 -7.08
N GLY A 31 -2.55 -8.95 -8.24
CA GLY A 31 -2.30 -7.88 -9.18
C GLY A 31 -2.76 -6.53 -8.66
N LYS A 32 -4.02 -6.44 -8.27
CA LYS A 32 -4.58 -5.20 -7.74
C LYS A 32 -3.83 -4.75 -6.49
N GLU A 33 -3.45 -5.71 -5.65
CA GLU A 33 -2.72 -5.41 -4.43
C GLU A 33 -1.31 -4.92 -4.73
N TYR A 34 -0.69 -5.53 -5.74
CA TYR A 34 0.66 -5.17 -6.14
C TYR A 34 0.72 -3.74 -6.64
N VAL A 35 -0.30 -3.36 -7.42
CA VAL A 35 -0.37 -2.00 -7.97
C VAL A 35 -0.62 -0.98 -6.87
N LEU A 36 -1.43 -1.36 -5.89
CA LEU A 36 -1.76 -0.47 -4.78
C LEU A 36 -0.60 -0.39 -3.79
N LEU A 37 0.16 -1.47 -3.68
CA LEU A 37 1.29 -1.52 -2.78
C LEU A 37 2.50 -0.82 -3.38
N GLU A 38 2.86 -1.22 -4.60
CA GLU A 38 4.00 -0.63 -5.29
C GLU A 38 3.90 0.89 -5.31
N LEU A 39 2.68 1.39 -5.46
CA LEU A 39 2.44 2.83 -5.50
C LEU A 39 2.45 3.42 -4.09
N LEU A 40 1.84 2.71 -3.15
CA LEU A 40 1.78 3.16 -1.76
C LEU A 40 3.18 3.30 -1.18
N LEU A 41 4.01 2.27 -1.37
CA LEU A 41 5.37 2.28 -0.86
C LEU A 41 6.22 3.30 -1.61
N GLN A 42 6.06 3.34 -2.93
CA GLN A 42 6.82 4.27 -3.76
C GLN A 42 6.62 5.71 -3.28
N ARG A 43 5.36 6.09 -3.07
CA ARG A 43 5.03 7.44 -2.63
C ARG A 43 4.83 7.47 -1.11
N THR A 44 5.43 6.51 -0.42
CA THR A 44 5.32 6.43 1.03
C THR A 44 5.63 7.77 1.69
N GLY A 45 4.91 8.08 2.77
CA GLY A 45 5.12 9.33 3.47
C GLY A 45 4.17 10.42 3.01
N GLU A 46 3.60 10.24 1.82
CA GLU A 46 2.67 11.22 1.27
C GLU A 46 1.44 10.54 0.70
N VAL A 47 0.30 11.21 0.79
CA VAL A 47 -0.96 10.67 0.28
C VAL A 47 -1.10 10.92 -1.22
N LEU A 48 -1.51 9.89 -1.95
CA LEU A 48 -1.68 9.99 -3.40
C LEU A 48 -3.16 9.86 -3.78
N PRO A 49 -3.50 10.34 -4.98
CA PRO A 49 -4.88 10.27 -5.50
C PRO A 49 -5.31 8.85 -5.83
N ARG A 50 -6.62 8.62 -5.85
CA ARG A 50 -7.16 7.30 -6.15
C ARG A 50 -7.30 7.11 -7.66
N SER A 51 -7.76 8.14 -8.35
CA SER A 51 -7.95 8.09 -9.79
C SER A 51 -6.67 7.64 -10.48
N LEU A 52 -5.53 7.98 -9.89
CA LEU A 52 -4.23 7.61 -10.45
C LEU A 52 -3.97 6.11 -10.28
N ILE A 53 -4.09 5.63 -9.05
CA ILE A 53 -3.88 4.21 -8.76
C ILE A 53 -4.76 3.33 -9.63
N SER A 54 -6.05 3.65 -9.65
CA SER A 54 -7.02 2.88 -10.45
C SER A 54 -6.58 2.80 -11.91
N SER A 55 -5.87 3.84 -12.36
CA SER A 55 -5.39 3.89 -13.74
C SER A 55 -4.27 2.88 -13.96
N LEU A 56 -3.52 2.60 -12.90
CA LEU A 56 -2.42 1.65 -12.97
C LEU A 56 -2.92 0.21 -12.94
N VAL A 57 -4.22 0.05 -12.71
CA VAL A 57 -4.83 -1.28 -12.65
C VAL A 57 -5.97 -1.39 -13.65
N TRP A 58 -7.12 -0.79 -13.30
CA TRP A 58 -8.29 -0.84 -14.17
C TRP A 58 -8.29 0.33 -15.14
N ASN A 59 -8.61 1.52 -14.64
CA ASN A 59 -8.65 2.72 -15.47
C ASN A 59 -8.70 3.98 -14.60
N MET A 60 -8.16 5.07 -15.13
CA MET A 60 -8.14 6.34 -14.41
C MET A 60 -9.55 6.82 -14.10
N ASN A 61 -10.53 6.30 -14.86
CA ASN A 61 -11.92 6.68 -14.67
C ASN A 61 -12.33 6.52 -13.20
N PHE A 62 -12.49 7.65 -12.51
CA PHE A 62 -12.88 7.64 -11.11
C PHE A 62 -14.39 7.81 -10.96
N ASP A 63 -15.13 7.41 -12.00
CA ASP A 63 -16.58 7.53 -11.98
C ASP A 63 -17.19 6.65 -10.89
N SER A 64 -17.07 5.33 -11.07
CA SER A 64 -17.61 4.38 -10.10
C SER A 64 -16.94 3.02 -10.25
N ASP A 65 -15.79 2.85 -9.62
CA ASP A 65 -15.05 1.59 -9.68
C ASP A 65 -15.23 0.78 -8.40
N THR A 66 -16.45 0.81 -7.86
CA THR A 66 -16.76 0.08 -6.64
C THR A 66 -15.64 0.22 -5.62
N ASN A 67 -15.00 1.39 -5.61
CA ASN A 67 -13.90 1.65 -4.68
C ASN A 67 -12.96 0.47 -4.60
N VAL A 68 -12.71 -0.17 -5.74
CA VAL A 68 -11.83 -1.32 -5.79
C VAL A 68 -10.49 -1.02 -5.12
N ILE A 69 -10.10 0.24 -5.14
CA ILE A 69 -8.84 0.66 -4.53
C ILE A 69 -8.89 0.52 -3.01
N ASP A 70 -9.87 1.17 -2.40
CA ASP A 70 -10.04 1.12 -0.95
C ASP A 70 -10.34 -0.32 -0.50
N VAL A 71 -11.05 -1.05 -1.33
CA VAL A 71 -11.40 -2.43 -1.01
C VAL A 71 -10.21 -3.37 -1.19
N ALA A 72 -9.34 -3.02 -2.13
CA ALA A 72 -8.15 -3.83 -2.40
C ALA A 72 -7.16 -3.75 -1.24
N VAL A 73 -7.04 -2.57 -0.65
CA VAL A 73 -6.13 -2.36 0.47
C VAL A 73 -6.71 -2.92 1.76
N ARG A 74 -8.02 -2.80 1.91
CA ARG A 74 -8.71 -3.30 3.09
C ARG A 74 -8.82 -4.81 3.07
N ARG A 75 -9.07 -5.36 1.88
CA ARG A 75 -9.19 -6.80 1.72
C ARG A 75 -7.85 -7.50 1.91
N LEU A 76 -6.79 -6.88 1.38
CA LEU A 76 -5.46 -7.45 1.49
C LEU A 76 -4.92 -7.30 2.91
N ARG A 77 -5.28 -6.21 3.57
CA ARG A 77 -4.84 -5.95 4.93
C ARG A 77 -5.38 -7.01 5.89
N SER A 78 -6.69 -7.28 5.79
CA SER A 78 -7.34 -8.26 6.64
C SER A 78 -7.13 -9.67 6.10
N LYS A 79 -6.31 -9.78 5.06
CA LYS A 79 -6.03 -11.08 4.45
C LYS A 79 -4.81 -11.73 5.11
N ILE A 80 -3.89 -10.90 5.60
CA ILE A 80 -2.69 -11.41 6.25
C ILE A 80 -2.22 -10.45 7.34
N ASP A 81 -2.21 -9.16 7.03
CA ASP A 81 -1.79 -8.14 7.99
C ASP A 81 -2.72 -8.11 9.19
N ASP A 82 -3.89 -8.70 9.04
CA ASP A 82 -4.87 -8.74 10.12
C ASP A 82 -4.28 -9.35 11.38
N ASP A 83 -3.40 -10.34 11.20
CA ASP A 83 -2.75 -11.01 12.32
C ASP A 83 -1.24 -11.01 12.15
N PHE A 84 -0.70 -9.91 11.63
CA PHE A 84 0.73 -9.78 11.41
C PHE A 84 1.23 -8.40 11.84
N GLU A 85 0.47 -7.37 11.48
CA GLU A 85 0.83 -6.00 11.81
C GLU A 85 -0.41 -5.19 12.18
N PRO A 86 -0.18 -4.06 12.88
CA PRO A 86 -1.27 -3.18 13.32
C PRO A 86 -1.92 -2.44 12.15
N LYS A 87 -2.80 -1.50 12.47
CA LYS A 87 -3.50 -0.73 11.44
C LYS A 87 -2.58 0.32 10.85
N LEU A 88 -1.93 -0.02 9.73
CA LEU A 88 -1.02 0.89 9.06
C LEU A 88 -1.73 1.61 7.91
N ILE A 89 -3.06 1.59 7.93
CA ILE A 89 -3.85 2.24 6.90
C ILE A 89 -4.33 3.61 7.36
N HIS A 90 -4.04 4.65 6.58
CA HIS A 90 -4.44 6.00 6.92
C HIS A 90 -4.89 6.76 5.67
N THR A 91 -6.01 7.46 5.79
CA THR A 91 -6.55 8.24 4.67
C THR A 91 -6.82 9.68 5.06
N VAL A 92 -6.10 10.60 4.43
CA VAL A 92 -6.26 12.01 4.71
C VAL A 92 -7.56 12.56 4.13
N ARG A 93 -8.47 12.98 5.00
CA ARG A 93 -9.75 13.51 4.56
C ARG A 93 -9.56 14.62 3.54
N GLY A 94 -9.80 14.29 2.26
CA GLY A 94 -9.64 15.26 1.20
C GLY A 94 -8.29 15.17 0.51
N ALA A 95 -7.82 13.95 0.31
CA ALA A 95 -6.53 13.72 -0.33
C ALA A 95 -6.55 12.44 -1.15
N GLY A 96 -6.59 11.30 -0.46
CA GLY A 96 -6.61 10.02 -1.14
C GLY A 96 -6.34 8.86 -0.20
N TYR A 97 -5.16 8.25 -0.34
CA TYR A 97 -4.79 7.11 0.50
C TYR A 97 -3.29 7.11 0.77
N VAL A 98 -2.91 6.71 1.98
CA VAL A 98 -1.50 6.65 2.37
C VAL A 98 -1.27 5.62 3.46
N LEU A 99 -0.02 5.22 3.63
CA LEU A 99 0.33 4.23 4.65
C LEU A 99 1.14 4.89 5.78
N GLU A 100 1.00 4.34 6.98
CA GLU A 100 1.71 4.87 8.14
C GLU A 100 1.95 3.77 9.18
N ILE A 101 2.51 4.16 10.32
CA ILE A 101 2.80 3.21 11.39
C ILE A 101 2.27 3.72 12.72
N ARG A 102 2.43 2.91 13.77
CA ARG A 102 1.97 3.29 15.10
C ARG A 102 3.02 4.14 15.81
N GLU A 103 4.28 3.99 15.41
CA GLU A 103 5.37 4.75 16.01
C GLU A 103 5.15 6.25 15.82
N GLU A 104 4.55 6.61 14.69
CA GLU A 104 4.28 8.02 14.39
C GLU A 104 3.43 8.66 15.48
N MET A 1 22.07 1.80 7.14
CA MET A 1 22.16 2.41 5.82
C MET A 1 20.80 2.50 5.15
N ALA A 2 20.42 3.71 4.76
CA ALA A 2 19.14 3.93 4.10
C ALA A 2 19.32 4.26 2.62
N ALA A 3 19.26 3.23 1.78
CA ALA A 3 19.41 3.41 0.35
C ALA A 3 18.71 2.30 -0.43
N THR A 4 17.89 2.70 -1.40
CA THR A 4 17.15 1.74 -2.22
C THR A 4 16.42 0.74 -1.35
N VAL A 5 15.91 1.20 -0.21
CA VAL A 5 15.19 0.33 0.71
C VAL A 5 14.52 1.14 1.82
N CYS A 6 13.23 0.91 2.02
CA CYS A 6 12.47 1.62 3.04
C CYS A 6 11.93 0.65 4.09
N THR A 7 12.46 0.74 5.31
CA THR A 7 12.02 -0.14 6.39
C THR A 7 10.79 0.42 7.09
N ILE A 8 9.98 -0.46 7.64
CA ILE A 8 8.77 -0.06 8.34
C ILE A 8 8.72 -0.66 9.74
N ALA A 9 7.57 -0.51 10.41
CA ALA A 9 7.39 -1.04 11.75
C ALA A 9 7.92 -2.47 11.85
N ASP A 10 7.54 -3.31 10.91
CA ASP A 10 7.97 -4.69 10.90
C ASP A 10 7.94 -5.26 9.48
N MET A 11 8.70 -4.64 8.59
CA MET A 11 8.77 -5.08 7.20
C MET A 11 9.88 -4.37 6.45
N THR A 12 10.18 -4.84 5.25
CA THR A 12 11.24 -4.26 4.43
C THR A 12 10.77 -4.05 3.00
N VAL A 13 10.43 -2.81 2.66
CA VAL A 13 9.98 -2.48 1.31
C VAL A 13 11.14 -2.05 0.42
N ASP A 14 11.20 -2.63 -0.78
CA ASP A 14 12.26 -2.31 -1.72
C ASP A 14 11.73 -1.41 -2.84
N MET A 15 12.35 -0.25 -3.00
CA MET A 15 11.95 0.69 -4.03
C MET A 15 12.59 0.35 -5.37
N VAL A 16 13.56 -0.56 -5.33
CA VAL A 16 14.27 -0.98 -6.54
C VAL A 16 13.85 -2.38 -6.96
N ARG A 17 13.52 -3.21 -5.97
CA ARG A 17 13.11 -4.59 -6.22
C ARG A 17 11.59 -4.72 -6.13
N ARG A 18 10.95 -3.74 -5.51
CA ARG A 18 9.50 -3.75 -5.35
C ARG A 18 9.05 -5.01 -4.62
N THR A 19 9.59 -5.23 -3.43
CA THR A 19 9.25 -6.39 -2.63
C THR A 19 8.91 -6.00 -1.21
N VAL A 20 8.39 -6.95 -0.43
CA VAL A 20 8.02 -6.70 0.95
C VAL A 20 8.37 -7.89 1.84
N ILE A 21 9.38 -7.71 2.68
CA ILE A 21 9.82 -8.77 3.58
C ILE A 21 9.41 -8.47 5.02
N ARG A 22 8.48 -9.27 5.55
CA ARG A 22 8.00 -9.09 6.91
C ARG A 22 8.83 -9.92 7.89
N SER A 23 9.72 -9.25 8.63
CA SER A 23 10.57 -9.92 9.60
C SER A 23 11.30 -11.09 8.95
N GLY A 24 11.71 -10.92 7.70
CA GLY A 24 12.41 -11.98 6.98
C GLY A 24 11.46 -12.95 6.31
N LYS A 25 10.20 -12.55 6.19
CA LYS A 25 9.19 -13.40 5.55
C LYS A 25 8.42 -12.63 4.49
N LYS A 26 8.73 -12.89 3.22
CA LYS A 26 8.07 -12.21 2.12
C LYS A 26 6.56 -12.47 2.16
N ILE A 27 5.78 -11.40 2.08
CA ILE A 27 4.33 -11.51 2.11
C ILE A 27 3.77 -11.76 0.71
N HIS A 28 2.75 -12.60 0.63
CA HIS A 28 2.12 -12.93 -0.65
C HIS A 28 0.96 -12.00 -0.94
N LEU A 29 0.74 -11.71 -2.21
CA LEU A 29 -0.35 -10.82 -2.62
C LEU A 29 -0.71 -11.05 -4.09
N THR A 30 -1.69 -10.30 -4.58
CA THR A 30 -2.13 -10.41 -5.96
C THR A 30 -1.77 -9.17 -6.75
N GLY A 31 -2.15 -9.15 -8.03
CA GLY A 31 -1.87 -8.01 -8.88
C GLY A 31 -2.41 -6.71 -8.31
N LYS A 32 -3.69 -6.70 -8.00
CA LYS A 32 -4.35 -5.52 -7.44
C LYS A 32 -3.67 -5.09 -6.15
N GLU A 33 -3.54 -6.01 -5.21
CA GLU A 33 -2.91 -5.73 -3.93
C GLU A 33 -1.50 -5.18 -4.13
N TYR A 34 -0.79 -5.72 -5.11
CA TYR A 34 0.57 -5.28 -5.40
C TYR A 34 0.57 -3.89 -6.04
N VAL A 35 -0.49 -3.59 -6.78
CA VAL A 35 -0.62 -2.30 -7.44
C VAL A 35 -0.85 -1.18 -6.43
N LEU A 36 -1.64 -1.48 -5.41
CA LEU A 36 -1.95 -0.50 -4.37
C LEU A 36 -0.77 -0.32 -3.42
N LEU A 37 -0.04 -1.41 -3.19
CA LEU A 37 1.12 -1.36 -2.30
C LEU A 37 2.32 -0.74 -3.00
N GLU A 38 2.62 -1.24 -4.20
CA GLU A 38 3.76 -0.73 -4.97
C GLU A 38 3.68 0.78 -5.11
N LEU A 39 2.46 1.30 -5.22
CA LEU A 39 2.25 2.74 -5.36
C LEU A 39 2.36 3.44 -4.01
N LEU A 40 1.82 2.82 -2.97
CA LEU A 40 1.88 3.38 -1.63
C LEU A 40 3.32 3.53 -1.16
N LEU A 41 4.09 2.46 -1.30
CA LEU A 41 5.50 2.48 -0.89
C LEU A 41 6.31 3.40 -1.78
N GLN A 42 6.10 3.30 -3.10
CA GLN A 42 6.81 4.14 -4.05
C GLN A 42 6.72 5.61 -3.68
N ARG A 43 5.51 6.04 -3.33
CA ARG A 43 5.28 7.43 -2.95
C ARG A 43 5.03 7.56 -1.45
N THR A 44 5.58 6.61 -0.69
CA THR A 44 5.42 6.62 0.76
C THR A 44 5.79 7.97 1.35
N GLY A 45 4.93 8.49 2.22
CA GLY A 45 5.18 9.77 2.84
C GLY A 45 4.20 10.84 2.38
N GLU A 46 3.67 10.66 1.18
CA GLU A 46 2.71 11.62 0.63
C GLU A 46 1.39 10.96 0.31
N VAL A 47 0.33 11.75 0.22
CA VAL A 47 -1.00 11.24 -0.08
C VAL A 47 -1.25 11.20 -1.57
N LEU A 48 -1.67 10.04 -2.07
CA LEU A 48 -1.95 9.87 -3.50
C LEU A 48 -3.44 9.77 -3.75
N PRO A 49 -3.86 10.10 -4.98
CA PRO A 49 -5.27 10.05 -5.38
C PRO A 49 -5.80 8.63 -5.49
N ARG A 50 -7.09 8.49 -5.76
CA ARG A 50 -7.71 7.18 -5.88
C ARG A 50 -7.84 6.79 -7.35
N SER A 51 -8.03 7.78 -8.21
CA SER A 51 -8.17 7.53 -9.63
C SER A 51 -6.88 6.96 -10.23
N LEU A 52 -5.76 7.56 -9.87
CA LEU A 52 -4.46 7.11 -10.37
C LEU A 52 -4.24 5.63 -10.05
N ILE A 53 -4.40 5.28 -8.78
CA ILE A 53 -4.23 3.91 -8.33
C ILE A 53 -5.10 2.95 -9.13
N SER A 54 -6.35 3.35 -9.34
CA SER A 54 -7.31 2.53 -10.09
C SER A 54 -6.84 2.35 -11.53
N SER A 55 -6.13 3.34 -12.05
CA SER A 55 -5.63 3.29 -13.42
C SER A 55 -4.50 2.27 -13.55
N LEU A 56 -3.77 2.06 -12.46
CA LEU A 56 -2.67 1.11 -12.45
C LEU A 56 -3.17 -0.32 -12.47
N VAL A 57 -4.48 -0.48 -12.28
CA VAL A 57 -5.10 -1.80 -12.29
C VAL A 57 -6.23 -1.87 -13.32
N TRP A 58 -7.36 -1.27 -12.99
CA TRP A 58 -8.51 -1.27 -13.88
C TRP A 58 -8.43 -0.10 -14.87
N ASN A 59 -8.71 1.10 -14.37
CA ASN A 59 -8.68 2.30 -15.20
C ASN A 59 -8.86 3.56 -14.36
N MET A 60 -8.65 4.72 -14.98
CA MET A 60 -8.79 5.99 -14.28
C MET A 60 -10.22 6.52 -14.40
N ASN A 61 -11.19 5.65 -14.15
CA ASN A 61 -12.60 6.03 -14.23
C ASN A 61 -12.88 7.26 -13.38
N PHE A 62 -13.68 8.17 -13.91
CA PHE A 62 -14.03 9.39 -13.20
C PHE A 62 -15.36 9.24 -12.47
N ASP A 63 -15.71 8.00 -12.13
CA ASP A 63 -16.96 7.71 -11.43
C ASP A 63 -16.71 6.81 -10.23
N SER A 64 -17.78 6.49 -9.51
CA SER A 64 -17.68 5.64 -8.32
C SER A 64 -17.24 4.23 -8.70
N ASP A 65 -16.00 3.90 -8.39
CA ASP A 65 -15.44 2.58 -8.70
C ASP A 65 -15.63 1.63 -7.52
N THR A 66 -16.82 1.64 -6.94
CA THR A 66 -17.13 0.79 -5.80
C THR A 66 -15.97 0.76 -4.81
N ASN A 67 -15.29 1.90 -4.67
CA ASN A 67 -14.16 2.00 -3.76
C ASN A 67 -13.25 0.79 -3.86
N VAL A 68 -13.05 0.31 -5.09
CA VAL A 68 -12.20 -0.85 -5.32
C VAL A 68 -10.81 -0.65 -4.73
N ILE A 69 -10.39 0.60 -4.65
CA ILE A 69 -9.08 0.94 -4.10
C ILE A 69 -9.05 0.74 -2.58
N ASP A 70 -9.94 1.44 -1.89
CA ASP A 70 -10.03 1.34 -0.44
C ASP A 70 -10.38 -0.08 -0.01
N VAL A 71 -11.20 -0.75 -0.81
CA VAL A 71 -11.61 -2.12 -0.51
C VAL A 71 -10.48 -3.11 -0.78
N ALA A 72 -9.62 -2.76 -1.73
CA ALA A 72 -8.50 -3.61 -2.09
C ALA A 72 -7.43 -3.61 -0.98
N VAL A 73 -7.21 -2.45 -0.38
CA VAL A 73 -6.23 -2.30 0.68
C VAL A 73 -6.76 -2.87 2.00
N ARG A 74 -8.07 -2.73 2.21
CA ARG A 74 -8.70 -3.24 3.42
C ARG A 74 -8.83 -4.76 3.39
N ARG A 75 -9.17 -5.28 2.23
CA ARG A 75 -9.34 -6.72 2.05
C ARG A 75 -7.99 -7.44 2.15
N LEU A 76 -6.96 -6.84 1.55
CA LEU A 76 -5.63 -7.41 1.58
C LEU A 76 -4.99 -7.28 2.96
N ARG A 77 -5.32 -6.20 3.66
CA ARG A 77 -4.79 -5.96 4.99
C ARG A 77 -5.28 -7.03 5.97
N SER A 78 -6.57 -7.33 5.90
CA SER A 78 -7.17 -8.32 6.78
C SER A 78 -6.89 -9.74 6.28
N LYS A 79 -6.17 -9.82 5.16
CA LYS A 79 -5.84 -11.12 4.57
C LYS A 79 -4.60 -11.71 5.24
N ILE A 80 -3.69 -10.85 5.67
CA ILE A 80 -2.47 -11.29 6.33
C ILE A 80 -2.06 -10.32 7.43
N ASP A 81 -2.20 -9.03 7.16
CA ASP A 81 -1.85 -8.00 8.13
C ASP A 81 -2.79 -8.02 9.32
N ASP A 82 -3.92 -8.70 9.16
CA ASP A 82 -4.92 -8.81 10.22
C ASP A 82 -4.27 -9.27 11.52
N ASP A 83 -3.21 -10.06 11.41
CA ASP A 83 -2.50 -10.58 12.57
C ASP A 83 -1.01 -10.70 12.28
N PHE A 84 -0.46 -9.69 11.64
CA PHE A 84 0.96 -9.69 11.30
C PHE A 84 1.57 -8.30 11.48
N GLU A 85 0.95 -7.31 10.84
CA GLU A 85 1.43 -5.93 10.93
C GLU A 85 0.32 -5.00 11.42
N PRO A 86 0.72 -3.82 11.94
CA PRO A 86 -0.22 -2.83 12.45
C PRO A 86 -1.05 -2.18 11.34
N LYS A 87 -1.90 -1.24 11.73
CA LYS A 87 -2.76 -0.55 10.76
C LYS A 87 -1.97 0.52 10.01
N LEU A 88 -1.48 0.16 8.83
CA LEU A 88 -0.71 1.09 8.01
C LEU A 88 -1.62 1.82 7.02
N ILE A 89 -2.92 1.77 7.27
CA ILE A 89 -3.89 2.43 6.40
C ILE A 89 -4.31 3.79 6.98
N HIS A 90 -3.76 4.85 6.41
CA HIS A 90 -4.08 6.20 6.86
C HIS A 90 -4.59 7.06 5.70
N THR A 91 -5.83 7.50 5.79
CA THR A 91 -6.43 8.32 4.76
C THR A 91 -6.75 9.72 5.28
N VAL A 92 -6.30 10.73 4.54
CA VAL A 92 -6.53 12.12 4.93
C VAL A 92 -7.76 12.68 4.23
N ARG A 93 -8.83 12.89 4.99
CA ARG A 93 -10.07 13.43 4.44
C ARG A 93 -9.80 14.72 3.68
N GLY A 94 -9.79 14.63 2.35
CA GLY A 94 -9.55 15.80 1.53
C GLY A 94 -8.27 15.69 0.71
N ALA A 95 -7.78 14.47 0.55
CA ALA A 95 -6.56 14.22 -0.21
C ALA A 95 -6.67 12.95 -1.04
N GLY A 96 -6.58 11.80 -0.37
CA GLY A 96 -6.67 10.53 -1.07
C GLY A 96 -6.40 9.35 -0.15
N TYR A 97 -5.16 8.88 -0.14
CA TYR A 97 -4.79 7.75 0.70
C TYR A 97 -3.26 7.63 0.80
N VAL A 98 -2.79 7.27 1.99
CA VAL A 98 -1.36 7.12 2.22
C VAL A 98 -1.08 6.02 3.25
N LEU A 99 0.11 5.43 3.17
CA LEU A 99 0.50 4.37 4.09
C LEU A 99 1.41 4.91 5.18
N GLU A 100 1.19 4.46 6.41
CA GLU A 100 2.00 4.89 7.54
C GLU A 100 1.68 4.09 8.79
N ILE A 101 2.71 3.58 9.45
CA ILE A 101 2.54 2.79 10.67
C ILE A 101 2.08 3.66 11.82
N ARG A 102 1.75 3.02 12.94
CA ARG A 102 1.30 3.73 14.13
C ARG A 102 2.48 4.07 15.04
N GLU A 103 3.51 3.24 15.01
CA GLU A 103 4.69 3.45 15.83
C GLU A 103 5.23 4.87 15.65
N GLU A 104 5.01 5.43 14.46
CA GLU A 104 5.48 6.77 14.15
C GLU A 104 5.03 7.76 15.22
N MET A 1 26.08 4.81 1.53
CA MET A 1 25.87 6.23 1.26
C MET A 1 24.69 6.43 0.33
N ALA A 2 23.77 5.47 0.33
CA ALA A 2 22.59 5.55 -0.53
C ALA A 2 21.36 5.01 0.19
N ALA A 3 20.18 5.29 -0.37
CA ALA A 3 18.93 4.83 0.22
C ALA A 3 18.14 3.98 -0.77
N THR A 4 18.05 2.69 -0.49
CA THR A 4 17.32 1.76 -1.35
C THR A 4 16.46 0.81 -0.54
N VAL A 5 16.11 1.22 0.67
CA VAL A 5 15.28 0.39 1.55
C VAL A 5 14.70 1.22 2.69
N CYS A 6 13.39 1.16 2.85
CA CYS A 6 12.70 1.91 3.90
C CYS A 6 12.00 0.95 4.87
N THR A 7 12.41 1.00 6.13
CA THR A 7 11.82 0.15 7.16
C THR A 7 10.64 0.83 7.84
N ILE A 8 9.73 0.03 8.38
CA ILE A 8 8.55 0.56 9.07
C ILE A 8 8.38 -0.07 10.44
N ALA A 9 7.23 0.16 11.06
CA ALA A 9 6.94 -0.38 12.37
C ALA A 9 7.36 -1.86 12.46
N ASP A 10 7.00 -2.62 11.43
CA ASP A 10 7.32 -4.04 11.39
C ASP A 10 7.25 -4.57 9.96
N MET A 11 8.04 -3.98 9.07
CA MET A 11 8.07 -4.39 7.68
C MET A 11 9.29 -3.81 6.96
N THR A 12 9.63 -4.39 5.82
CA THR A 12 10.77 -3.93 5.03
C THR A 12 10.37 -3.62 3.60
N VAL A 13 10.21 -2.33 3.30
CA VAL A 13 9.83 -1.90 1.96
C VAL A 13 11.06 -1.66 1.08
N ASP A 14 10.98 -2.13 -0.16
CA ASP A 14 12.08 -1.97 -1.11
C ASP A 14 11.69 -1.06 -2.26
N MET A 15 12.41 0.05 -2.39
CA MET A 15 12.13 1.01 -3.46
C MET A 15 12.81 0.59 -4.75
N VAL A 16 13.70 -0.40 -4.67
CA VAL A 16 14.41 -0.89 -5.83
C VAL A 16 13.86 -2.23 -6.29
N ARG A 17 13.35 -3.01 -5.35
CA ARG A 17 12.79 -4.32 -5.65
C ARG A 17 11.26 -4.27 -5.61
N ARG A 18 10.71 -3.23 -5.00
CA ARG A 18 9.27 -3.07 -4.90
C ARG A 18 8.64 -4.28 -4.20
N THR A 19 9.10 -4.56 -2.99
CA THR A 19 8.59 -5.68 -2.22
C THR A 19 8.32 -5.28 -0.77
N VAL A 20 7.70 -6.18 -0.01
CA VAL A 20 7.38 -5.91 1.38
C VAL A 20 7.60 -7.16 2.24
N ILE A 21 8.54 -7.08 3.17
CA ILE A 21 8.84 -8.20 4.05
C ILE A 21 8.27 -7.97 5.45
N ARG A 22 7.28 -8.76 5.82
CA ARG A 22 6.65 -8.64 7.13
C ARG A 22 7.23 -9.65 8.11
N SER A 23 7.90 -9.15 9.14
CA SER A 23 8.51 -10.02 10.15
C SER A 23 9.46 -11.02 9.50
N GLY A 24 10.06 -10.62 8.39
CA GLY A 24 10.98 -11.49 7.68
C GLY A 24 10.28 -12.41 6.70
N LYS A 25 9.01 -12.13 6.43
CA LYS A 25 8.22 -12.93 5.51
C LYS A 25 7.53 -12.05 4.47
N LYS A 26 7.97 -12.18 3.22
CA LYS A 26 7.40 -11.40 2.13
C LYS A 26 5.91 -11.70 1.97
N ILE A 27 5.08 -10.67 2.13
CA ILE A 27 3.64 -10.83 2.00
C ILE A 27 3.24 -11.04 0.54
N HIS A 28 2.53 -12.13 0.28
CA HIS A 28 2.08 -12.44 -1.08
C HIS A 28 0.82 -11.64 -1.43
N LEU A 29 0.76 -11.17 -2.67
CA LEU A 29 -0.37 -10.39 -3.14
C LEU A 29 -0.71 -10.74 -4.58
N THR A 30 -1.92 -10.37 -5.01
CA THR A 30 -2.37 -10.64 -6.37
C THR A 30 -2.03 -9.49 -7.31
N GLY A 31 -2.59 -9.53 -8.50
CA GLY A 31 -2.33 -8.48 -9.48
C GLY A 31 -2.83 -7.12 -9.03
N LYS A 32 -4.11 -7.06 -8.67
CA LYS A 32 -4.72 -5.82 -8.21
C LYS A 32 -4.04 -5.32 -6.94
N GLU A 33 -3.74 -6.25 -6.04
CA GLU A 33 -3.08 -5.90 -4.77
C GLU A 33 -1.66 -5.43 -5.01
N TYR A 34 -0.98 -6.04 -5.98
CA TYR A 34 0.39 -5.68 -6.30
C TYR A 34 0.47 -4.25 -6.84
N VAL A 35 -0.56 -3.86 -7.59
CA VAL A 35 -0.61 -2.52 -8.16
C VAL A 35 -0.83 -1.46 -7.08
N LEU A 36 -1.80 -1.71 -6.21
CA LEU A 36 -2.11 -0.78 -5.13
C LEU A 36 -0.90 -0.57 -4.23
N LEU A 37 -0.21 -1.65 -3.92
CA LEU A 37 0.98 -1.59 -3.07
C LEU A 37 2.18 -1.05 -3.84
N GLU A 38 2.21 -1.34 -5.14
CA GLU A 38 3.30 -0.89 -6.00
C GLU A 38 3.48 0.62 -5.88
N LEU A 39 2.39 1.36 -6.05
CA LEU A 39 2.44 2.82 -5.97
C LEU A 39 2.50 3.28 -4.52
N LEU A 40 1.75 2.61 -3.66
CA LEU A 40 1.72 2.95 -2.23
C LEU A 40 3.13 2.92 -1.65
N LEU A 41 3.85 1.84 -1.90
CA LEU A 41 5.21 1.69 -1.39
C LEU A 41 6.17 2.60 -2.14
N GLN A 42 5.98 2.72 -3.45
CA GLN A 42 6.83 3.57 -4.28
C GLN A 42 6.80 5.02 -3.80
N ARG A 43 5.59 5.53 -3.57
CA ARG A 43 5.40 6.90 -3.11
C ARG A 43 5.20 6.94 -1.60
N THR A 44 5.70 5.93 -0.91
CA THR A 44 5.57 5.85 0.54
C THR A 44 6.00 7.15 1.21
N GLY A 45 5.21 7.61 2.17
CA GLY A 45 5.52 8.84 2.86
C GLY A 45 4.63 9.99 2.45
N GLU A 46 4.02 9.87 1.27
CA GLU A 46 3.13 10.91 0.76
C GLU A 46 1.81 10.31 0.29
N VAL A 47 0.73 11.09 0.39
CA VAL A 47 -0.59 10.65 -0.02
C VAL A 47 -0.77 10.77 -1.53
N LEU A 48 -1.17 9.68 -2.17
CA LEU A 48 -1.37 9.68 -3.62
C LEU A 48 -2.85 9.52 -3.95
N PRO A 49 -3.23 9.93 -5.17
CA PRO A 49 -4.61 9.84 -5.64
C PRO A 49 -5.05 8.41 -5.89
N ARG A 50 -6.35 8.15 -5.68
CA ARG A 50 -6.90 6.82 -5.86
C ARG A 50 -7.15 6.54 -7.35
N SER A 51 -7.50 7.58 -8.09
CA SER A 51 -7.78 7.45 -9.51
C SER A 51 -6.57 6.89 -10.25
N LEU A 52 -5.39 7.42 -9.93
CA LEU A 52 -4.16 6.97 -10.56
C LEU A 52 -3.96 5.47 -10.37
N ILE A 53 -4.03 5.02 -9.13
CA ILE A 53 -3.86 3.61 -8.81
C ILE A 53 -4.82 2.74 -9.63
N SER A 54 -6.09 3.13 -9.64
CA SER A 54 -7.10 2.39 -10.38
C SER A 54 -6.74 2.32 -11.86
N SER A 55 -6.06 3.34 -12.36
CA SER A 55 -5.65 3.38 -13.75
C SER A 55 -4.54 2.37 -14.03
N LEU A 56 -3.74 2.08 -13.02
CA LEU A 56 -2.64 1.12 -13.15
C LEU A 56 -3.17 -0.30 -13.21
N VAL A 57 -4.46 -0.46 -12.92
CA VAL A 57 -5.08 -1.79 -12.96
C VAL A 57 -6.30 -1.80 -13.89
N TRP A 58 -7.40 -1.22 -13.43
CA TRP A 58 -8.62 -1.17 -14.22
C TRP A 58 -8.58 -0.02 -15.20
N ASN A 59 -8.77 1.21 -14.69
CA ASN A 59 -8.75 2.40 -15.53
C ASN A 59 -8.93 3.66 -14.69
N MET A 60 -8.72 4.81 -15.31
CA MET A 60 -8.85 6.09 -14.62
C MET A 60 -10.25 6.67 -14.81
N ASN A 61 -10.70 7.47 -13.86
CA ASN A 61 -12.02 8.09 -13.92
C ASN A 61 -12.19 9.12 -12.81
N PHE A 62 -12.90 10.20 -13.13
CA PHE A 62 -13.14 11.27 -12.16
C PHE A 62 -13.79 10.71 -10.90
N ASP A 63 -14.51 9.61 -11.05
CA ASP A 63 -15.18 8.97 -9.93
C ASP A 63 -14.37 7.80 -9.39
N SER A 64 -14.91 7.11 -8.39
CA SER A 64 -14.24 5.96 -7.79
C SER A 64 -14.83 4.66 -8.30
N ASP A 65 -13.97 3.76 -8.77
CA ASP A 65 -14.41 2.47 -9.29
C ASP A 65 -14.93 1.58 -8.16
N THR A 66 -16.20 1.76 -7.81
CA THR A 66 -16.82 0.97 -6.74
C THR A 66 -15.87 0.81 -5.56
N ASN A 67 -15.09 1.86 -5.28
CA ASN A 67 -14.14 1.83 -4.19
C ASN A 67 -13.37 0.52 -4.16
N VAL A 68 -12.97 0.05 -5.33
CA VAL A 68 -12.21 -1.19 -5.44
C VAL A 68 -10.83 -1.06 -4.82
N ILE A 69 -10.29 0.15 -4.84
CA ILE A 69 -8.97 0.41 -4.27
C ILE A 69 -8.99 0.23 -2.76
N ASP A 70 -9.84 0.98 -2.08
CA ASP A 70 -9.96 0.91 -0.63
C ASP A 70 -10.28 -0.52 -0.19
N VAL A 71 -11.14 -1.18 -0.94
CA VAL A 71 -11.54 -2.56 -0.62
C VAL A 71 -10.38 -3.53 -0.87
N ALA A 72 -9.56 -3.21 -1.87
CA ALA A 72 -8.42 -4.06 -2.20
C ALA A 72 -7.38 -4.05 -1.08
N VAL A 73 -7.23 -2.91 -0.43
CA VAL A 73 -6.27 -2.76 0.66
C VAL A 73 -6.81 -3.37 1.95
N ARG A 74 -8.11 -3.21 2.17
CA ARG A 74 -8.76 -3.74 3.37
C ARG A 74 -8.94 -5.25 3.26
N ARG A 75 -9.14 -5.73 2.05
CA ARG A 75 -9.33 -7.16 1.82
C ARG A 75 -7.99 -7.89 1.88
N LEU A 76 -6.95 -7.28 1.32
CA LEU A 76 -5.63 -7.87 1.32
C LEU A 76 -4.99 -7.80 2.70
N ARG A 77 -5.19 -6.68 3.38
CA ARG A 77 -4.64 -6.49 4.72
C ARG A 77 -5.34 -7.40 5.73
N SER A 78 -6.63 -7.62 5.52
CA SER A 78 -7.42 -8.46 6.42
C SER A 78 -7.24 -9.93 6.07
N LYS A 79 -6.36 -10.21 5.12
CA LYS A 79 -6.10 -11.58 4.69
C LYS A 79 -4.94 -12.18 5.48
N ILE A 80 -3.86 -11.41 5.60
CA ILE A 80 -2.68 -11.86 6.34
C ILE A 80 -2.32 -10.90 7.46
N ASP A 81 -2.34 -9.61 7.15
CA ASP A 81 -2.02 -8.58 8.14
C ASP A 81 -3.06 -8.57 9.25
N ASP A 82 -4.20 -9.20 9.01
CA ASP A 82 -5.27 -9.25 10.00
C ASP A 82 -4.74 -9.73 11.35
N ASP A 83 -3.85 -10.72 11.31
CA ASP A 83 -3.26 -11.26 12.53
C ASP A 83 -1.76 -11.46 12.37
N PHE A 84 -1.06 -10.40 11.96
CA PHE A 84 0.37 -10.46 11.76
C PHE A 84 1.02 -9.12 12.10
N GLU A 85 0.39 -8.04 11.67
CA GLU A 85 0.90 -6.70 11.92
C GLU A 85 -0.24 -5.70 12.10
N PRO A 86 0.05 -4.59 12.79
CA PRO A 86 -0.93 -3.54 13.06
C PRO A 86 -1.31 -2.77 11.79
N LYS A 87 -2.57 -2.33 11.73
CA LYS A 87 -3.07 -1.59 10.57
C LYS A 87 -2.17 -0.39 10.28
N LEU A 88 -1.43 -0.45 9.19
CA LEU A 88 -0.54 0.63 8.80
C LEU A 88 -1.17 1.49 7.71
N ILE A 89 -2.44 1.22 7.40
CA ILE A 89 -3.16 1.96 6.38
C ILE A 89 -3.66 3.30 6.92
N HIS A 90 -3.44 4.37 6.17
CA HIS A 90 -3.88 5.69 6.58
C HIS A 90 -4.39 6.48 5.39
N THR A 91 -5.56 7.11 5.55
CA THR A 91 -6.16 7.90 4.48
C THR A 91 -6.51 9.30 4.97
N VAL A 92 -5.88 10.30 4.36
CA VAL A 92 -6.12 11.70 4.73
C VAL A 92 -7.39 12.23 4.07
N ARG A 93 -8.30 12.74 4.88
CA ARG A 93 -9.56 13.28 4.38
C ARG A 93 -9.30 14.44 3.42
N GLY A 94 -9.34 14.15 2.12
CA GLY A 94 -9.12 15.18 1.13
C GLY A 94 -7.77 15.03 0.42
N ALA A 95 -7.36 13.78 0.23
CA ALA A 95 -6.09 13.50 -0.43
C ALA A 95 -6.17 12.22 -1.26
N GLY A 96 -6.17 11.08 -0.58
CA GLY A 96 -6.26 9.81 -1.28
C GLY A 96 -5.98 8.63 -0.37
N TYR A 97 -4.76 8.10 -0.44
CA TYR A 97 -4.37 6.96 0.39
C TYR A 97 -2.87 6.92 0.60
N VAL A 98 -2.47 6.49 1.80
CA VAL A 98 -1.04 6.41 2.14
C VAL A 98 -0.80 5.39 3.23
N LEU A 99 0.44 4.94 3.36
CA LEU A 99 0.81 3.96 4.37
C LEU A 99 1.75 4.58 5.40
N GLU A 100 1.41 4.42 6.68
CA GLU A 100 2.22 4.96 7.76
C GLU A 100 2.12 4.07 9.00
N ILE A 101 2.65 4.56 10.11
CA ILE A 101 2.63 3.82 11.36
C ILE A 101 1.98 4.63 12.48
N ARG A 102 1.82 4.01 13.64
CA ARG A 102 1.22 4.68 14.80
C ARG A 102 2.25 5.55 15.52
N GLU A 103 3.52 5.16 15.43
CA GLU A 103 4.59 5.89 16.07
C GLU A 103 4.65 7.33 15.55
N GLU A 104 4.25 7.52 14.30
CA GLU A 104 4.26 8.84 13.69
C GLU A 104 3.50 9.85 14.55
N MET A 1 24.96 6.83 0.01
CA MET A 1 23.57 7.04 0.41
C MET A 1 22.93 5.73 0.87
N ALA A 2 23.02 4.71 0.03
CA ALA A 2 22.44 3.41 0.34
C ALA A 2 20.97 3.52 0.68
N ALA A 3 20.22 4.17 -0.20
CA ALA A 3 18.78 4.35 -0.01
C ALA A 3 17.98 3.51 -1.00
N THR A 4 17.89 2.21 -0.72
CA THR A 4 17.14 1.31 -1.59
C THR A 4 16.34 0.30 -0.78
N VAL A 5 15.97 0.68 0.44
CA VAL A 5 15.20 -0.18 1.31
C VAL A 5 14.66 0.59 2.52
N CYS A 6 13.34 0.55 2.70
CA CYS A 6 12.70 1.24 3.80
C CYS A 6 12.10 0.25 4.80
N THR A 7 12.59 0.27 6.03
CA THR A 7 12.10 -0.63 7.06
C THR A 7 10.93 -0.01 7.82
N ILE A 8 10.08 -0.87 8.37
CA ILE A 8 8.92 -0.40 9.11
C ILE A 8 8.85 -1.06 10.49
N ALA A 9 7.74 -0.86 11.19
CA ALA A 9 7.55 -1.43 12.51
C ALA A 9 7.97 -2.90 12.55
N ASP A 10 7.49 -3.67 11.57
CA ASP A 10 7.81 -5.08 11.48
C ASP A 10 7.70 -5.58 10.04
N MET A 11 8.47 -4.96 9.14
CA MET A 11 8.46 -5.35 7.74
C MET A 11 9.61 -4.69 6.99
N THR A 12 9.81 -5.10 5.74
CA THR A 12 10.88 -4.55 4.91
C THR A 12 10.39 -4.26 3.51
N VAL A 13 10.20 -2.98 3.21
CA VAL A 13 9.73 -2.55 1.90
C VAL A 13 10.89 -2.23 0.98
N ASP A 14 10.83 -2.72 -0.26
CA ASP A 14 11.88 -2.48 -1.24
C ASP A 14 11.42 -1.49 -2.30
N MET A 15 12.14 -0.38 -2.42
CA MET A 15 11.82 0.65 -3.39
C MET A 15 12.39 0.31 -4.75
N VAL A 16 13.30 -0.66 -4.79
CA VAL A 16 13.93 -1.08 -6.03
C VAL A 16 13.36 -2.41 -6.51
N ARG A 17 12.92 -3.24 -5.58
CA ARG A 17 12.36 -4.53 -5.90
C ARG A 17 10.83 -4.52 -5.78
N ARG A 18 10.32 -3.51 -5.08
CA ARG A 18 8.88 -3.37 -4.90
C ARG A 18 8.30 -4.61 -4.22
N THR A 19 8.82 -4.93 -3.04
CA THR A 19 8.37 -6.08 -2.28
C THR A 19 8.19 -5.74 -0.80
N VAL A 20 7.65 -6.69 -0.04
CA VAL A 20 7.43 -6.49 1.39
C VAL A 20 7.73 -7.76 2.17
N ILE A 21 8.76 -7.70 3.00
CA ILE A 21 9.16 -8.84 3.81
C ILE A 21 8.74 -8.66 5.27
N ARG A 22 7.82 -9.50 5.74
CA ARG A 22 7.34 -9.42 7.11
C ARG A 22 8.15 -10.35 8.02
N SER A 23 9.05 -9.76 8.82
CA SER A 23 9.88 -10.53 9.72
C SER A 23 10.59 -11.66 8.99
N GLY A 24 11.01 -11.38 7.76
CA GLY A 24 11.70 -12.39 6.96
C GLY A 24 10.74 -13.26 6.18
N LYS A 25 9.48 -12.84 6.10
CA LYS A 25 8.46 -13.59 5.38
C LYS A 25 7.72 -12.69 4.40
N LYS A 26 8.03 -12.82 3.11
CA LYS A 26 7.39 -12.02 2.09
C LYS A 26 5.88 -12.28 2.06
N ILE A 27 5.11 -11.20 2.09
CA ILE A 27 3.65 -11.31 2.07
C ILE A 27 3.14 -11.62 0.67
N HIS A 28 2.08 -12.42 0.60
CA HIS A 28 1.49 -12.80 -0.69
C HIS A 28 0.37 -11.85 -1.08
N LEU A 29 0.22 -11.62 -2.37
CA LEU A 29 -0.82 -10.72 -2.88
C LEU A 29 -1.08 -10.97 -4.36
N THR A 30 -2.01 -10.20 -4.93
CA THR A 30 -2.36 -10.34 -6.33
C THR A 30 -1.87 -9.14 -7.15
N GLY A 31 -2.04 -9.21 -8.46
CA GLY A 31 -1.62 -8.13 -9.32
C GLY A 31 -2.19 -6.79 -8.88
N LYS A 32 -3.49 -6.72 -8.72
CA LYS A 32 -4.16 -5.50 -8.29
C LYS A 32 -3.58 -4.99 -6.98
N GLU A 33 -3.58 -5.87 -5.97
CA GLU A 33 -3.06 -5.52 -4.66
C GLU A 33 -1.62 -5.00 -4.76
N TYR A 34 -0.81 -5.69 -5.56
CA TYR A 34 0.58 -5.30 -5.74
C TYR A 34 0.69 -3.90 -6.33
N VAL A 35 -0.29 -3.54 -7.16
CA VAL A 35 -0.30 -2.22 -7.78
C VAL A 35 -0.63 -1.13 -6.77
N LEU A 36 -1.45 -1.47 -5.78
CA LEU A 36 -1.84 -0.53 -4.74
C LEU A 36 -0.70 -0.31 -3.74
N LEU A 37 -0.03 -1.40 -3.39
CA LEU A 37 1.08 -1.32 -2.44
C LEU A 37 2.31 -0.71 -3.09
N GLU A 38 2.68 -1.21 -4.26
CA GLU A 38 3.83 -0.70 -4.98
C GLU A 38 3.76 0.81 -5.12
N LEU A 39 2.55 1.34 -5.27
CA LEU A 39 2.35 2.77 -5.42
C LEU A 39 2.42 3.47 -4.06
N LEU A 40 1.87 2.83 -3.04
CA LEU A 40 1.86 3.39 -1.70
C LEU A 40 3.29 3.51 -1.16
N LEU A 41 4.05 2.43 -1.27
CA LEU A 41 5.44 2.42 -0.80
C LEU A 41 6.31 3.34 -1.65
N GLN A 42 6.13 3.27 -2.96
CA GLN A 42 6.90 4.10 -3.88
C GLN A 42 6.81 5.57 -3.49
N ARG A 43 5.59 6.03 -3.24
CA ARG A 43 5.36 7.43 -2.86
C ARG A 43 5.09 7.55 -1.36
N THR A 44 5.61 6.59 -0.59
CA THR A 44 5.41 6.58 0.85
C THR A 44 5.77 7.94 1.46
N GLY A 45 4.87 8.45 2.31
CA GLY A 45 5.09 9.73 2.94
C GLY A 45 4.11 10.79 2.47
N GLU A 46 3.59 10.61 1.26
CA GLU A 46 2.64 11.56 0.70
C GLU A 46 1.34 10.86 0.30
N VAL A 47 0.23 11.58 0.40
CA VAL A 47 -1.07 11.03 0.04
C VAL A 47 -1.30 11.07 -1.47
N LEU A 48 -1.58 9.91 -2.06
CA LEU A 48 -1.82 9.81 -3.49
C LEU A 48 -3.30 9.62 -3.78
N PRO A 49 -3.72 9.99 -5.00
CA PRO A 49 -5.12 9.87 -5.44
C PRO A 49 -5.53 8.41 -5.63
N ARG A 50 -6.78 8.21 -6.02
CA ARG A 50 -7.31 6.86 -6.25
C ARG A 50 -7.39 6.56 -7.74
N SER A 51 -7.67 7.58 -8.53
CA SER A 51 -7.79 7.42 -9.98
C SER A 51 -6.46 6.98 -10.58
N LEU A 52 -5.37 7.55 -10.07
CA LEU A 52 -4.03 7.22 -10.56
C LEU A 52 -3.75 5.73 -10.38
N ILE A 53 -3.92 5.24 -9.16
CA ILE A 53 -3.68 3.84 -8.87
C ILE A 53 -4.52 2.93 -9.77
N SER A 54 -5.79 3.27 -9.92
CA SER A 54 -6.69 2.49 -10.76
C SER A 54 -6.18 2.40 -12.19
N SER A 55 -5.46 3.44 -12.61
CA SER A 55 -4.90 3.48 -13.97
C SER A 55 -3.74 2.51 -14.11
N LEU A 56 -3.04 2.27 -13.00
CA LEU A 56 -1.90 1.36 -13.00
C LEU A 56 -2.35 -0.09 -13.12
N VAL A 57 -3.65 -0.31 -12.98
CA VAL A 57 -4.22 -1.64 -13.08
C VAL A 57 -5.32 -1.70 -14.14
N TRP A 58 -6.49 -1.16 -13.81
CA TRP A 58 -7.61 -1.15 -14.74
C TRP A 58 -7.49 0.01 -15.72
N ASN A 59 -7.78 1.22 -15.25
CA ASN A 59 -7.71 2.40 -16.08
C ASN A 59 -8.07 3.66 -15.29
N MET A 60 -7.94 4.81 -15.92
CA MET A 60 -8.26 6.08 -15.28
C MET A 60 -9.69 6.50 -15.57
N ASN A 61 -10.36 7.06 -14.56
CA ASN A 61 -11.75 7.50 -14.71
C ASN A 61 -12.18 8.34 -13.52
N PHE A 62 -13.10 9.27 -13.76
CA PHE A 62 -13.61 10.14 -12.70
C PHE A 62 -14.90 9.59 -12.11
N ASP A 63 -15.06 8.27 -12.19
CA ASP A 63 -16.26 7.61 -11.67
C ASP A 63 -15.89 6.66 -10.53
N SER A 64 -16.60 6.79 -9.41
CA SER A 64 -16.35 5.94 -8.25
C SER A 64 -16.52 4.47 -8.61
N ASP A 65 -15.41 3.78 -8.81
CA ASP A 65 -15.43 2.36 -9.15
C ASP A 65 -15.56 1.50 -7.90
N THR A 66 -16.71 1.58 -7.24
CA THR A 66 -16.96 0.81 -6.03
C THR A 66 -15.73 0.82 -5.11
N ASN A 67 -14.99 1.93 -5.14
CA ASN A 67 -13.80 2.06 -4.31
C ASN A 67 -12.95 0.80 -4.38
N VAL A 68 -12.80 0.25 -5.59
CA VAL A 68 -12.01 -0.95 -5.79
C VAL A 68 -10.62 -0.81 -5.16
N ILE A 69 -10.12 0.42 -5.13
CA ILE A 69 -8.81 0.68 -4.55
C ILE A 69 -8.85 0.58 -3.03
N ASP A 70 -9.70 1.37 -2.41
CA ASP A 70 -9.83 1.36 -0.95
C ASP A 70 -10.21 -0.02 -0.45
N VAL A 71 -11.02 -0.73 -1.23
CA VAL A 71 -11.46 -2.08 -0.86
C VAL A 71 -10.32 -3.08 -1.02
N ALA A 72 -9.46 -2.84 -2.00
CA ALA A 72 -8.33 -3.72 -2.26
C ALA A 72 -7.32 -3.68 -1.11
N VAL A 73 -7.15 -2.49 -0.52
CA VAL A 73 -6.22 -2.32 0.59
C VAL A 73 -6.80 -2.87 1.88
N ARG A 74 -8.10 -2.67 2.06
CA ARG A 74 -8.79 -3.14 3.26
C ARG A 74 -8.98 -4.65 3.23
N ARG A 75 -9.30 -5.17 2.04
CA ARG A 75 -9.51 -6.60 1.88
C ARG A 75 -8.20 -7.37 2.04
N LEU A 76 -7.13 -6.82 1.50
CA LEU A 76 -5.81 -7.45 1.58
C LEU A 76 -5.24 -7.32 2.99
N ARG A 77 -5.53 -6.20 3.65
CA ARG A 77 -5.06 -5.95 5.01
C ARG A 77 -5.62 -6.98 5.98
N SER A 78 -6.92 -7.24 5.88
CA SER A 78 -7.59 -8.18 6.75
C SER A 78 -7.36 -9.61 6.26
N LYS A 79 -6.63 -9.75 5.17
CA LYS A 79 -6.34 -11.06 4.60
C LYS A 79 -5.10 -11.68 5.26
N ILE A 80 -4.19 -10.82 5.71
CA ILE A 80 -2.97 -11.28 6.36
C ILE A 80 -2.57 -10.36 7.50
N ASP A 81 -2.66 -9.06 7.26
CA ASP A 81 -2.31 -8.06 8.27
C ASP A 81 -3.29 -8.10 9.43
N ASP A 82 -4.44 -8.73 9.21
CA ASP A 82 -5.47 -8.84 10.24
C ASP A 82 -4.88 -9.37 11.55
N ASP A 83 -3.84 -10.19 11.42
CA ASP A 83 -3.18 -10.76 12.59
C ASP A 83 -1.68 -10.93 12.35
N PHE A 84 -1.06 -9.89 11.81
CA PHE A 84 0.37 -9.91 11.52
C PHE A 84 1.02 -8.58 11.87
N GLU A 85 0.34 -7.48 11.52
CA GLU A 85 0.86 -6.15 11.79
C GLU A 85 -0.26 -5.22 12.24
N PRO A 86 0.11 -4.11 12.89
CA PRO A 86 -0.85 -3.11 13.39
C PRO A 86 -1.52 -2.34 12.25
N LYS A 87 -2.31 -1.34 12.62
CA LYS A 87 -3.01 -0.52 11.63
C LYS A 87 -2.05 0.47 10.99
N LEU A 88 -1.53 0.11 9.82
CA LEU A 88 -0.60 0.98 9.09
C LEU A 88 -1.32 1.74 7.99
N ILE A 89 -2.63 1.53 7.89
CA ILE A 89 -3.44 2.20 6.88
C ILE A 89 -3.94 3.55 7.37
N HIS A 90 -3.76 4.58 6.54
CA HIS A 90 -4.19 5.92 6.88
C HIS A 90 -4.74 6.66 5.66
N THR A 91 -6.00 7.08 5.73
CA THR A 91 -6.64 7.78 4.63
C THR A 91 -7.21 9.12 5.09
N VAL A 92 -6.57 10.20 4.64
CA VAL A 92 -7.02 11.54 5.01
C VAL A 92 -8.39 11.85 4.42
N ARG A 93 -9.23 12.52 5.20
CA ARG A 93 -10.57 12.86 4.75
C ARG A 93 -10.53 14.03 3.77
N GLY A 94 -10.06 13.76 2.56
CA GLY A 94 -9.97 14.80 1.54
C GLY A 94 -8.62 14.81 0.84
N ALA A 95 -8.05 13.63 0.63
CA ALA A 95 -6.76 13.51 -0.03
C ALA A 95 -6.73 12.30 -0.96
N GLY A 96 -6.70 11.11 -0.37
CA GLY A 96 -6.67 9.90 -1.16
C GLY A 96 -6.36 8.67 -0.32
N TYR A 97 -5.10 8.24 -0.34
CA TYR A 97 -4.67 7.07 0.42
C TYR A 97 -3.17 7.11 0.67
N VAL A 98 -2.78 6.74 1.88
CA VAL A 98 -1.37 6.72 2.25
C VAL A 98 -1.10 5.74 3.39
N LEU A 99 0.15 5.36 3.56
CA LEU A 99 0.53 4.42 4.62
C LEU A 99 1.40 5.12 5.66
N GLU A 100 1.32 4.65 6.91
CA GLU A 100 2.10 5.21 7.99
C GLU A 100 2.10 4.29 9.21
N ILE A 101 3.04 4.51 10.12
CA ILE A 101 3.16 3.71 11.32
C ILE A 101 3.33 4.57 12.56
N ARG A 102 3.29 3.95 13.73
CA ARG A 102 3.45 4.67 14.99
C ARG A 102 4.89 4.58 15.48
N GLU A 103 5.58 3.52 15.09
CA GLU A 103 6.97 3.32 15.50
C GLU A 103 7.81 4.56 15.21
N GLU A 104 7.43 5.29 14.18
CA GLU A 104 8.14 6.51 13.79
C GLU A 104 8.31 7.44 14.98
N MET A 1 20.24 2.33 6.67
CA MET A 1 20.96 2.99 5.59
C MET A 1 20.03 3.91 4.80
N ALA A 2 18.74 3.56 4.79
CA ALA A 2 17.74 4.35 4.07
C ALA A 2 18.10 4.48 2.59
N ALA A 3 18.59 3.39 2.01
CA ALA A 3 18.96 3.38 0.59
C ALA A 3 18.08 2.41 -0.19
N THR A 4 17.15 2.97 -0.96
CA THR A 4 16.25 2.16 -1.77
C THR A 4 15.59 1.07 -0.94
N VAL A 5 15.40 1.36 0.35
CA VAL A 5 14.78 0.40 1.26
C VAL A 5 14.03 1.11 2.38
N CYS A 6 12.71 1.08 2.32
CA CYS A 6 11.88 1.73 3.33
C CYS A 6 11.52 0.76 4.45
N THR A 7 12.04 1.01 5.64
CA THR A 7 11.78 0.16 6.80
C THR A 7 10.58 0.66 7.59
N ILE A 8 9.84 -0.28 8.17
CA ILE A 8 8.66 0.07 8.96
C ILE A 8 8.73 -0.55 10.35
N ALA A 9 7.62 -0.48 11.08
CA ALA A 9 7.56 -1.04 12.43
C ALA A 9 8.18 -2.44 12.47
N ASP A 10 7.78 -3.29 11.53
CA ASP A 10 8.30 -4.65 11.47
C ASP A 10 8.20 -5.20 10.04
N MET A 11 8.84 -4.51 9.11
CA MET A 11 8.84 -4.92 7.71
C MET A 11 9.89 -4.17 6.91
N THR A 12 10.20 -4.67 5.72
CA THR A 12 11.19 -4.05 4.85
C THR A 12 10.68 -3.95 3.42
N VAL A 13 10.25 -2.75 3.02
CA VAL A 13 9.75 -2.52 1.68
C VAL A 13 10.86 -2.06 0.75
N ASP A 14 10.78 -2.46 -0.51
CA ASP A 14 11.78 -2.09 -1.51
C ASP A 14 11.16 -1.21 -2.60
N MET A 15 11.70 -0.01 -2.76
CA MET A 15 11.20 0.92 -3.77
C MET A 15 11.79 0.62 -5.13
N VAL A 16 12.81 -0.24 -5.15
CA VAL A 16 13.47 -0.62 -6.40
C VAL A 16 13.06 -2.02 -6.83
N ARG A 17 12.77 -2.87 -5.86
CA ARG A 17 12.37 -4.25 -6.14
C ARG A 17 10.86 -4.41 -5.99
N ARG A 18 10.24 -3.48 -5.28
CA ARG A 18 8.79 -3.51 -5.06
C ARG A 18 8.39 -4.78 -4.32
N THR A 19 9.02 -5.01 -3.16
CA THR A 19 8.73 -6.18 -2.35
C THR A 19 8.49 -5.80 -0.90
N VAL A 20 8.09 -6.79 -0.09
CA VAL A 20 7.82 -6.55 1.33
C VAL A 20 8.26 -7.74 2.17
N ILE A 21 9.27 -7.53 3.01
CA ILE A 21 9.78 -8.58 3.88
C ILE A 21 9.36 -8.35 5.32
N ARG A 22 8.60 -9.30 5.86
CA ARG A 22 8.13 -9.21 7.23
C ARG A 22 9.02 -10.01 8.17
N SER A 23 9.87 -9.31 8.93
CA SER A 23 10.78 -9.96 9.85
C SER A 23 11.58 -11.05 9.15
N GLY A 24 11.84 -10.86 7.87
CA GLY A 24 12.59 -11.83 7.10
C GLY A 24 11.69 -12.82 6.37
N LYS A 25 10.42 -12.47 6.24
CA LYS A 25 9.46 -13.33 5.56
C LYS A 25 8.66 -12.53 4.54
N LYS A 26 8.96 -12.75 3.26
CA LYS A 26 8.27 -12.06 2.18
C LYS A 26 6.79 -12.43 2.17
N ILE A 27 5.93 -11.43 2.04
CA ILE A 27 4.49 -11.63 2.01
C ILE A 27 4.01 -11.93 0.59
N HIS A 28 3.02 -12.80 0.47
CA HIS A 28 2.47 -13.16 -0.84
C HIS A 28 1.24 -12.31 -1.16
N LEU A 29 1.05 -12.03 -2.45
CA LEU A 29 -0.09 -11.23 -2.89
C LEU A 29 -0.36 -11.44 -4.37
N THR A 30 -1.36 -10.74 -4.90
CA THR A 30 -1.72 -10.86 -6.30
C THR A 30 -1.35 -9.60 -7.07
N GLY A 31 -1.71 -9.56 -8.34
CA GLY A 31 -1.41 -8.41 -9.17
C GLY A 31 -2.05 -7.13 -8.65
N LYS A 32 -3.36 -7.19 -8.45
CA LYS A 32 -4.11 -6.03 -7.95
C LYS A 32 -3.52 -5.54 -6.63
N GLU A 33 -3.41 -6.45 -5.67
CA GLU A 33 -2.87 -6.11 -4.36
C GLU A 33 -1.45 -5.55 -4.47
N TYR A 34 -0.72 -6.04 -5.47
CA TYR A 34 0.66 -5.60 -5.69
C TYR A 34 0.69 -4.19 -6.26
N VAL A 35 -0.30 -3.86 -7.08
CA VAL A 35 -0.39 -2.54 -7.69
C VAL A 35 -0.74 -1.48 -6.65
N LEU A 36 -1.54 -1.87 -5.66
CA LEU A 36 -1.95 -0.97 -4.60
C LEU A 36 -0.83 -0.74 -3.61
N LEU A 37 -0.06 -1.80 -3.32
CA LEU A 37 1.05 -1.71 -2.39
C LEU A 37 2.26 -1.06 -3.04
N GLU A 38 2.62 -1.55 -4.22
CA GLU A 38 3.76 -1.01 -4.96
C GLU A 38 3.67 0.50 -5.08
N LEU A 39 2.45 1.00 -5.25
CA LEU A 39 2.22 2.43 -5.38
C LEU A 39 2.25 3.12 -4.03
N LEU A 40 1.64 2.49 -3.03
CA LEU A 40 1.60 3.04 -1.69
C LEU A 40 3.00 3.20 -1.12
N LEU A 41 3.80 2.14 -1.22
CA LEU A 41 5.17 2.16 -0.72
C LEU A 41 6.03 3.11 -1.56
N GLN A 42 5.88 3.05 -2.87
CA GLN A 42 6.64 3.90 -3.78
C GLN A 42 6.41 5.37 -3.47
N ARG A 43 5.13 5.74 -3.32
CA ARG A 43 4.77 7.12 -3.03
C ARG A 43 4.59 7.33 -1.53
N THR A 44 5.22 6.46 -0.74
CA THR A 44 5.12 6.55 0.71
C THR A 44 5.46 7.96 1.20
N GLY A 45 4.76 8.39 2.24
CA GLY A 45 5.00 9.72 2.80
C GLY A 45 4.04 10.76 2.24
N GLU A 46 3.48 10.47 1.07
CA GLU A 46 2.55 11.39 0.42
C GLU A 46 1.28 10.67 0.00
N VAL A 47 0.15 11.36 0.06
CA VAL A 47 -1.13 10.79 -0.32
C VAL A 47 -1.32 10.81 -1.83
N LEU A 48 -1.80 9.71 -2.38
CA LEU A 48 -2.04 9.61 -3.82
C LEU A 48 -3.51 9.45 -4.12
N PRO A 49 -3.92 9.83 -5.35
CA PRO A 49 -5.31 9.74 -5.79
C PRO A 49 -5.76 8.29 -5.99
N ARG A 50 -7.02 8.13 -6.38
CA ARG A 50 -7.57 6.79 -6.59
C ARG A 50 -7.75 6.52 -8.09
N SER A 51 -8.08 7.56 -8.84
CA SER A 51 -8.28 7.43 -10.28
C SER A 51 -6.98 7.03 -10.98
N LEU A 52 -5.86 7.42 -10.38
CA LEU A 52 -4.54 7.09 -10.94
C LEU A 52 -4.19 5.63 -10.69
N ILE A 53 -4.27 5.21 -9.43
CA ILE A 53 -3.96 3.83 -9.06
C ILE A 53 -4.84 2.85 -9.81
N SER A 54 -6.15 3.15 -9.87
CA SER A 54 -7.09 2.29 -10.56
C SER A 54 -6.66 2.04 -11.99
N SER A 55 -5.96 3.01 -12.57
CA SER A 55 -5.48 2.90 -13.95
C SER A 55 -4.30 1.94 -14.04
N LEU A 56 -3.53 1.86 -12.95
CA LEU A 56 -2.37 0.99 -12.91
C LEU A 56 -2.79 -0.48 -12.91
N VAL A 57 -4.08 -0.73 -12.70
CA VAL A 57 -4.61 -2.08 -12.68
C VAL A 57 -5.72 -2.26 -13.71
N TRP A 58 -6.89 -1.72 -13.41
CA TRP A 58 -8.03 -1.82 -14.31
C TRP A 58 -8.04 -0.66 -15.30
N ASN A 59 -8.43 0.52 -14.83
CA ASN A 59 -8.48 1.70 -15.67
C ASN A 59 -8.82 2.94 -14.84
N MET A 60 -8.89 4.09 -15.52
CA MET A 60 -9.22 5.35 -14.85
C MET A 60 -10.62 5.81 -15.22
N ASN A 61 -11.52 5.79 -14.24
CA ASN A 61 -12.91 6.21 -14.47
C ASN A 61 -13.04 7.72 -14.32
N PHE A 62 -14.18 8.25 -14.76
CA PHE A 62 -14.43 9.69 -14.68
C PHE A 62 -15.23 10.02 -13.43
N ASP A 63 -15.98 9.05 -12.93
CA ASP A 63 -16.80 9.24 -11.74
C ASP A 63 -16.15 8.58 -10.53
N SER A 64 -16.23 7.26 -10.46
CA SER A 64 -15.65 6.51 -9.36
C SER A 64 -15.35 5.07 -9.76
N ASP A 65 -14.73 4.32 -8.86
CA ASP A 65 -14.39 2.92 -9.13
C ASP A 65 -14.76 2.04 -7.95
N THR A 66 -16.01 2.13 -7.52
CA THR A 66 -16.49 1.34 -6.39
C THR A 66 -15.46 1.28 -5.28
N ASN A 67 -14.72 2.37 -5.10
CA ASN A 67 -13.70 2.43 -4.06
C ASN A 67 -12.86 1.16 -4.04
N VAL A 68 -12.53 0.64 -5.22
CA VAL A 68 -11.75 -0.57 -5.35
C VAL A 68 -10.38 -0.40 -4.69
N ILE A 69 -9.92 0.85 -4.60
CA ILE A 69 -8.64 1.15 -3.99
C ILE A 69 -8.67 0.89 -2.48
N ASP A 70 -9.64 1.49 -1.81
CA ASP A 70 -9.79 1.32 -0.37
C ASP A 70 -10.23 -0.10 -0.02
N VAL A 71 -10.92 -0.74 -0.95
CA VAL A 71 -11.41 -2.11 -0.74
C VAL A 71 -10.29 -3.12 -0.98
N ALA A 72 -9.47 -2.87 -1.99
CA ALA A 72 -8.37 -3.76 -2.31
C ALA A 72 -7.30 -3.74 -1.22
N VAL A 73 -7.07 -2.57 -0.64
CA VAL A 73 -6.08 -2.42 0.42
C VAL A 73 -6.63 -2.93 1.75
N ARG A 74 -7.92 -2.70 1.99
CA ARG A 74 -8.55 -3.14 3.22
C ARG A 74 -8.79 -4.64 3.20
N ARG A 75 -9.05 -5.19 2.02
CA ARG A 75 -9.30 -6.62 1.88
C ARG A 75 -8.00 -7.40 1.95
N LEU A 76 -6.96 -6.86 1.34
CA LEU A 76 -5.64 -7.51 1.33
C LEU A 76 -4.97 -7.39 2.70
N ARG A 77 -5.11 -6.23 3.32
CA ARG A 77 -4.52 -5.99 4.63
C ARG A 77 -5.22 -6.81 5.71
N SER A 78 -6.53 -7.01 5.54
CA SER A 78 -7.31 -7.77 6.50
C SER A 78 -7.19 -9.26 6.23
N LYS A 79 -6.36 -9.62 5.25
CA LYS A 79 -6.16 -11.02 4.90
C LYS A 79 -4.99 -11.61 5.68
N ILE A 80 -3.89 -10.87 5.76
CA ILE A 80 -2.71 -11.32 6.47
C ILE A 80 -2.23 -10.26 7.47
N ASP A 81 -2.21 -9.01 7.03
CA ASP A 81 -1.79 -7.91 7.87
C ASP A 81 -2.66 -7.80 9.12
N ASP A 82 -3.85 -8.38 9.06
CA ASP A 82 -4.78 -8.36 10.18
C ASP A 82 -4.18 -9.07 11.39
N ASP A 83 -3.20 -9.93 11.14
CA ASP A 83 -2.55 -10.67 12.21
C ASP A 83 -1.05 -10.70 12.01
N PHE A 84 -0.53 -9.74 11.26
CA PHE A 84 0.90 -9.65 10.99
C PHE A 84 1.46 -8.30 11.41
N GLU A 85 0.65 -7.25 11.23
CA GLU A 85 1.06 -5.90 11.59
C GLU A 85 -0.14 -5.06 12.00
N PRO A 86 0.12 -3.97 12.73
CA PRO A 86 -0.92 -3.05 13.21
C PRO A 86 -1.56 -2.26 12.08
N LYS A 87 -2.36 -1.27 12.43
CA LYS A 87 -3.03 -0.43 11.45
C LYS A 87 -2.07 0.59 10.84
N LEU A 88 -1.56 0.27 9.65
CA LEU A 88 -0.63 1.16 8.96
C LEU A 88 -1.31 1.86 7.79
N ILE A 89 -2.63 1.82 7.76
CA ILE A 89 -3.40 2.45 6.70
C ILE A 89 -4.06 3.73 7.18
N HIS A 90 -3.89 4.81 6.42
CA HIS A 90 -4.48 6.09 6.77
C HIS A 90 -4.98 6.82 5.52
N THR A 91 -6.20 7.34 5.60
CA THR A 91 -6.80 8.05 4.48
C THR A 91 -7.27 9.44 4.90
N VAL A 92 -6.71 10.47 4.28
CA VAL A 92 -7.08 11.85 4.60
C VAL A 92 -8.51 12.15 4.14
N ARG A 93 -9.21 12.96 4.92
CA ARG A 93 -10.59 13.33 4.60
C ARG A 93 -10.69 13.86 3.17
N GLY A 94 -9.61 14.47 2.69
CA GLY A 94 -9.59 15.00 1.35
C GLY A 94 -8.23 14.87 0.68
N ALA A 95 -7.98 13.70 0.09
CA ALA A 95 -6.71 13.45 -0.58
C ALA A 95 -6.78 12.18 -1.41
N GLY A 96 -6.83 11.03 -0.74
CA GLY A 96 -6.89 9.76 -1.43
C GLY A 96 -6.57 8.59 -0.53
N TYR A 97 -5.32 8.13 -0.57
CA TYR A 97 -4.88 7.02 0.25
C TYR A 97 -3.37 7.07 0.51
N VAL A 98 -2.98 6.80 1.74
CA VAL A 98 -1.57 6.81 2.12
C VAL A 98 -1.30 5.86 3.28
N LEU A 99 -0.03 5.48 3.43
CA LEU A 99 0.36 4.57 4.51
C LEU A 99 1.24 5.28 5.53
N GLU A 100 1.23 4.78 6.75
CA GLU A 100 2.03 5.37 7.83
C GLU A 100 1.93 4.54 9.10
N ILE A 101 2.89 4.73 10.00
CA ILE A 101 2.91 4.00 11.26
C ILE A 101 2.64 4.92 12.44
N ARG A 102 2.63 4.36 13.65
CA ARG A 102 2.38 5.13 14.85
C ARG A 102 3.67 5.31 15.66
N GLU A 103 4.59 4.35 15.52
CA GLU A 103 5.85 4.40 16.23
C GLU A 103 6.62 5.68 15.91
N GLU A 104 6.43 6.18 14.68
CA GLU A 104 7.10 7.41 14.25
C GLU A 104 6.75 8.57 15.17
N MET A 1 22.21 4.10 7.40
CA MET A 1 22.54 3.42 6.15
C MET A 1 21.29 2.79 5.55
N ALA A 2 20.49 3.59 4.86
CA ALA A 2 19.28 3.11 4.23
C ALA A 2 19.20 3.54 2.76
N ALA A 3 19.56 2.62 1.86
CA ALA A 3 19.54 2.92 0.44
C ALA A 3 18.72 1.87 -0.31
N THR A 4 17.87 2.33 -1.23
CA THR A 4 17.04 1.43 -2.02
C THR A 4 16.30 0.44 -1.13
N VAL A 5 15.93 0.89 0.07
CA VAL A 5 15.22 0.03 1.01
C VAL A 5 14.62 0.85 2.16
N CYS A 6 13.34 0.63 2.43
CA CYS A 6 12.66 1.36 3.49
C CYS A 6 12.17 0.39 4.57
N THR A 7 12.67 0.59 5.80
CA THR A 7 12.29 -0.27 6.91
C THR A 7 11.17 0.37 7.74
N ILE A 8 10.31 -0.47 8.30
CA ILE A 8 9.21 0.01 9.11
C ILE A 8 9.17 -0.69 10.47
N ALA A 9 8.07 -0.50 11.20
CA ALA A 9 7.92 -1.11 12.51
C ALA A 9 8.36 -2.58 12.49
N ASP A 10 7.98 -3.29 11.44
CA ASP A 10 8.33 -4.70 11.31
C ASP A 10 8.14 -5.16 9.87
N MET A 11 8.85 -4.52 8.94
CA MET A 11 8.77 -4.88 7.53
C MET A 11 9.87 -4.20 6.73
N THR A 12 10.13 -4.72 5.53
CA THR A 12 11.17 -4.17 4.68
C THR A 12 10.65 -3.93 3.26
N VAL A 13 10.35 -2.67 2.95
CA VAL A 13 9.85 -2.31 1.64
C VAL A 13 10.99 -2.00 0.68
N ASP A 14 10.84 -2.42 -0.58
CA ASP A 14 11.86 -2.19 -1.60
C ASP A 14 11.35 -1.21 -2.66
N MET A 15 12.10 -0.13 -2.87
CA MET A 15 11.72 0.88 -3.86
C MET A 15 12.18 0.46 -5.25
N VAL A 16 13.05 -0.53 -5.31
CA VAL A 16 13.58 -1.01 -6.58
C VAL A 16 12.98 -2.37 -6.94
N ARG A 17 12.60 -3.14 -5.92
CA ARG A 17 12.01 -4.45 -6.13
C ARG A 17 10.50 -4.41 -5.92
N ARG A 18 10.03 -3.37 -5.24
CA ARG A 18 8.61 -3.22 -4.96
C ARG A 18 8.06 -4.43 -4.22
N THR A 19 8.73 -4.82 -3.14
CA THR A 19 8.32 -5.96 -2.34
C THR A 19 8.17 -5.59 -0.87
N VAL A 20 7.64 -6.52 -0.08
CA VAL A 20 7.45 -6.28 1.35
C VAL A 20 7.81 -7.53 2.16
N ILE A 21 8.83 -7.39 3.01
CA ILE A 21 9.28 -8.50 3.85
C ILE A 21 9.02 -8.21 5.31
N ARG A 22 8.04 -8.90 5.89
CA ARG A 22 7.70 -8.73 7.29
C ARG A 22 8.37 -9.79 8.16
N SER A 23 9.13 -9.34 9.15
CA SER A 23 9.84 -10.25 10.04
C SER A 23 10.80 -11.14 9.28
N GLY A 24 11.15 -10.71 8.06
CA GLY A 24 12.07 -11.48 7.23
C GLY A 24 11.35 -12.41 6.28
N LYS A 25 10.02 -12.34 6.28
CA LYS A 25 9.21 -13.19 5.42
C LYS A 25 8.41 -12.35 4.43
N LYS A 26 8.65 -12.56 3.14
CA LYS A 26 7.95 -11.82 2.10
C LYS A 26 6.49 -12.22 2.03
N ILE A 27 5.60 -11.24 2.03
CA ILE A 27 4.17 -11.50 1.96
C ILE A 27 3.72 -11.74 0.52
N HIS A 28 2.76 -12.65 0.35
CA HIS A 28 2.25 -12.97 -0.97
C HIS A 28 1.03 -12.12 -1.30
N LEU A 29 0.87 -11.79 -2.58
CA LEU A 29 -0.25 -10.97 -3.04
C LEU A 29 -0.55 -11.22 -4.51
N THR A 30 -1.57 -10.54 -5.02
CA THR A 30 -1.95 -10.68 -6.42
C THR A 30 -1.60 -9.43 -7.21
N GLY A 31 -1.96 -9.43 -8.50
CA GLY A 31 -1.67 -8.29 -9.34
C GLY A 31 -2.26 -7.00 -8.81
N LYS A 32 -3.56 -7.02 -8.53
CA LYS A 32 -4.25 -5.84 -8.02
C LYS A 32 -3.62 -5.38 -6.71
N GLU A 33 -3.50 -6.30 -5.75
CA GLU A 33 -2.92 -5.98 -4.46
C GLU A 33 -1.52 -5.41 -4.61
N TYR A 34 -0.75 -5.97 -5.54
CA TYR A 34 0.61 -5.51 -5.79
C TYR A 34 0.61 -4.14 -6.45
N VAL A 35 -0.43 -3.86 -7.22
CA VAL A 35 -0.55 -2.57 -7.90
C VAL A 35 -0.83 -1.45 -6.92
N LEU A 36 -1.70 -1.72 -5.95
CA LEU A 36 -2.06 -0.73 -4.94
C LEU A 36 -0.94 -0.58 -3.90
N LEU A 37 -0.20 -1.66 -3.68
CA LEU A 37 0.90 -1.65 -2.72
C LEU A 37 2.14 -1.00 -3.32
N GLU A 38 2.56 -1.49 -4.48
CA GLU A 38 3.73 -0.95 -5.16
C GLU A 38 3.62 0.56 -5.32
N LEU A 39 2.40 1.05 -5.52
CA LEU A 39 2.17 2.47 -5.69
C LEU A 39 2.15 3.18 -4.33
N LEU A 40 1.54 2.55 -3.34
CA LEU A 40 1.45 3.11 -2.00
C LEU A 40 2.85 3.30 -1.40
N LEU A 41 3.67 2.26 -1.52
CA LEU A 41 5.04 2.31 -1.00
C LEU A 41 5.92 3.24 -1.84
N GLN A 42 5.75 3.17 -3.15
CA GLN A 42 6.52 3.99 -4.07
C GLN A 42 6.39 5.47 -3.71
N ARG A 43 5.17 5.89 -3.38
CA ARG A 43 4.90 7.28 -3.01
C ARG A 43 4.76 7.42 -1.50
N THR A 44 5.32 6.47 -0.77
CA THR A 44 5.26 6.50 0.69
C THR A 44 5.69 7.85 1.24
N GLY A 45 5.00 8.31 2.27
CA GLY A 45 5.33 9.60 2.86
C GLY A 45 4.41 10.71 2.42
N GLU A 46 3.80 10.53 1.24
CA GLU A 46 2.89 11.52 0.69
C GLU A 46 1.57 10.89 0.29
N VAL A 47 0.49 11.65 0.40
CA VAL A 47 -0.84 11.17 0.05
C VAL A 47 -1.06 11.21 -1.46
N LEU A 48 -1.37 10.07 -2.04
CA LEU A 48 -1.60 9.97 -3.48
C LEU A 48 -3.07 9.70 -3.78
N PRO A 49 -3.51 10.02 -5.01
CA PRO A 49 -4.89 9.81 -5.44
C PRO A 49 -5.24 8.33 -5.59
N ARG A 50 -6.52 8.05 -5.77
CA ARG A 50 -6.98 6.68 -5.94
C ARG A 50 -7.30 6.38 -7.39
N SER A 51 -7.61 7.42 -8.15
CA SER A 51 -7.94 7.28 -9.56
C SER A 51 -6.74 6.76 -10.35
N LEU A 52 -5.57 7.29 -10.04
CA LEU A 52 -4.34 6.88 -10.72
C LEU A 52 -4.06 5.40 -10.49
N ILE A 53 -4.12 4.98 -9.23
CA ILE A 53 -3.87 3.59 -8.88
C ILE A 53 -4.79 2.66 -9.65
N SER A 54 -6.07 3.01 -9.71
CA SER A 54 -7.06 2.20 -10.42
C SER A 54 -6.66 2.02 -11.88
N SER A 55 -5.97 3.02 -12.43
CA SER A 55 -5.54 2.97 -13.83
C SER A 55 -4.40 1.97 -14.00
N LEU A 56 -3.61 1.78 -12.95
CA LEU A 56 -2.49 0.85 -12.99
C LEU A 56 -2.98 -0.59 -13.06
N VAL A 57 -4.28 -0.78 -12.82
CA VAL A 57 -4.87 -2.12 -12.86
C VAL A 57 -6.05 -2.17 -13.83
N TRP A 58 -7.18 -1.61 -13.41
CA TRP A 58 -8.37 -1.59 -14.24
C TRP A 58 -8.36 -0.39 -15.19
N ASN A 59 -8.63 0.79 -14.64
CA ASN A 59 -8.65 2.01 -15.43
C ASN A 59 -8.89 3.23 -14.54
N MET A 60 -9.05 4.39 -15.17
CA MET A 60 -9.28 5.63 -14.44
C MET A 60 -10.64 6.21 -14.77
N ASN A 61 -11.69 5.67 -14.15
CA ASN A 61 -13.05 6.13 -14.39
C ASN A 61 -13.16 7.63 -14.18
N PHE A 62 -14.23 8.23 -14.69
CA PHE A 62 -14.45 9.66 -14.56
C PHE A 62 -14.43 10.09 -13.09
N ASP A 63 -14.78 9.17 -12.21
CA ASP A 63 -14.80 9.45 -10.78
C ASP A 63 -14.11 8.33 -10.00
N SER A 64 -14.80 7.19 -9.87
CA SER A 64 -14.25 6.06 -9.14
C SER A 64 -14.85 4.75 -9.65
N ASP A 65 -14.33 3.63 -9.16
CA ASP A 65 -14.81 2.32 -9.57
C ASP A 65 -15.24 1.51 -8.35
N THR A 66 -16.47 1.71 -7.91
CA THR A 66 -17.01 0.99 -6.75
C THR A 66 -15.96 0.89 -5.65
N ASN A 67 -15.15 1.93 -5.51
CA ASN A 67 -14.10 1.96 -4.49
C ASN A 67 -13.35 0.63 -4.44
N VAL A 68 -13.07 0.08 -5.62
CA VAL A 68 -12.36 -1.19 -5.72
C VAL A 68 -10.95 -1.08 -5.15
N ILE A 69 -10.41 0.14 -5.19
CA ILE A 69 -9.06 0.39 -4.68
C ILE A 69 -9.02 0.30 -3.16
N ASP A 70 -9.85 1.11 -2.50
CA ASP A 70 -9.91 1.11 -1.05
C ASP A 70 -10.25 -0.26 -0.51
N VAL A 71 -11.05 -1.01 -1.27
CA VAL A 71 -11.45 -2.36 -0.87
C VAL A 71 -10.32 -3.36 -1.07
N ALA A 72 -9.48 -3.11 -2.08
CA ALA A 72 -8.36 -3.98 -2.37
C ALA A 72 -7.30 -3.91 -1.27
N VAL A 73 -7.09 -2.70 -0.76
CA VAL A 73 -6.10 -2.49 0.30
C VAL A 73 -6.64 -2.95 1.65
N ARG A 74 -7.94 -2.75 1.86
CA ARG A 74 -8.57 -3.15 3.11
C ARG A 74 -8.76 -4.65 3.18
N ARG A 75 -9.13 -5.25 2.04
CA ARG A 75 -9.34 -6.69 1.96
C ARG A 75 -8.02 -7.45 2.12
N LEU A 76 -6.97 -6.92 1.49
CA LEU A 76 -5.66 -7.55 1.55
C LEU A 76 -5.03 -7.35 2.93
N ARG A 77 -5.30 -6.20 3.54
CA ARG A 77 -4.76 -5.88 4.85
C ARG A 77 -5.28 -6.85 5.90
N SER A 78 -6.59 -7.11 5.87
CA SER A 78 -7.22 -8.02 6.82
C SER A 78 -7.02 -9.47 6.40
N LYS A 79 -6.31 -9.66 5.29
CA LYS A 79 -6.05 -11.00 4.78
C LYS A 79 -4.83 -11.63 5.46
N ILE A 80 -3.82 -10.80 5.71
CA ILE A 80 -2.60 -11.27 6.37
C ILE A 80 -2.16 -10.30 7.46
N ASP A 81 -2.20 -9.01 7.15
CA ASP A 81 -1.81 -7.98 8.09
C ASP A 81 -2.71 -7.99 9.32
N ASP A 82 -3.92 -8.52 9.15
CA ASP A 82 -4.88 -8.58 10.24
C ASP A 82 -4.26 -9.22 11.48
N ASP A 83 -3.30 -10.11 11.27
CA ASP A 83 -2.63 -10.80 12.36
C ASP A 83 -1.13 -10.90 12.09
N PHE A 84 -0.52 -9.78 11.71
CA PHE A 84 0.90 -9.74 11.41
C PHE A 84 1.50 -8.38 11.77
N GLU A 85 0.78 -7.32 11.41
CA GLU A 85 1.24 -5.96 11.70
C GLU A 85 0.06 -5.06 12.04
N PRO A 86 0.36 -3.93 12.70
CA PRO A 86 -0.65 -2.96 13.11
C PRO A 86 -1.25 -2.21 11.92
N LYS A 87 -2.31 -1.46 12.18
CA LYS A 87 -2.98 -0.70 11.14
C LYS A 87 -2.10 0.45 10.64
N LEU A 88 -1.43 0.22 9.51
CA LEU A 88 -0.55 1.23 8.94
C LEU A 88 -1.26 2.00 7.83
N ILE A 89 -2.52 1.66 7.60
CA ILE A 89 -3.32 2.33 6.57
C ILE A 89 -3.88 3.66 7.08
N HIS A 90 -3.57 4.73 6.37
CA HIS A 90 -4.04 6.06 6.73
C HIS A 90 -4.55 6.82 5.52
N THR A 91 -5.78 7.32 5.61
CA THR A 91 -6.39 8.06 4.51
C THR A 91 -6.92 9.41 4.99
N VAL A 92 -6.28 10.48 4.54
CA VAL A 92 -6.69 11.83 4.92
C VAL A 92 -7.99 12.23 4.25
N ARG A 93 -8.92 12.76 5.03
CA ARG A 93 -10.22 13.18 4.50
C ARG A 93 -10.08 14.39 3.60
N GLY A 94 -9.79 14.14 2.32
CA GLY A 94 -9.63 15.23 1.37
C GLY A 94 -8.27 15.22 0.71
N ALA A 95 -7.71 14.03 0.53
CA ALA A 95 -6.40 13.89 -0.10
C ALA A 95 -6.36 12.68 -1.04
N GLY A 96 -6.36 11.49 -0.46
CA GLY A 96 -6.32 10.28 -1.25
C GLY A 96 -6.03 9.05 -0.42
N TYR A 97 -4.78 8.62 -0.42
CA TYR A 97 -4.37 7.44 0.34
C TYR A 97 -2.87 7.47 0.62
N VAL A 98 -2.49 7.11 1.85
CA VAL A 98 -1.10 7.09 2.25
C VAL A 98 -0.84 6.00 3.29
N LEU A 99 0.42 5.60 3.41
CA LEU A 99 0.80 4.57 4.37
C LEU A 99 1.92 5.06 5.29
N GLU A 100 1.86 4.68 6.56
CA GLU A 100 2.87 5.08 7.52
C GLU A 100 2.65 4.38 8.87
N ILE A 101 3.45 4.75 9.86
CA ILE A 101 3.34 4.16 11.19
C ILE A 101 2.96 5.21 12.23
N ARG A 102 2.76 4.77 13.46
CA ARG A 102 2.39 5.67 14.55
C ARG A 102 3.54 5.83 15.53
N GLU A 103 4.37 4.79 15.63
CA GLU A 103 5.52 4.81 16.54
C GLU A 103 6.39 6.04 16.28
N GLU A 104 6.39 6.50 15.04
CA GLU A 104 7.19 7.67 14.66
C GLU A 104 6.83 8.88 15.53
N MET A 1 25.70 6.01 0.52
CA MET A 1 24.72 5.09 1.09
C MET A 1 23.31 5.42 0.61
N ALA A 2 22.97 4.95 -0.58
CA ALA A 2 21.65 5.20 -1.15
C ALA A 2 20.56 4.61 -0.26
N ALA A 3 19.32 5.05 -0.49
CA ALA A 3 18.19 4.58 0.29
C ALA A 3 17.16 3.89 -0.61
N THR A 4 17.44 2.64 -0.98
CA THR A 4 16.55 1.87 -1.83
C THR A 4 15.75 0.85 -1.03
N VAL A 5 15.60 1.12 0.27
CA VAL A 5 14.87 0.22 1.15
C VAL A 5 14.20 1.00 2.28
N CYS A 6 12.88 0.90 2.35
CA CYS A 6 12.11 1.59 3.39
C CYS A 6 11.61 0.61 4.44
N THR A 7 12.15 0.72 5.65
CA THR A 7 11.75 -0.16 6.75
C THR A 7 10.55 0.39 7.49
N ILE A 8 9.74 -0.51 8.05
CA ILE A 8 8.55 -0.12 8.79
C ILE A 8 8.54 -0.74 10.18
N ALA A 9 7.41 -0.61 10.87
CA ALA A 9 7.26 -1.15 12.22
C ALA A 9 7.79 -2.58 12.28
N ASP A 10 7.38 -3.41 11.32
CA ASP A 10 7.81 -4.79 11.27
C ASP A 10 7.75 -5.34 9.85
N MET A 11 8.48 -4.69 8.94
CA MET A 11 8.51 -5.10 7.55
C MET A 11 9.61 -4.36 6.79
N THR A 12 9.85 -4.78 5.55
CA THR A 12 10.87 -4.17 4.71
C THR A 12 10.37 -3.96 3.29
N VAL A 13 10.09 -2.72 2.93
CA VAL A 13 9.61 -2.40 1.58
C VAL A 13 10.75 -1.98 0.68
N ASP A 14 10.78 -2.53 -0.53
CA ASP A 14 11.82 -2.22 -1.50
C ASP A 14 11.28 -1.30 -2.60
N MET A 15 11.88 -0.13 -2.74
CA MET A 15 11.47 0.83 -3.75
C MET A 15 12.11 0.50 -5.10
N VAL A 16 13.06 -0.42 -5.09
CA VAL A 16 13.75 -0.82 -6.32
C VAL A 16 13.30 -2.20 -6.77
N ARG A 17 12.94 -3.05 -5.81
CA ARG A 17 12.50 -4.41 -6.11
C ARG A 17 10.97 -4.51 -5.99
N ARG A 18 10.37 -3.54 -5.31
CA ARG A 18 8.93 -3.54 -5.12
C ARG A 18 8.47 -4.79 -4.41
N THR A 19 9.01 -5.03 -3.21
CA THR A 19 8.65 -6.19 -2.42
C THR A 19 8.40 -5.82 -0.96
N VAL A 20 7.94 -6.78 -0.18
CA VAL A 20 7.66 -6.55 1.23
C VAL A 20 8.05 -7.76 2.07
N ILE A 21 9.08 -7.59 2.89
CA ILE A 21 9.55 -8.67 3.75
C ILE A 21 9.12 -8.45 5.20
N ARG A 22 8.27 -9.33 5.71
CA ARG A 22 7.79 -9.23 7.08
C ARG A 22 8.61 -10.11 8.01
N SER A 23 9.45 -9.47 8.82
CA SER A 23 10.30 -10.19 9.76
C SER A 23 11.09 -11.28 9.05
N GLY A 24 11.44 -11.03 7.79
CA GLY A 24 12.20 -12.00 7.02
C GLY A 24 11.30 -12.94 6.25
N LYS A 25 10.04 -12.57 6.11
CA LYS A 25 9.07 -13.40 5.38
C LYS A 25 8.32 -12.57 4.35
N LYS A 26 8.66 -12.76 3.08
CA LYS A 26 8.01 -12.03 2.01
C LYS A 26 6.50 -12.31 1.98
N ILE A 27 5.71 -11.23 2.10
CA ILE A 27 4.26 -11.36 2.09
C ILE A 27 3.75 -11.72 0.71
N HIS A 28 2.71 -12.55 0.66
CA HIS A 28 2.11 -12.96 -0.61
C HIS A 28 0.94 -12.06 -0.98
N LEU A 29 0.75 -11.85 -2.28
CA LEU A 29 -0.34 -11.01 -2.77
C LEU A 29 -0.64 -11.31 -4.23
N THR A 30 -1.66 -10.66 -4.77
CA THR A 30 -2.06 -10.86 -6.15
C THR A 30 -1.69 -9.64 -7.01
N GLY A 31 -1.97 -9.74 -8.31
CA GLY A 31 -1.66 -8.64 -9.20
C GLY A 31 -2.25 -7.32 -8.75
N LYS A 32 -3.56 -7.33 -8.49
CA LYS A 32 -4.25 -6.12 -8.03
C LYS A 32 -3.62 -5.59 -6.75
N GLU A 33 -3.51 -6.46 -5.74
CA GLU A 33 -2.93 -6.07 -4.47
C GLU A 33 -1.52 -5.54 -4.65
N TYR A 34 -0.81 -6.07 -5.64
CA TYR A 34 0.55 -5.66 -5.91
C TYR A 34 0.60 -4.22 -6.44
N VAL A 35 -0.39 -3.87 -7.24
CA VAL A 35 -0.48 -2.52 -7.81
C VAL A 35 -0.83 -1.51 -6.74
N LEU A 36 -1.65 -1.91 -5.78
CA LEU A 36 -2.06 -1.02 -4.69
C LEU A 36 -0.92 -0.84 -3.69
N LEU A 37 -0.15 -1.88 -3.47
CA LEU A 37 0.97 -1.84 -2.54
C LEU A 37 2.18 -1.16 -3.18
N GLU A 38 2.56 -1.63 -4.37
CA GLU A 38 3.70 -1.07 -5.08
C GLU A 38 3.57 0.44 -5.20
N LEU A 39 2.35 0.92 -5.41
CA LEU A 39 2.10 2.35 -5.55
C LEU A 39 2.06 3.03 -4.18
N LEU A 40 1.29 2.46 -3.27
CA LEU A 40 1.17 3.00 -1.92
C LEU A 40 2.54 3.18 -1.28
N LEU A 41 3.38 2.16 -1.40
CA LEU A 41 4.72 2.20 -0.83
C LEU A 41 5.62 3.13 -1.63
N GLN A 42 5.46 3.12 -2.95
CA GLN A 42 6.25 3.97 -3.83
C GLN A 42 6.10 5.44 -3.45
N ARG A 43 4.89 5.83 -3.09
CA ARG A 43 4.61 7.20 -2.71
C ARG A 43 4.44 7.33 -1.20
N THR A 44 4.99 6.36 -0.47
CA THR A 44 4.90 6.36 0.99
C THR A 44 5.31 7.70 1.57
N GLY A 45 4.65 8.10 2.66
CA GLY A 45 4.97 9.37 3.29
C GLY A 45 4.05 10.49 2.84
N GLU A 46 3.51 10.36 1.63
CA GLU A 46 2.61 11.37 1.09
C GLU A 46 1.29 10.74 0.65
N VAL A 47 0.22 11.53 0.71
CA VAL A 47 -1.10 11.05 0.32
C VAL A 47 -1.27 11.08 -1.19
N LEU A 48 -1.65 9.94 -1.76
CA LEU A 48 -1.85 9.84 -3.21
C LEU A 48 -3.32 9.61 -3.54
N PRO A 49 -3.69 9.90 -4.79
CA PRO A 49 -5.07 9.73 -5.26
C PRO A 49 -5.48 8.27 -5.38
N ARG A 50 -6.71 8.03 -5.79
CA ARG A 50 -7.21 6.67 -5.95
C ARG A 50 -7.50 6.35 -7.42
N SER A 51 -7.86 7.39 -8.18
CA SER A 51 -8.17 7.22 -9.59
C SER A 51 -6.92 6.80 -10.36
N LEU A 52 -5.77 7.32 -9.96
CA LEU A 52 -4.51 7.00 -10.62
C LEU A 52 -4.16 5.53 -10.41
N ILE A 53 -4.20 5.07 -9.17
CA ILE A 53 -3.90 3.68 -8.85
C ILE A 53 -4.78 2.73 -9.65
N SER A 54 -6.07 3.03 -9.71
CA SER A 54 -7.02 2.20 -10.43
C SER A 54 -6.61 2.04 -11.89
N SER A 55 -5.95 3.06 -12.43
CA SER A 55 -5.50 3.05 -13.81
C SER A 55 -4.33 2.09 -13.99
N LEU A 56 -3.55 1.91 -12.94
CA LEU A 56 -2.40 1.01 -12.97
C LEU A 56 -2.85 -0.45 -13.02
N VAL A 57 -4.14 -0.67 -12.79
CA VAL A 57 -4.68 -2.02 -12.82
C VAL A 57 -5.83 -2.12 -13.82
N TRP A 58 -6.98 -1.57 -13.47
CA TRP A 58 -8.15 -1.59 -14.34
C TRP A 58 -8.18 -0.38 -15.25
N ASN A 59 -8.53 0.77 -14.69
CA ASN A 59 -8.60 2.02 -15.45
C ASN A 59 -8.93 3.19 -14.54
N MET A 60 -8.98 4.39 -15.12
CA MET A 60 -9.29 5.60 -14.37
C MET A 60 -10.35 6.43 -15.08
N ASN A 61 -11.33 6.90 -14.31
CA ASN A 61 -12.40 7.70 -14.87
C ASN A 61 -12.77 8.85 -13.93
N PHE A 62 -11.80 9.29 -13.12
CA PHE A 62 -12.02 10.37 -12.18
C PHE A 62 -13.24 10.10 -11.32
N ASP A 63 -13.49 8.83 -11.04
CA ASP A 63 -14.63 8.44 -10.21
C ASP A 63 -14.25 7.35 -9.23
N SER A 64 -15.22 6.89 -8.45
CA SER A 64 -14.97 5.85 -7.46
C SER A 64 -15.74 4.58 -7.80
N ASP A 65 -15.09 3.69 -8.57
CA ASP A 65 -15.71 2.44 -8.97
C ASP A 65 -15.94 1.53 -7.76
N THR A 66 -17.12 1.65 -7.16
CA THR A 66 -17.46 0.85 -6.00
C THR A 66 -16.28 0.74 -5.03
N ASN A 67 -15.51 1.81 -4.94
CA ASN A 67 -14.35 1.85 -4.05
C ASN A 67 -13.56 0.55 -4.15
N VAL A 68 -13.41 0.04 -5.37
CA VAL A 68 -12.67 -1.19 -5.61
C VAL A 68 -11.24 -1.07 -5.10
N ILE A 69 -10.70 0.15 -5.12
CA ILE A 69 -9.35 0.39 -4.67
C ILE A 69 -9.24 0.28 -3.15
N ASP A 70 -10.03 1.10 -2.45
CA ASP A 70 -10.04 1.09 -0.99
C ASP A 70 -10.35 -0.30 -0.45
N VAL A 71 -11.22 -1.01 -1.16
CA VAL A 71 -11.62 -2.36 -0.75
C VAL A 71 -10.50 -3.36 -1.02
N ALA A 72 -9.74 -3.12 -2.08
CA ALA A 72 -8.63 -4.01 -2.44
C ALA A 72 -7.52 -3.95 -1.39
N VAL A 73 -7.32 -2.78 -0.81
CA VAL A 73 -6.29 -2.59 0.21
C VAL A 73 -6.75 -3.12 1.56
N ARG A 74 -8.03 -2.91 1.85
CA ARG A 74 -8.60 -3.37 3.12
C ARG A 74 -8.81 -4.88 3.10
N ARG A 75 -9.12 -5.42 1.93
CA ARG A 75 -9.35 -6.85 1.79
C ARG A 75 -8.03 -7.62 1.81
N LEU A 76 -7.01 -7.05 1.18
CA LEU A 76 -5.69 -7.68 1.13
C LEU A 76 -4.99 -7.57 2.49
N ARG A 77 -5.17 -6.44 3.16
CA ARG A 77 -4.55 -6.23 4.46
C ARG A 77 -5.23 -7.07 5.54
N SER A 78 -6.51 -7.36 5.34
CA SER A 78 -7.27 -8.16 6.28
C SER A 78 -7.01 -9.65 6.07
N LYS A 79 -6.15 -9.96 5.11
CA LYS A 79 -5.81 -11.35 4.81
C LYS A 79 -4.55 -11.77 5.57
N ILE A 80 -3.54 -10.91 5.55
CA ILE A 80 -2.29 -11.20 6.25
C ILE A 80 -1.98 -10.12 7.29
N ASP A 81 -2.24 -8.87 6.93
CA ASP A 81 -1.99 -7.75 7.84
C ASP A 81 -3.02 -7.73 8.97
N ASP A 82 -4.00 -8.61 8.89
CA ASP A 82 -5.05 -8.69 9.90
C ASP A 82 -4.48 -9.19 11.23
N ASP A 83 -3.29 -9.79 11.17
CA ASP A 83 -2.64 -10.29 12.37
C ASP A 83 -1.13 -10.31 12.20
N PHE A 84 -0.61 -9.35 11.45
CA PHE A 84 0.83 -9.25 11.20
C PHE A 84 1.36 -7.87 11.58
N GLU A 85 0.56 -6.84 11.27
CA GLU A 85 0.95 -5.47 11.58
C GLU A 85 -0.28 -4.62 11.94
N PRO A 86 -0.04 -3.49 12.62
CA PRO A 86 -1.09 -2.58 13.04
C PRO A 86 -1.74 -1.86 11.85
N LYS A 87 -2.73 -1.02 12.14
CA LYS A 87 -3.42 -0.26 11.11
C LYS A 87 -2.48 0.72 10.43
N LEU A 88 -1.87 0.28 9.34
CA LEU A 88 -0.93 1.13 8.60
C LEU A 88 -1.64 1.81 7.42
N ILE A 89 -2.96 1.76 7.42
CA ILE A 89 -3.75 2.38 6.36
C ILE A 89 -4.50 3.60 6.87
N HIS A 90 -3.96 4.78 6.59
CA HIS A 90 -4.59 6.02 7.03
C HIS A 90 -4.97 6.89 5.82
N THR A 91 -6.08 7.60 5.94
CA THR A 91 -6.56 8.47 4.86
C THR A 91 -6.81 9.89 5.37
N VAL A 92 -6.39 10.87 4.57
CA VAL A 92 -6.58 12.26 4.94
C VAL A 92 -7.79 12.86 4.24
N ARG A 93 -8.80 13.24 5.03
CA ARG A 93 -10.02 13.82 4.49
C ARG A 93 -9.69 14.99 3.56
N GLY A 94 -9.78 14.74 2.25
CA GLY A 94 -9.50 15.77 1.28
C GLY A 94 -8.14 15.59 0.62
N ALA A 95 -7.72 14.34 0.47
CA ALA A 95 -6.43 14.04 -0.15
C ALA A 95 -6.53 12.78 -1.01
N GLY A 96 -6.54 11.62 -0.35
CA GLY A 96 -6.63 10.37 -1.07
C GLY A 96 -6.39 9.16 -0.18
N TYR A 97 -5.17 8.64 -0.22
CA TYR A 97 -4.81 7.48 0.59
C TYR A 97 -3.31 7.44 0.86
N VAL A 98 -2.95 7.07 2.09
CA VAL A 98 -1.55 7.00 2.48
C VAL A 98 -1.32 5.89 3.49
N LEU A 99 -0.07 5.44 3.60
CA LEU A 99 0.28 4.38 4.55
C LEU A 99 1.37 4.85 5.51
N GLU A 100 1.22 4.49 6.78
CA GLU A 100 2.20 4.87 7.80
C GLU A 100 1.85 4.25 9.14
N ILE A 101 2.86 4.09 10.00
CA ILE A 101 2.66 3.50 11.32
C ILE A 101 2.35 4.57 12.36
N ARG A 102 1.69 4.17 13.44
CA ARG A 102 1.33 5.10 14.51
C ARG A 102 2.46 5.19 15.53
N GLU A 103 3.25 4.13 15.64
CA GLU A 103 4.36 4.10 16.59
C GLU A 103 5.31 5.27 16.35
N GLU A 104 5.49 5.63 15.08
CA GLU A 104 6.37 6.74 14.72
C GLU A 104 6.01 8.00 15.49
N MET A 1 25.00 3.02 1.62
CA MET A 1 25.00 4.47 1.46
C MET A 1 23.69 4.95 0.82
N ALA A 2 23.40 4.41 -0.36
CA ALA A 2 22.19 4.78 -1.08
C ALA A 2 20.94 4.54 -0.22
N ALA A 3 19.79 4.96 -0.74
CA ALA A 3 18.54 4.79 -0.01
C ALA A 3 17.49 4.10 -0.89
N THR A 4 17.43 2.77 -0.79
CA THR A 4 16.48 1.99 -1.57
C THR A 4 15.72 1.00 -0.69
N VAL A 5 15.62 1.32 0.60
CA VAL A 5 14.93 0.46 1.54
C VAL A 5 14.30 1.27 2.67
N CYS A 6 12.98 1.21 2.77
CA CYS A 6 12.25 1.94 3.80
C CYS A 6 11.76 1.00 4.89
N THR A 7 12.31 1.15 6.10
CA THR A 7 11.92 0.31 7.23
C THR A 7 10.74 0.90 7.98
N ILE A 8 9.94 0.04 8.58
CA ILE A 8 8.77 0.48 9.33
C ILE A 8 8.76 -0.12 10.74
N ALA A 9 7.64 0.05 11.44
CA ALA A 9 7.51 -0.48 12.79
C ALA A 9 8.04 -1.91 12.88
N ASP A 10 7.60 -2.75 11.96
CA ASP A 10 8.03 -4.15 11.93
C ASP A 10 7.92 -4.72 10.52
N MET A 11 8.63 -4.11 9.58
CA MET A 11 8.61 -4.55 8.19
C MET A 11 9.70 -3.87 7.38
N THR A 12 9.95 -4.37 6.17
CA THR A 12 10.96 -3.80 5.30
C THR A 12 10.44 -3.62 3.89
N VAL A 13 10.10 -2.37 3.55
CA VAL A 13 9.58 -2.06 2.22
C VAL A 13 10.72 -1.71 1.26
N ASP A 14 10.58 -2.17 0.02
CA ASP A 14 11.59 -1.91 -1.01
C ASP A 14 11.05 -0.97 -2.08
N MET A 15 11.69 0.18 -2.23
CA MET A 15 11.27 1.17 -3.23
C MET A 15 11.85 0.83 -4.59
N VAL A 16 12.75 -0.15 -4.64
CA VAL A 16 13.37 -0.56 -5.89
C VAL A 16 12.84 -1.91 -6.34
N ARG A 17 12.46 -2.75 -5.39
CA ARG A 17 11.94 -4.08 -5.69
C ARG A 17 10.42 -4.11 -5.49
N ARG A 18 9.90 -3.12 -4.78
CA ARG A 18 8.46 -3.04 -4.51
C ARG A 18 7.98 -4.29 -3.78
N THR A 19 8.58 -4.56 -2.63
CA THR A 19 8.20 -5.73 -1.84
C THR A 19 8.04 -5.36 -0.36
N VAL A 20 7.61 -6.32 0.43
CA VAL A 20 7.42 -6.10 1.86
C VAL A 20 7.83 -7.32 2.67
N ILE A 21 8.81 -7.13 3.55
CA ILE A 21 9.31 -8.22 4.38
C ILE A 21 9.03 -7.95 5.86
N ARG A 22 8.10 -8.72 6.43
CA ARG A 22 7.75 -8.57 7.84
C ARG A 22 8.42 -9.64 8.69
N SER A 23 9.21 -9.19 9.66
CA SER A 23 9.92 -10.11 10.54
C SER A 23 10.93 -10.95 9.77
N GLY A 24 11.27 -10.49 8.56
CA GLY A 24 12.21 -11.22 7.73
C GLY A 24 11.54 -12.15 6.74
N LYS A 25 10.20 -12.12 6.73
CA LYS A 25 9.43 -12.96 5.82
C LYS A 25 8.63 -12.11 4.84
N LYS A 26 8.89 -12.29 3.55
CA LYS A 26 8.19 -11.54 2.51
C LYS A 26 6.76 -12.04 2.35
N ILE A 27 5.80 -11.11 2.40
CA ILE A 27 4.39 -11.46 2.26
C ILE A 27 4.02 -11.64 0.80
N HIS A 28 3.14 -12.61 0.53
CA HIS A 28 2.69 -12.88 -0.83
C HIS A 28 1.54 -11.96 -1.23
N LEU A 29 1.48 -11.59 -2.50
CA LEU A 29 0.44 -10.71 -3.00
C LEU A 29 0.09 -11.04 -4.44
N THR A 30 -0.97 -10.41 -4.96
CA THR A 30 -1.40 -10.65 -6.33
C THR A 30 -1.14 -9.41 -7.21
N GLY A 31 -1.49 -9.52 -8.49
CA GLY A 31 -1.28 -8.42 -9.40
C GLY A 31 -1.91 -7.12 -8.90
N LYS A 32 -3.19 -7.19 -8.57
CA LYS A 32 -3.91 -6.01 -8.09
C LYS A 32 -3.23 -5.43 -6.84
N GLU A 33 -3.00 -6.28 -5.86
CA GLU A 33 -2.35 -5.85 -4.62
C GLU A 33 -0.99 -5.23 -4.91
N TYR A 34 -0.25 -5.83 -5.83
CA TYR A 34 1.08 -5.34 -6.19
C TYR A 34 1.00 -3.92 -6.75
N VAL A 35 -0.10 -3.63 -7.45
CA VAL A 35 -0.30 -2.30 -8.02
C VAL A 35 -0.56 -1.26 -6.95
N LEU A 36 -1.40 -1.62 -5.98
CA LEU A 36 -1.73 -0.72 -4.89
C LEU A 36 -0.56 -0.57 -3.91
N LEU A 37 0.21 -1.65 -3.77
CA LEU A 37 1.36 -1.65 -2.88
C LEU A 37 2.54 -0.91 -3.51
N GLU A 38 2.91 -1.32 -4.73
CA GLU A 38 4.02 -0.69 -5.43
C GLU A 38 3.85 0.82 -5.49
N LEU A 39 2.60 1.26 -5.58
CA LEU A 39 2.29 2.69 -5.64
C LEU A 39 2.36 3.32 -4.25
N LEU A 40 1.88 2.59 -3.25
CA LEU A 40 1.88 3.08 -1.88
C LEU A 40 3.31 3.26 -1.37
N LEU A 41 4.13 2.23 -1.56
CA LEU A 41 5.52 2.28 -1.12
C LEU A 41 6.31 3.31 -1.93
N GLN A 42 6.14 3.28 -3.25
CA GLN A 42 6.83 4.20 -4.13
C GLN A 42 6.61 5.65 -3.70
N ARG A 43 5.36 5.98 -3.41
CA ARG A 43 5.00 7.33 -2.99
C ARG A 43 4.92 7.42 -1.46
N THR A 44 5.59 6.49 -0.79
CA THR A 44 5.59 6.46 0.67
C THR A 44 5.95 7.81 1.25
N GLY A 45 5.20 8.24 2.26
CA GLY A 45 5.45 9.52 2.89
C GLY A 45 4.49 10.60 2.44
N GLU A 46 3.96 10.43 1.22
CA GLU A 46 3.01 11.40 0.67
C GLU A 46 1.70 10.72 0.28
N VAL A 47 0.64 11.51 0.24
CA VAL A 47 -0.68 10.98 -0.11
C VAL A 47 -0.89 10.98 -1.63
N LEU A 48 -1.34 9.85 -2.16
CA LEU A 48 -1.58 9.72 -3.59
C LEU A 48 -3.06 9.55 -3.88
N PRO A 49 -3.45 9.82 -5.13
CA PRO A 49 -4.86 9.70 -5.56
C PRO A 49 -5.32 8.26 -5.63
N ARG A 50 -6.62 8.06 -5.84
CA ARG A 50 -7.19 6.72 -5.93
C ARG A 50 -7.47 6.34 -7.38
N SER A 51 -7.88 7.33 -8.17
CA SER A 51 -8.19 7.09 -9.59
C SER A 51 -6.95 6.62 -10.34
N LEU A 52 -5.81 7.25 -10.07
CA LEU A 52 -4.56 6.90 -10.72
C LEU A 52 -4.24 5.43 -10.50
N ILE A 53 -4.25 5.00 -9.25
CA ILE A 53 -3.97 3.61 -8.91
C ILE A 53 -4.90 2.67 -9.65
N SER A 54 -6.18 3.01 -9.68
CA SER A 54 -7.19 2.19 -10.35
C SER A 54 -6.85 2.02 -11.83
N SER A 55 -6.20 3.04 -12.40
CA SER A 55 -5.83 3.01 -13.80
C SER A 55 -4.67 2.05 -14.04
N LEU A 56 -3.83 1.88 -13.02
CA LEU A 56 -2.67 0.99 -13.12
C LEU A 56 -3.12 -0.47 -13.08
N VAL A 57 -4.39 -0.69 -12.77
CA VAL A 57 -4.95 -2.04 -12.70
C VAL A 57 -6.16 -2.18 -13.61
N TRP A 58 -7.28 -1.63 -13.18
CA TRP A 58 -8.52 -1.70 -13.95
C TRP A 58 -8.54 -0.62 -15.04
N ASN A 59 -8.78 0.62 -14.62
CA ASN A 59 -8.82 1.73 -15.57
C ASN A 59 -9.10 3.04 -14.84
N MET A 60 -9.13 4.14 -15.59
CA MET A 60 -9.40 5.46 -15.02
C MET A 60 -10.80 5.93 -15.36
N ASN A 61 -11.33 6.84 -14.56
CA ASN A 61 -12.67 7.38 -14.79
C ASN A 61 -12.91 8.61 -13.92
N PHE A 62 -13.73 9.52 -14.43
CA PHE A 62 -14.05 10.76 -13.70
C PHE A 62 -14.84 10.44 -12.43
N ASP A 63 -15.48 9.27 -12.42
CA ASP A 63 -16.27 8.86 -11.26
C ASP A 63 -15.52 7.83 -10.43
N SER A 64 -16.22 7.22 -9.48
CA SER A 64 -15.61 6.22 -8.60
C SER A 64 -15.88 4.81 -9.13
N ASP A 65 -15.04 3.87 -8.73
CA ASP A 65 -15.18 2.48 -9.15
C ASP A 65 -15.34 1.55 -7.95
N THR A 66 -16.51 1.61 -7.32
CA THR A 66 -16.79 0.78 -6.16
C THR A 66 -15.59 0.74 -5.21
N ASN A 67 -14.85 1.83 -5.16
CA ASN A 67 -13.67 1.92 -4.30
C ASN A 67 -12.81 0.66 -4.43
N VAL A 68 -12.66 0.18 -5.65
CA VAL A 68 -11.87 -1.02 -5.91
C VAL A 68 -10.49 -0.91 -5.26
N ILE A 69 -9.97 0.31 -5.16
CA ILE A 69 -8.67 0.55 -4.55
C ILE A 69 -8.72 0.38 -3.05
N ASP A 70 -9.59 1.15 -2.39
CA ASP A 70 -9.74 1.07 -0.95
C ASP A 70 -10.15 -0.33 -0.52
N VAL A 71 -10.90 -1.02 -1.37
CA VAL A 71 -11.36 -2.37 -1.07
C VAL A 71 -10.23 -3.39 -1.25
N ALA A 72 -9.34 -3.10 -2.21
CA ALA A 72 -8.22 -3.98 -2.48
C ALA A 72 -7.23 -3.99 -1.33
N VAL A 73 -7.02 -2.82 -0.72
CA VAL A 73 -6.09 -2.68 0.39
C VAL A 73 -6.72 -3.21 1.69
N ARG A 74 -8.02 -2.99 1.84
CA ARG A 74 -8.73 -3.45 3.02
C ARG A 74 -8.95 -4.96 2.99
N ARG A 75 -9.24 -5.48 1.80
CA ARG A 75 -9.48 -6.90 1.63
C ARG A 75 -8.19 -7.69 1.81
N LEU A 76 -7.10 -7.16 1.28
CA LEU A 76 -5.80 -7.81 1.38
C LEU A 76 -5.25 -7.72 2.80
N ARG A 77 -5.52 -6.59 3.46
CA ARG A 77 -5.06 -6.37 4.82
C ARG A 77 -5.66 -7.39 5.77
N SER A 78 -6.98 -7.58 5.67
CA SER A 78 -7.69 -8.52 6.53
C SER A 78 -7.55 -9.94 6.00
N LYS A 79 -6.82 -10.09 4.91
CA LYS A 79 -6.60 -11.41 4.30
C LYS A 79 -5.45 -12.12 4.98
N ILE A 80 -4.49 -11.36 5.49
CA ILE A 80 -3.33 -11.93 6.16
C ILE A 80 -2.81 -10.99 7.25
N ASP A 81 -2.76 -9.71 6.94
CA ASP A 81 -2.28 -8.70 7.88
C ASP A 81 -3.19 -8.65 9.11
N ASP A 82 -4.39 -9.19 8.98
CA ASP A 82 -5.36 -9.20 10.07
C ASP A 82 -4.72 -9.72 11.35
N ASP A 83 -3.99 -10.83 11.23
CA ASP A 83 -3.32 -11.43 12.38
C ASP A 83 -1.83 -11.60 12.12
N PHE A 84 -1.22 -10.58 11.52
CA PHE A 84 0.20 -10.63 11.20
C PHE A 84 0.85 -9.27 11.46
N GLU A 85 0.16 -8.20 11.07
CA GLU A 85 0.67 -6.85 11.25
C GLU A 85 -0.46 -5.89 11.60
N PRO A 86 -0.09 -4.73 12.17
CA PRO A 86 -1.07 -3.70 12.57
C PRO A 86 -1.70 -3.02 11.38
N LYS A 87 -2.42 -1.93 11.63
CA LYS A 87 -3.09 -1.18 10.58
C LYS A 87 -2.26 0.02 10.14
N LEU A 88 -1.81 0.00 8.89
CA LEU A 88 -1.00 1.09 8.36
C LEU A 88 -1.74 1.83 7.24
N ILE A 89 -3.05 1.62 7.17
CA ILE A 89 -3.87 2.26 6.16
C ILE A 89 -4.42 3.59 6.65
N HIS A 90 -3.74 4.68 6.30
CA HIS A 90 -4.16 6.01 6.70
C HIS A 90 -4.62 6.83 5.50
N THR A 91 -5.75 7.51 5.65
CA THR A 91 -6.29 8.33 4.57
C THR A 91 -6.56 9.76 5.05
N VAL A 92 -6.03 10.73 4.31
CA VAL A 92 -6.23 12.14 4.66
C VAL A 92 -7.49 12.70 4.01
N ARG A 93 -8.37 13.25 4.84
CA ARG A 93 -9.62 13.82 4.36
C ARG A 93 -9.35 14.93 3.33
N GLY A 94 -9.46 14.57 2.06
CA GLY A 94 -9.22 15.54 1.00
C GLY A 94 -7.87 15.35 0.32
N ALA A 95 -7.49 14.08 0.14
CA ALA A 95 -6.21 13.76 -0.50
C ALA A 95 -6.32 12.48 -1.31
N GLY A 96 -6.38 11.35 -0.61
CA GLY A 96 -6.48 10.07 -1.29
C GLY A 96 -6.21 8.90 -0.36
N TYR A 97 -5.00 8.34 -0.46
CA TYR A 97 -4.62 7.21 0.38
C TYR A 97 -3.11 7.16 0.58
N VAL A 98 -2.69 6.81 1.79
CA VAL A 98 -1.27 6.73 2.11
C VAL A 98 -1.02 5.72 3.23
N LEU A 99 0.23 5.27 3.34
CA LEU A 99 0.60 4.31 4.36
C LEU A 99 1.39 4.98 5.49
N GLU A 100 1.34 4.40 6.68
CA GLU A 100 2.04 4.93 7.83
C GLU A 100 1.90 4.02 9.04
N ILE A 101 2.65 4.33 10.09
CA ILE A 101 2.60 3.53 11.31
C ILE A 101 2.25 4.40 12.52
N ARG A 102 1.77 3.76 13.58
CA ARG A 102 1.40 4.48 14.80
C ARG A 102 2.62 4.74 15.68
N GLU A 103 3.66 3.91 15.51
CA GLU A 103 4.88 4.06 16.28
C GLU A 103 5.56 5.39 15.97
N GLU A 104 5.24 5.95 14.81
CA GLU A 104 5.84 7.23 14.40
C GLU A 104 5.72 8.27 15.51
N MET A 1 25.35 2.31 1.00
CA MET A 1 25.54 3.73 0.72
C MET A 1 24.44 4.26 -0.19
N ALA A 2 23.22 3.78 0.02
CA ALA A 2 22.08 4.20 -0.79
C ALA A 2 20.77 4.02 -0.02
N ALA A 3 19.74 4.74 -0.44
CA ALA A 3 18.44 4.66 0.20
C ALA A 3 17.46 3.88 -0.67
N THR A 4 17.66 2.57 -0.76
CA THR A 4 16.79 1.71 -1.56
C THR A 4 16.02 0.75 -0.68
N VAL A 5 15.59 1.22 0.49
CA VAL A 5 14.84 0.40 1.42
C VAL A 5 14.25 1.24 2.55
N CYS A 6 12.94 1.16 2.73
CA CYS A 6 12.25 1.92 3.77
C CYS A 6 11.72 0.99 4.86
N THR A 7 12.27 1.11 6.06
CA THR A 7 11.86 0.27 7.18
C THR A 7 10.66 0.88 7.89
N ILE A 8 9.84 0.02 8.50
CA ILE A 8 8.65 0.47 9.21
C ILE A 8 8.64 -0.07 10.64
N ALA A 9 7.52 0.12 11.33
CA ALA A 9 7.36 -0.36 12.70
C ALA A 9 7.89 -1.79 12.84
N ASP A 10 7.46 -2.66 11.93
CA ASP A 10 7.88 -4.06 11.96
C ASP A 10 7.80 -4.68 10.57
N MET A 11 8.52 -4.09 9.61
CA MET A 11 8.53 -4.58 8.24
C MET A 11 9.64 -3.91 7.43
N THR A 12 9.88 -4.42 6.23
CA THR A 12 10.90 -3.88 5.36
C THR A 12 10.39 -3.72 3.93
N VAL A 13 10.07 -2.50 3.55
CA VAL A 13 9.56 -2.22 2.21
C VAL A 13 10.70 -1.87 1.26
N ASP A 14 10.62 -2.40 0.04
CA ASP A 14 11.64 -2.15 -0.97
C ASP A 14 11.13 -1.19 -2.04
N MET A 15 11.86 -0.10 -2.24
CA MET A 15 11.49 0.90 -3.24
C MET A 15 11.97 0.49 -4.62
N VAL A 16 12.84 -0.51 -4.67
CA VAL A 16 13.38 -0.99 -5.94
C VAL A 16 12.77 -2.33 -6.32
N ARG A 17 12.41 -3.12 -5.32
CA ARG A 17 11.83 -4.43 -5.55
C ARG A 17 10.31 -4.39 -5.33
N ARG A 18 9.84 -3.35 -4.65
CA ARG A 18 8.43 -3.20 -4.37
C ARG A 18 7.87 -4.41 -3.62
N THR A 19 8.51 -4.74 -2.50
CA THR A 19 8.09 -5.88 -1.70
C THR A 19 7.93 -5.48 -0.23
N VAL A 20 7.51 -6.44 0.59
CA VAL A 20 7.32 -6.20 2.02
C VAL A 20 7.73 -7.40 2.85
N ILE A 21 8.76 -7.21 3.67
CA ILE A 21 9.26 -8.28 4.52
C ILE A 21 8.97 -8.01 5.99
N ARG A 22 8.07 -8.80 6.56
CA ARG A 22 7.70 -8.64 7.96
C ARG A 22 8.41 -9.66 8.84
N SER A 23 9.19 -9.16 9.79
CA SER A 23 9.95 -10.02 10.70
C SER A 23 10.85 -10.97 9.92
N GLY A 24 11.21 -10.57 8.70
CA GLY A 24 12.07 -11.39 7.87
C GLY A 24 11.28 -12.34 6.98
N LYS A 25 9.98 -12.12 6.90
CA LYS A 25 9.11 -12.95 6.08
C LYS A 25 8.35 -12.11 5.07
N LYS A 26 8.57 -12.39 3.78
CA LYS A 26 7.89 -11.66 2.72
C LYS A 26 6.44 -12.06 2.62
N ILE A 27 5.56 -11.06 2.51
CA ILE A 27 4.12 -11.32 2.42
C ILE A 27 3.71 -11.56 0.97
N HIS A 28 2.75 -12.46 0.78
CA HIS A 28 2.25 -12.78 -0.55
C HIS A 28 1.03 -11.93 -0.91
N LEU A 29 0.90 -11.62 -2.19
CA LEU A 29 -0.23 -10.81 -2.65
C LEU A 29 -0.49 -11.05 -4.13
N THR A 30 -1.46 -10.34 -4.68
CA THR A 30 -1.82 -10.47 -6.09
C THR A 30 -1.46 -9.21 -6.87
N GLY A 31 -1.86 -9.17 -8.14
CA GLY A 31 -1.57 -8.02 -8.98
C GLY A 31 -2.21 -6.76 -8.44
N LYS A 32 -3.51 -6.81 -8.20
CA LYS A 32 -4.25 -5.66 -7.69
C LYS A 32 -3.62 -5.14 -6.40
N GLU A 33 -3.42 -6.04 -5.44
CA GLU A 33 -2.83 -5.67 -4.15
C GLU A 33 -1.42 -5.14 -4.35
N TYR A 34 -0.70 -5.69 -5.33
CA TYR A 34 0.67 -5.28 -5.61
C TYR A 34 0.70 -3.85 -6.16
N VAL A 35 -0.31 -3.50 -6.94
CA VAL A 35 -0.40 -2.17 -7.53
C VAL A 35 -0.70 -1.12 -6.47
N LEU A 36 -1.58 -1.46 -5.53
CA LEU A 36 -1.95 -0.54 -4.46
C LEU A 36 -0.81 -0.40 -3.45
N LEU A 37 -0.09 -1.48 -3.22
CA LEU A 37 1.04 -1.48 -2.28
C LEU A 37 2.25 -0.80 -2.90
N GLU A 38 2.64 -1.27 -4.09
CA GLU A 38 3.79 -0.70 -4.78
C GLU A 38 3.67 0.82 -4.89
N LEU A 39 2.44 1.30 -4.99
CA LEU A 39 2.20 2.74 -5.11
C LEU A 39 2.30 3.41 -3.75
N LEU A 40 1.75 2.76 -2.72
CA LEU A 40 1.80 3.29 -1.36
C LEU A 40 3.23 3.53 -0.91
N LEU A 41 4.08 2.52 -1.09
CA LEU A 41 5.48 2.63 -0.69
C LEU A 41 6.22 3.61 -1.60
N GLN A 42 6.00 3.48 -2.90
CA GLN A 42 6.66 4.36 -3.88
C GLN A 42 6.39 5.83 -3.54
N ARG A 43 5.15 6.13 -3.18
CA ARG A 43 4.77 7.49 -2.84
C ARG A 43 4.55 7.65 -1.34
N THR A 44 5.21 6.78 -0.57
CA THR A 44 5.09 6.82 0.88
C THR A 44 5.36 8.22 1.43
N GLY A 45 4.57 8.62 2.43
CA GLY A 45 4.75 9.93 3.02
C GLY A 45 3.77 10.94 2.47
N GLU A 46 3.17 10.64 1.32
CA GLU A 46 2.21 11.53 0.69
C GLU A 46 0.98 10.76 0.21
N VAL A 47 -0.20 11.34 0.46
CA VAL A 47 -1.45 10.71 0.05
C VAL A 47 -1.71 10.92 -1.44
N LEU A 48 -2.11 9.84 -2.12
CA LEU A 48 -2.39 9.91 -3.54
C LEU A 48 -3.89 9.75 -3.80
N PRO A 49 -4.33 10.21 -4.98
CA PRO A 49 -5.75 10.13 -5.38
C PRO A 49 -6.19 8.69 -5.67
N ARG A 50 -7.49 8.50 -5.78
CA ARG A 50 -8.05 7.17 -6.05
C ARG A 50 -7.99 6.85 -7.54
N SER A 51 -8.39 7.83 -8.36
CA SER A 51 -8.39 7.65 -9.81
C SER A 51 -7.04 7.15 -10.30
N LEU A 52 -5.98 7.55 -9.61
CA LEU A 52 -4.62 7.15 -9.97
C LEU A 52 -4.44 5.65 -9.79
N ILE A 53 -4.77 5.16 -8.60
CA ILE A 53 -4.64 3.73 -8.30
C ILE A 53 -5.32 2.89 -9.37
N SER A 54 -6.59 3.17 -9.61
CA SER A 54 -7.36 2.43 -10.61
C SER A 54 -6.68 2.48 -11.97
N SER A 55 -6.00 3.59 -12.25
CA SER A 55 -5.30 3.77 -13.51
C SER A 55 -4.05 2.91 -13.57
N LEU A 56 -3.45 2.67 -12.40
CA LEU A 56 -2.24 1.86 -12.32
C LEU A 56 -2.53 0.40 -12.59
N VAL A 57 -3.82 0.06 -12.62
CA VAL A 57 -4.25 -1.32 -12.87
C VAL A 57 -5.18 -1.39 -14.07
N TRP A 58 -6.42 -0.97 -13.87
CA TRP A 58 -7.42 -0.99 -14.93
C TRP A 58 -7.32 0.27 -15.79
N ASN A 59 -7.82 1.39 -15.26
CA ASN A 59 -7.79 2.66 -15.97
C ASN A 59 -8.37 3.77 -15.10
N MET A 60 -8.43 4.98 -15.67
CA MET A 60 -8.96 6.13 -14.97
C MET A 60 -10.13 6.74 -15.72
N ASN A 61 -11.34 6.33 -15.37
CA ASN A 61 -12.55 6.84 -16.02
C ASN A 61 -13.29 7.79 -15.10
N PHE A 62 -12.58 8.37 -14.14
CA PHE A 62 -13.17 9.32 -13.20
C PHE A 62 -14.42 8.71 -12.55
N ASP A 63 -14.40 7.40 -12.34
CA ASP A 63 -15.51 6.70 -11.73
C ASP A 63 -15.02 5.65 -10.74
N SER A 64 -15.57 5.69 -9.53
CA SER A 64 -15.20 4.74 -8.49
C SER A 64 -15.93 3.42 -8.66
N ASP A 65 -15.31 2.48 -9.36
CA ASP A 65 -15.90 1.17 -9.59
C ASP A 65 -16.03 0.39 -8.29
N THR A 66 -17.23 0.39 -7.71
CA THR A 66 -17.49 -0.32 -6.47
C THR A 66 -16.35 -0.12 -5.48
N ASN A 67 -15.72 1.06 -5.53
CA ASN A 67 -14.61 1.38 -4.65
C ASN A 67 -13.63 0.21 -4.57
N VAL A 68 -13.35 -0.40 -5.72
CA VAL A 68 -12.43 -1.52 -5.78
C VAL A 68 -11.11 -1.19 -5.08
N ILE A 69 -10.76 0.10 -5.08
CA ILE A 69 -9.52 0.54 -4.44
C ILE A 69 -9.55 0.28 -2.95
N ASP A 70 -10.54 0.83 -2.27
CA ASP A 70 -10.68 0.66 -0.83
C ASP A 70 -10.92 -0.81 -0.49
N VAL A 71 -11.54 -1.54 -1.41
CA VAL A 71 -11.82 -2.96 -1.19
C VAL A 71 -10.55 -3.80 -1.38
N ALA A 72 -9.69 -3.36 -2.28
CA ALA A 72 -8.44 -4.07 -2.55
C ALA A 72 -7.49 -3.99 -1.36
N VAL A 73 -7.45 -2.81 -0.73
CA VAL A 73 -6.59 -2.61 0.42
C VAL A 73 -7.17 -3.25 1.67
N ARG A 74 -8.49 -3.22 1.80
CA ARG A 74 -9.18 -3.80 2.94
C ARG A 74 -9.18 -5.32 2.85
N ARG A 75 -9.41 -5.84 1.65
CA ARG A 75 -9.44 -7.28 1.43
C ARG A 75 -8.07 -7.89 1.64
N LEU A 76 -7.03 -7.21 1.17
CA LEU A 76 -5.67 -7.69 1.30
C LEU A 76 -5.19 -7.57 2.75
N ARG A 77 -5.65 -6.53 3.43
CA ARG A 77 -5.27 -6.31 4.82
C ARG A 77 -5.76 -7.44 5.72
N SER A 78 -7.01 -7.84 5.52
CA SER A 78 -7.61 -8.91 6.31
C SER A 78 -7.19 -10.27 5.77
N LYS A 79 -6.40 -10.27 4.71
CA LYS A 79 -5.92 -11.50 4.10
C LYS A 79 -4.65 -12.00 4.78
N ILE A 80 -3.93 -11.07 5.42
CA ILE A 80 -2.70 -11.43 6.12
C ILE A 80 -2.49 -10.52 7.33
N ASP A 81 -2.70 -9.22 7.14
CA ASP A 81 -2.53 -8.26 8.21
C ASP A 81 -3.61 -8.42 9.27
N ASP A 82 -4.64 -9.20 8.95
CA ASP A 82 -5.74 -9.44 9.86
C ASP A 82 -5.22 -9.86 11.24
N ASP A 83 -4.10 -10.57 11.25
CA ASP A 83 -3.50 -11.03 12.50
C ASP A 83 -1.99 -11.15 12.36
N PHE A 84 -1.36 -10.10 11.85
CA PHE A 84 0.09 -10.08 11.65
C PHE A 84 0.66 -8.71 11.96
N GLU A 85 0.24 -7.72 11.19
CA GLU A 85 0.72 -6.35 11.38
C GLU A 85 -0.44 -5.41 11.72
N PRO A 86 -0.11 -4.25 12.30
CA PRO A 86 -1.10 -3.24 12.69
C PRO A 86 -1.74 -2.57 11.48
N LYS A 87 -2.73 -1.72 11.74
CA LYS A 87 -3.42 -1.01 10.67
C LYS A 87 -2.60 0.18 10.19
N LEU A 88 -1.98 0.04 9.02
CA LEU A 88 -1.17 1.10 8.45
C LEU A 88 -1.92 1.84 7.35
N ILE A 89 -3.18 1.46 7.15
CA ILE A 89 -4.02 2.10 6.14
C ILE A 89 -4.58 3.43 6.63
N HIS A 90 -3.94 4.52 6.24
CA HIS A 90 -4.37 5.85 6.64
C HIS A 90 -4.97 6.61 5.46
N THR A 91 -6.11 7.25 5.68
CA THR A 91 -6.77 8.01 4.65
C THR A 91 -7.08 9.43 5.10
N VAL A 92 -6.56 10.41 4.36
CA VAL A 92 -6.78 11.82 4.70
C VAL A 92 -8.25 12.19 4.55
N ARG A 93 -8.72 13.08 5.43
CA ARG A 93 -10.11 13.53 5.39
C ARG A 93 -10.50 14.00 4.00
N GLY A 94 -9.52 14.50 3.25
CA GLY A 94 -9.78 14.97 1.91
C GLY A 94 -8.56 14.88 1.01
N ALA A 95 -8.38 13.73 0.37
CA ALA A 95 -7.24 13.52 -0.52
C ALA A 95 -7.36 12.19 -1.24
N GLY A 96 -7.18 11.09 -0.52
CA GLY A 96 -7.27 9.78 -1.11
C GLY A 96 -6.89 8.67 -0.14
N TYR A 97 -5.66 8.18 -0.28
CA TYR A 97 -5.18 7.11 0.59
C TYR A 97 -3.66 7.21 0.78
N VAL A 98 -3.18 6.71 1.91
CA VAL A 98 -1.76 6.74 2.22
C VAL A 98 -1.40 5.72 3.29
N LEU A 99 -0.12 5.37 3.37
CA LEU A 99 0.35 4.40 4.35
C LEU A 99 1.26 5.06 5.38
N GLU A 100 1.16 4.62 6.63
CA GLU A 100 1.97 5.16 7.70
C GLU A 100 1.79 4.36 8.99
N ILE A 101 2.71 4.54 9.93
CA ILE A 101 2.65 3.83 11.20
C ILE A 101 2.33 4.79 12.35
N ARG A 102 2.12 4.23 13.53
CA ARG A 102 1.80 5.03 14.71
C ARG A 102 3.05 5.29 15.54
N GLU A 103 4.01 4.37 15.46
CA GLU A 103 5.26 4.51 16.20
C GLU A 103 5.94 5.85 15.91
N GLU A 104 5.80 6.30 14.67
CA GLU A 104 6.39 7.57 14.25
C GLU A 104 5.97 8.71 15.18
N MET A 1 23.33 3.25 7.39
CA MET A 1 23.62 2.88 6.00
C MET A 1 22.42 2.21 5.35
N ALA A 2 21.52 3.03 4.80
CA ALA A 2 20.33 2.51 4.14
C ALA A 2 20.10 3.22 2.81
N ALA A 3 19.81 2.43 1.77
CA ALA A 3 19.57 2.97 0.44
C ALA A 3 18.69 2.03 -0.39
N THR A 4 17.81 2.61 -1.19
CA THR A 4 16.91 1.83 -2.03
C THR A 4 16.18 0.76 -1.22
N VAL A 5 15.95 1.06 0.06
CA VAL A 5 15.26 0.13 0.95
C VAL A 5 14.51 0.87 2.04
N CYS A 6 13.19 1.00 1.86
CA CYS A 6 12.35 1.70 2.82
C CYS A 6 11.89 0.75 3.92
N THR A 7 12.29 1.03 5.16
CA THR A 7 11.91 0.21 6.29
C THR A 7 10.70 0.78 7.02
N ILE A 8 9.89 -0.11 7.59
CA ILE A 8 8.70 0.31 8.32
C ILE A 8 8.65 -0.32 9.71
N ALA A 9 7.51 -0.19 10.37
CA ALA A 9 7.33 -0.74 11.71
C ALA A 9 7.92 -2.15 11.80
N ASP A 10 7.54 -3.00 10.86
CA ASP A 10 8.02 -4.38 10.83
C ASP A 10 7.97 -4.95 9.41
N MET A 11 8.69 -4.29 8.50
CA MET A 11 8.73 -4.74 7.11
C MET A 11 9.84 -4.02 6.34
N THR A 12 10.23 -4.59 5.22
CA THR A 12 11.29 -4.01 4.39
C THR A 12 10.84 -3.88 2.94
N VAL A 13 10.51 -2.65 2.54
CA VAL A 13 10.06 -2.39 1.17
C VAL A 13 11.24 -2.02 0.28
N ASP A 14 11.19 -2.46 -0.98
CA ASP A 14 12.25 -2.18 -1.93
C ASP A 14 11.74 -1.27 -3.05
N MET A 15 12.37 -0.11 -3.19
CA MET A 15 11.98 0.84 -4.22
C MET A 15 12.64 0.51 -5.56
N VAL A 16 13.53 -0.49 -5.54
CA VAL A 16 14.22 -0.91 -6.75
C VAL A 16 13.71 -2.26 -7.24
N ARG A 17 13.23 -3.08 -6.31
CA ARG A 17 12.71 -4.40 -6.64
C ARG A 17 11.19 -4.45 -6.45
N ARG A 18 10.65 -3.45 -5.76
CA ARG A 18 9.22 -3.38 -5.51
C ARG A 18 8.73 -4.62 -4.79
N THR A 19 9.31 -4.90 -3.62
CA THR A 19 8.93 -6.06 -2.82
C THR A 19 8.63 -5.66 -1.39
N VAL A 20 8.16 -6.63 -0.60
CA VAL A 20 7.84 -6.38 0.80
C VAL A 20 8.20 -7.58 1.67
N ILE A 21 9.20 -7.41 2.52
CA ILE A 21 9.65 -8.47 3.40
C ILE A 21 9.16 -8.24 4.83
N ARG A 22 8.31 -9.14 5.32
CA ARG A 22 7.77 -9.04 6.67
C ARG A 22 8.63 -9.81 7.66
N SER A 23 9.45 -9.10 8.43
CA SER A 23 10.32 -9.73 9.41
C SER A 23 11.15 -10.85 8.78
N GLY A 24 11.53 -10.64 7.52
CA GLY A 24 12.31 -11.64 6.81
C GLY A 24 11.45 -12.64 6.06
N LYS A 25 10.17 -12.30 5.91
CA LYS A 25 9.25 -13.18 5.20
C LYS A 25 8.45 -12.40 4.16
N LYS A 26 8.86 -12.52 2.90
CA LYS A 26 8.19 -11.83 1.80
C LYS A 26 6.71 -12.21 1.74
N ILE A 27 5.85 -11.23 1.88
CA ILE A 27 4.40 -11.46 1.83
C ILE A 27 3.93 -11.68 0.41
N HIS A 28 3.04 -12.66 0.23
CA HIS A 28 2.51 -12.98 -1.10
C HIS A 28 1.15 -12.31 -1.30
N LEU A 29 1.05 -11.50 -2.35
CA LEU A 29 -0.20 -10.81 -2.65
C LEU A 29 -0.61 -11.03 -4.11
N THR A 30 -1.67 -10.37 -4.52
CA THR A 30 -2.17 -10.50 -5.90
C THR A 30 -1.83 -9.26 -6.72
N GLY A 31 -2.22 -9.28 -8.00
CA GLY A 31 -1.94 -8.15 -8.86
C GLY A 31 -2.53 -6.86 -8.34
N LYS A 32 -3.82 -6.88 -8.03
CA LYS A 32 -4.51 -5.69 -7.52
C LYS A 32 -3.82 -5.19 -6.25
N GLU A 33 -3.65 -6.07 -5.28
CA GLU A 33 -3.01 -5.70 -4.02
C GLU A 33 -1.59 -5.16 -4.27
N TYR A 34 -0.89 -5.78 -5.19
CA TYR A 34 0.47 -5.38 -5.52
C TYR A 34 0.48 -4.00 -6.15
N VAL A 35 -0.57 -3.68 -6.90
CA VAL A 35 -0.68 -2.38 -7.56
C VAL A 35 -0.93 -1.27 -6.55
N LEU A 36 -1.73 -1.57 -5.53
CA LEU A 36 -2.05 -0.60 -4.50
C LEU A 36 -0.88 -0.42 -3.54
N LEU A 37 -0.13 -1.49 -3.32
CA LEU A 37 1.03 -1.44 -2.43
C LEU A 37 2.24 -0.83 -3.13
N GLU A 38 2.55 -1.34 -4.31
CA GLU A 38 3.68 -0.85 -5.09
C GLU A 38 3.61 0.67 -5.24
N LEU A 39 2.39 1.19 -5.39
CA LEU A 39 2.18 2.63 -5.55
C LEU A 39 2.26 3.34 -4.20
N LEU A 40 1.62 2.75 -3.19
CA LEU A 40 1.63 3.32 -1.85
C LEU A 40 3.05 3.48 -1.32
N LEU A 41 3.83 2.42 -1.43
CA LEU A 41 5.22 2.43 -0.96
C LEU A 41 6.07 3.33 -1.85
N GLN A 42 5.87 3.24 -3.15
CA GLN A 42 6.62 4.06 -4.11
C GLN A 42 6.56 5.53 -3.73
N ARG A 43 5.35 6.00 -3.42
CA ARG A 43 5.16 7.40 -3.05
C ARG A 43 4.96 7.54 -1.54
N THR A 44 5.48 6.57 -0.78
CA THR A 44 5.37 6.59 0.66
C THR A 44 5.82 7.92 1.24
N GLY A 45 5.06 8.42 2.21
CA GLY A 45 5.40 9.70 2.82
C GLY A 45 4.50 10.83 2.36
N GLU A 46 3.89 10.66 1.19
CA GLU A 46 3.00 11.67 0.64
C GLU A 46 1.66 11.06 0.23
N VAL A 47 0.59 11.82 0.40
CA VAL A 47 -0.74 11.36 0.04
C VAL A 47 -0.99 11.47 -1.46
N LEU A 48 -1.30 10.35 -2.10
CA LEU A 48 -1.56 10.33 -3.53
C LEU A 48 -3.03 10.06 -3.81
N PRO A 49 -3.49 10.44 -5.01
CA PRO A 49 -4.88 10.24 -5.43
C PRO A 49 -5.21 8.77 -5.68
N ARG A 50 -6.48 8.42 -5.51
CA ARG A 50 -6.93 7.05 -5.71
C ARG A 50 -7.09 6.74 -7.19
N SER A 51 -7.44 7.77 -7.97
CA SER A 51 -7.63 7.59 -9.41
C SER A 51 -6.42 6.92 -10.04
N LEU A 52 -5.23 7.46 -9.77
CA LEU A 52 -4.00 6.90 -10.32
C LEU A 52 -3.90 5.41 -10.03
N ILE A 53 -4.06 5.05 -8.76
CA ILE A 53 -3.99 3.64 -8.36
C ILE A 53 -4.91 2.78 -9.21
N SER A 54 -6.19 3.16 -9.28
CA SER A 54 -7.17 2.41 -10.05
C SER A 54 -6.73 2.29 -11.51
N SER A 55 -6.00 3.29 -11.98
CA SER A 55 -5.51 3.30 -13.36
C SER A 55 -4.42 2.25 -13.56
N LEU A 56 -3.68 1.97 -12.49
CA LEU A 56 -2.60 0.99 -12.55
C LEU A 56 -3.16 -0.43 -12.62
N VAL A 57 -4.47 -0.56 -12.42
CA VAL A 57 -5.13 -1.86 -12.47
C VAL A 57 -6.25 -1.86 -13.48
N TRP A 58 -7.37 -1.24 -13.11
CA TRP A 58 -8.54 -1.17 -13.99
C TRP A 58 -8.45 0.06 -14.90
N ASN A 59 -8.73 1.22 -14.32
CA ASN A 59 -8.69 2.48 -15.08
C ASN A 59 -8.90 3.67 -14.16
N MET A 60 -8.91 4.87 -14.75
CA MET A 60 -9.10 6.09 -13.98
C MET A 60 -10.37 6.81 -14.42
N ASN A 61 -11.51 6.18 -14.19
CA ASN A 61 -12.79 6.76 -14.55
C ASN A 61 -13.03 8.07 -13.81
N PHE A 62 -13.97 8.86 -14.31
CA PHE A 62 -14.30 10.14 -13.69
C PHE A 62 -14.72 9.96 -12.24
N ASP A 63 -15.25 8.77 -11.93
CA ASP A 63 -15.68 8.46 -10.57
C ASP A 63 -14.91 7.26 -10.01
N SER A 64 -15.16 6.96 -8.74
CA SER A 64 -14.49 5.84 -8.09
C SER A 64 -15.01 4.51 -8.62
N ASP A 65 -14.09 3.64 -9.04
CA ASP A 65 -14.45 2.34 -9.57
C ASP A 65 -14.98 1.43 -8.47
N THR A 66 -16.27 1.54 -8.18
CA THR A 66 -16.91 0.73 -7.14
C THR A 66 -16.00 0.62 -5.91
N ASN A 67 -15.29 1.69 -5.61
CA ASN A 67 -14.39 1.71 -4.46
C ASN A 67 -13.56 0.43 -4.40
N VAL A 68 -13.08 -0.01 -5.56
CA VAL A 68 -12.28 -1.23 -5.63
C VAL A 68 -10.91 -1.03 -4.95
N ILE A 69 -10.44 0.21 -4.97
CA ILE A 69 -9.15 0.53 -4.36
C ILE A 69 -9.21 0.38 -2.84
N ASP A 70 -10.21 1.02 -2.24
CA ASP A 70 -10.38 0.96 -0.78
C ASP A 70 -10.67 -0.47 -0.33
N VAL A 71 -11.42 -1.21 -1.15
CA VAL A 71 -11.76 -2.58 -0.83
C VAL A 71 -10.57 -3.51 -1.03
N ALA A 72 -9.69 -3.16 -1.96
CA ALA A 72 -8.51 -3.95 -2.26
C ALA A 72 -7.50 -3.87 -1.11
N VAL A 73 -7.36 -2.69 -0.52
CA VAL A 73 -6.44 -2.48 0.59
C VAL A 73 -7.00 -3.05 1.89
N ARG A 74 -8.32 -2.95 2.05
CA ARG A 74 -8.98 -3.45 3.25
C ARG A 74 -9.07 -4.97 3.22
N ARG A 75 -9.35 -5.53 2.04
CA ARG A 75 -9.46 -6.98 1.89
C ARG A 75 -8.10 -7.65 2.06
N LEU A 76 -7.06 -7.02 1.51
CA LEU A 76 -5.71 -7.56 1.60
C LEU A 76 -5.16 -7.40 3.01
N ARG A 77 -5.53 -6.30 3.67
CA ARG A 77 -5.07 -6.03 5.03
C ARG A 77 -5.57 -7.10 6.00
N SER A 78 -6.86 -7.43 5.89
CA SER A 78 -7.47 -8.42 6.77
C SER A 78 -7.17 -9.84 6.27
N LYS A 79 -6.40 -9.92 5.19
CA LYS A 79 -6.04 -11.21 4.60
C LYS A 79 -4.78 -11.77 5.27
N ILE A 80 -3.85 -10.88 5.59
CA ILE A 80 -2.60 -11.29 6.23
C ILE A 80 -2.19 -10.30 7.32
N ASP A 81 -2.36 -9.01 7.03
CA ASP A 81 -2.02 -7.96 7.99
C ASP A 81 -2.87 -8.07 9.25
N ASP A 82 -3.98 -8.77 9.14
CA ASP A 82 -4.89 -8.95 10.27
C ASP A 82 -4.12 -9.41 11.51
N ASP A 83 -3.16 -10.30 11.31
CA ASP A 83 -2.36 -10.82 12.41
C ASP A 83 -0.87 -10.79 12.06
N PHE A 84 -0.46 -9.73 11.39
CA PHE A 84 0.94 -9.57 10.99
C PHE A 84 1.43 -8.15 11.24
N GLU A 85 0.58 -7.17 10.95
CA GLU A 85 0.93 -5.77 11.15
C GLU A 85 -0.30 -4.95 11.53
N PRO A 86 -0.07 -3.78 12.13
CA PRO A 86 -1.15 -2.88 12.56
C PRO A 86 -1.87 -2.25 11.38
N LYS A 87 -2.74 -1.27 11.67
CA LYS A 87 -3.50 -0.58 10.63
C LYS A 87 -2.69 0.58 10.06
N LEU A 88 -1.77 0.27 9.16
CA LEU A 88 -0.94 1.30 8.54
C LEU A 88 -1.74 2.11 7.52
N ILE A 89 -2.93 1.64 7.20
CA ILE A 89 -3.80 2.31 6.24
C ILE A 89 -4.22 3.68 6.77
N HIS A 90 -3.73 4.73 6.13
CA HIS A 90 -4.06 6.10 6.53
C HIS A 90 -4.58 6.90 5.34
N THR A 91 -5.79 7.45 5.48
CA THR A 91 -6.39 8.24 4.41
C THR A 91 -6.83 9.60 4.93
N VAL A 92 -6.27 10.66 4.35
CA VAL A 92 -6.61 12.02 4.75
C VAL A 92 -7.83 12.52 4.00
N ARG A 93 -8.87 12.89 4.74
CA ARG A 93 -10.10 13.39 4.14
C ARG A 93 -9.84 14.65 3.32
N GLY A 94 -9.73 14.48 2.01
CA GLY A 94 -9.48 15.61 1.13
C GLY A 94 -8.10 15.56 0.49
N ALA A 95 -7.53 14.36 0.43
CA ALA A 95 -6.21 14.17 -0.16
C ALA A 95 -6.18 12.96 -1.07
N GLY A 96 -6.32 11.77 -0.48
CA GLY A 96 -6.30 10.55 -1.26
C GLY A 96 -6.06 9.31 -0.41
N TYR A 97 -4.80 8.89 -0.33
CA TYR A 97 -4.44 7.72 0.45
C TYR A 97 -2.93 7.65 0.67
N VAL A 98 -2.53 7.26 1.87
CA VAL A 98 -1.11 7.15 2.21
C VAL A 98 -0.87 6.02 3.20
N LEU A 99 0.36 5.51 3.21
CA LEU A 99 0.72 4.42 4.12
C LEU A 99 1.74 4.88 5.15
N GLU A 100 1.51 4.53 6.41
CA GLU A 100 2.41 4.90 7.49
C GLU A 100 2.16 4.06 8.73
N ILE A 101 2.98 4.26 9.75
CA ILE A 101 2.85 3.50 11.00
C ILE A 101 2.52 4.42 12.16
N ARG A 102 2.08 3.83 13.27
CA ARG A 102 1.72 4.60 14.45
C ARG A 102 2.90 4.72 15.41
N GLU A 103 3.81 3.76 15.34
CA GLU A 103 4.99 3.76 16.19
C GLU A 103 5.82 5.02 15.98
N GLU A 104 5.85 5.50 14.74
CA GLU A 104 6.62 6.69 14.41
C GLU A 104 6.16 7.87 15.25
N MET A 1 25.17 6.10 1.95
CA MET A 1 24.94 7.37 1.23
C MET A 1 23.47 7.50 0.84
N ALA A 2 23.06 6.70 -0.15
CA ALA A 2 21.68 6.74 -0.62
C ALA A 2 20.81 5.76 0.15
N ALA A 3 19.51 5.78 -0.13
CA ALA A 3 18.57 4.89 0.54
C ALA A 3 17.77 4.07 -0.47
N THR A 4 17.86 2.75 -0.36
CA THR A 4 17.15 1.85 -1.26
C THR A 4 16.37 0.80 -0.49
N VAL A 5 15.88 1.19 0.69
CA VAL A 5 15.11 0.28 1.53
C VAL A 5 14.39 1.03 2.64
N CYS A 6 13.10 0.77 2.78
CA CYS A 6 12.30 1.42 3.81
C CYS A 6 11.81 0.40 4.85
N THR A 7 12.18 0.63 6.11
CA THR A 7 11.77 -0.26 7.18
C THR A 7 10.61 0.31 7.97
N ILE A 8 9.72 -0.57 8.45
CA ILE A 8 8.57 -0.14 9.22
C ILE A 8 8.48 -0.89 10.54
N ALA A 9 7.34 -0.75 11.21
CA ALA A 9 7.13 -1.42 12.50
C ALA A 9 7.65 -2.86 12.46
N ASP A 10 7.29 -3.60 11.43
CA ASP A 10 7.72 -4.97 11.28
C ASP A 10 7.63 -5.42 9.81
N MET A 11 8.35 -4.71 8.94
CA MET A 11 8.35 -5.03 7.52
C MET A 11 9.52 -4.33 6.81
N THR A 12 9.92 -4.87 5.67
CA THR A 12 11.01 -4.30 4.89
C THR A 12 10.59 -4.07 3.44
N VAL A 13 10.30 -2.81 3.10
CA VAL A 13 9.89 -2.47 1.75
C VAL A 13 11.10 -2.13 0.88
N ASP A 14 11.03 -2.48 -0.40
CA ASP A 14 12.11 -2.22 -1.33
C ASP A 14 11.64 -1.29 -2.46
N MET A 15 12.30 -0.14 -2.57
CA MET A 15 11.96 0.84 -3.60
C MET A 15 12.60 0.47 -4.94
N VAL A 16 13.56 -0.45 -4.89
CA VAL A 16 14.25 -0.89 -6.10
C VAL A 16 13.78 -2.28 -6.52
N ARG A 17 13.41 -3.10 -5.54
CA ARG A 17 12.95 -4.45 -5.81
C ARG A 17 11.42 -4.52 -5.79
N ARG A 18 10.80 -3.52 -5.17
CA ARG A 18 9.35 -3.46 -5.07
C ARG A 18 8.81 -4.69 -4.35
N THR A 19 9.37 -4.99 -3.18
CA THR A 19 8.94 -6.15 -2.40
C THR A 19 8.70 -5.76 -0.95
N VAL A 20 8.08 -6.67 -0.20
CA VAL A 20 7.79 -6.43 1.21
C VAL A 20 8.06 -7.67 2.05
N ILE A 21 9.00 -7.56 2.99
CA ILE A 21 9.36 -8.67 3.85
C ILE A 21 8.79 -8.48 5.25
N ARG A 22 7.77 -9.29 5.58
CA ARG A 22 7.13 -9.20 6.89
C ARG A 22 7.74 -10.22 7.85
N SER A 23 8.32 -9.72 8.95
CA SER A 23 8.95 -10.58 9.94
C SER A 23 9.99 -11.49 9.30
N GLY A 24 10.61 -11.00 8.23
CA GLY A 24 11.62 -11.79 7.55
C GLY A 24 11.02 -12.74 6.52
N LYS A 25 9.74 -12.57 6.25
CA LYS A 25 9.04 -13.42 5.28
C LYS A 25 8.29 -12.57 4.26
N LYS A 26 8.68 -12.68 3.00
CA LYS A 26 8.05 -11.94 1.92
C LYS A 26 6.56 -12.29 1.81
N ILE A 27 5.71 -11.29 1.97
CA ILE A 27 4.27 -11.50 1.89
C ILE A 27 3.83 -11.75 0.45
N HIS A 28 2.85 -12.62 0.28
CA HIS A 28 2.33 -12.95 -1.05
C HIS A 28 1.09 -12.13 -1.37
N LEU A 29 1.06 -11.56 -2.56
CA LEU A 29 -0.08 -10.75 -3.00
C LEU A 29 -0.45 -11.04 -4.44
N THR A 30 -1.51 -10.41 -4.91
CA THR A 30 -1.98 -10.61 -6.29
C THR A 30 -1.65 -9.40 -7.16
N GLY A 31 -2.03 -9.48 -8.43
CA GLY A 31 -1.78 -8.38 -9.35
C GLY A 31 -2.36 -7.06 -8.86
N LYS A 32 -3.65 -7.08 -8.53
CA LYS A 32 -4.33 -5.88 -8.05
C LYS A 32 -3.66 -5.35 -6.78
N GLU A 33 -3.50 -6.22 -5.79
CA GLU A 33 -2.87 -5.84 -4.54
C GLU A 33 -1.48 -5.26 -4.78
N TYR A 34 -0.74 -5.89 -5.68
CA TYR A 34 0.61 -5.45 -6.00
C TYR A 34 0.61 -4.03 -6.57
N VAL A 35 -0.46 -3.71 -7.30
CA VAL A 35 -0.59 -2.39 -7.91
C VAL A 35 -0.83 -1.32 -6.85
N LEU A 36 -1.71 -1.63 -5.91
CA LEU A 36 -2.04 -0.69 -4.82
C LEU A 36 -0.89 -0.60 -3.83
N LEU A 37 -0.15 -1.69 -3.68
CA LEU A 37 0.97 -1.72 -2.75
C LEU A 37 2.20 -1.04 -3.36
N GLU A 38 2.59 -1.49 -4.55
CA GLU A 38 3.74 -0.92 -5.24
C GLU A 38 3.62 0.61 -5.32
N LEU A 39 2.40 1.09 -5.47
CA LEU A 39 2.16 2.54 -5.56
C LEU A 39 2.19 3.18 -4.18
N LEU A 40 1.60 2.51 -3.20
CA LEU A 40 1.56 3.01 -1.84
C LEU A 40 2.97 3.18 -1.28
N LEU A 41 3.78 2.14 -1.42
CA LEU A 41 5.16 2.18 -0.93
C LEU A 41 6.00 3.15 -1.74
N GLN A 42 5.85 3.10 -3.06
CA GLN A 42 6.60 3.98 -3.95
C GLN A 42 6.40 5.45 -3.56
N ARG A 43 5.16 5.79 -3.20
CA ARG A 43 4.84 7.16 -2.80
C ARG A 43 4.69 7.27 -1.29
N THR A 44 5.29 6.31 -0.57
CA THR A 44 5.22 6.30 0.88
C THR A 44 5.62 7.65 1.47
N GLY A 45 4.88 8.10 2.48
CA GLY A 45 5.17 9.37 3.11
C GLY A 45 4.23 10.47 2.65
N GLU A 46 3.57 10.25 1.51
CA GLU A 46 2.65 11.23 0.96
C GLU A 46 1.35 10.56 0.51
N VAL A 47 0.24 11.28 0.65
CA VAL A 47 -1.06 10.76 0.25
C VAL A 47 -1.26 10.87 -1.26
N LEU A 48 -1.64 9.76 -1.89
CA LEU A 48 -1.86 9.74 -3.33
C LEU A 48 -3.34 9.52 -3.65
N PRO A 49 -3.74 9.88 -4.87
CA PRO A 49 -5.13 9.73 -5.33
C PRO A 49 -5.52 8.27 -5.52
N ARG A 50 -6.81 8.03 -5.74
CA ARG A 50 -7.31 6.67 -5.95
C ARG A 50 -7.51 6.39 -7.43
N SER A 51 -7.88 7.41 -8.18
CA SER A 51 -8.12 7.27 -9.61
C SER A 51 -6.85 6.80 -10.33
N LEU A 52 -5.72 7.41 -9.99
CA LEU A 52 -4.45 7.06 -10.59
C LEU A 52 -4.18 5.56 -10.44
N ILE A 53 -4.27 5.07 -9.21
CA ILE A 53 -4.04 3.67 -8.92
C ILE A 53 -4.93 2.77 -9.78
N SER A 54 -6.22 3.10 -9.82
CA SER A 54 -7.17 2.33 -10.60
C SER A 54 -6.72 2.21 -12.05
N SER A 55 -6.02 3.23 -12.53
CA SER A 55 -5.52 3.24 -13.90
C SER A 55 -4.39 2.23 -14.09
N LEU A 56 -3.64 2.00 -13.01
CA LEU A 56 -2.52 1.06 -13.05
C LEU A 56 -3.03 -0.38 -13.06
N VAL A 57 -4.33 -0.56 -12.87
CA VAL A 57 -4.93 -1.88 -12.86
C VAL A 57 -6.04 -1.98 -13.90
N TRP A 58 -7.18 -1.38 -13.59
CA TRP A 58 -8.33 -1.40 -14.49
C TRP A 58 -8.27 -0.25 -15.49
N ASN A 59 -8.49 0.97 -14.99
CA ASN A 59 -8.45 2.16 -15.82
C ASN A 59 -8.74 3.41 -15.01
N MET A 60 -8.28 4.55 -15.51
CA MET A 60 -8.50 5.82 -14.82
C MET A 60 -9.94 6.30 -14.98
N ASN A 61 -10.41 7.07 -14.01
CA ASN A 61 -11.77 7.59 -14.04
C ASN A 61 -12.02 8.56 -12.88
N PHE A 62 -12.63 9.70 -13.19
CA PHE A 62 -12.94 10.70 -12.18
C PHE A 62 -13.75 10.09 -11.04
N ASP A 63 -14.55 9.09 -11.35
CA ASP A 63 -15.38 8.43 -10.36
C ASP A 63 -14.76 7.10 -9.92
N SER A 64 -14.51 6.98 -8.63
CA SER A 64 -13.91 5.76 -8.08
C SER A 64 -14.68 4.52 -8.53
N ASP A 65 -14.00 3.60 -9.19
CA ASP A 65 -14.62 2.38 -9.66
C ASP A 65 -15.11 1.52 -8.50
N THR A 66 -16.37 1.70 -8.12
CA THR A 66 -16.96 0.96 -7.02
C THR A 66 -15.98 0.83 -5.86
N ASN A 67 -15.18 1.88 -5.64
CA ASN A 67 -14.20 1.88 -4.56
C ASN A 67 -13.45 0.55 -4.51
N VAL A 68 -13.08 0.04 -5.69
CA VAL A 68 -12.35 -1.21 -5.79
C VAL A 68 -10.96 -1.08 -5.18
N ILE A 69 -10.41 0.13 -5.21
CA ILE A 69 -9.08 0.39 -4.67
C ILE A 69 -9.08 0.28 -3.15
N ASP A 70 -9.92 1.09 -2.51
CA ASP A 70 -10.01 1.10 -1.05
C ASP A 70 -10.33 -0.31 -0.53
N VAL A 71 -11.18 -1.02 -1.25
CA VAL A 71 -11.56 -2.38 -0.86
C VAL A 71 -10.42 -3.36 -1.08
N ALA A 72 -9.58 -3.07 -2.07
CA ALA A 72 -8.44 -3.92 -2.38
C ALA A 72 -7.39 -3.86 -1.27
N VAL A 73 -7.24 -2.68 -0.69
CA VAL A 73 -6.26 -2.49 0.38
C VAL A 73 -6.77 -3.04 1.70
N ARG A 74 -8.07 -2.88 1.94
CA ARG A 74 -8.69 -3.37 3.17
C ARG A 74 -8.84 -4.89 3.13
N ARG A 75 -9.16 -5.42 1.96
CA ARG A 75 -9.33 -6.86 1.80
C ARG A 75 -7.99 -7.58 1.90
N LEU A 76 -6.95 -6.98 1.33
CA LEU A 76 -5.61 -7.57 1.37
C LEU A 76 -5.00 -7.44 2.76
N ARG A 77 -5.30 -6.33 3.43
CA ARG A 77 -4.78 -6.09 4.78
C ARG A 77 -5.30 -7.13 5.76
N SER A 78 -6.59 -7.41 5.70
CA SER A 78 -7.21 -8.38 6.59
C SER A 78 -6.96 -9.81 6.09
N LYS A 79 -6.25 -9.92 4.97
CA LYS A 79 -5.93 -11.22 4.39
C LYS A 79 -4.71 -11.84 5.06
N ILE A 80 -3.83 -10.98 5.58
CA ILE A 80 -2.62 -11.44 6.25
C ILE A 80 -2.15 -10.43 7.30
N ASP A 81 -2.26 -9.15 6.96
CA ASP A 81 -1.85 -8.09 7.88
C ASP A 81 -2.83 -7.96 9.03
N ASP A 82 -3.94 -8.70 8.95
CA ASP A 82 -4.96 -8.67 9.99
C ASP A 82 -4.33 -8.81 11.37
N ASP A 83 -3.37 -9.72 11.49
CA ASP A 83 -2.69 -9.95 12.76
C ASP A 83 -1.18 -9.77 12.61
N PHE A 84 -0.68 -10.02 11.40
CA PHE A 84 0.75 -9.89 11.14
C PHE A 84 1.25 -8.51 11.54
N GLU A 85 0.41 -7.50 11.34
CA GLU A 85 0.77 -6.12 11.69
C GLU A 85 -0.47 -5.32 12.08
N PRO A 86 -0.24 -4.20 12.79
CA PRO A 86 -1.33 -3.32 13.24
C PRO A 86 -1.97 -2.57 12.09
N LYS A 87 -2.82 -1.60 12.42
CA LYS A 87 -3.51 -0.80 11.41
C LYS A 87 -2.59 0.29 10.86
N LEU A 88 -1.78 -0.06 9.87
CA LEU A 88 -0.86 0.89 9.27
C LEU A 88 -1.56 1.74 8.21
N ILE A 89 -2.74 1.29 7.80
CA ILE A 89 -3.52 2.02 6.80
C ILE A 89 -4.03 3.35 7.36
N HIS A 90 -3.70 4.42 6.66
CA HIS A 90 -4.12 5.76 7.08
C HIS A 90 -4.60 6.58 5.88
N THR A 91 -5.73 7.27 6.06
CA THR A 91 -6.29 8.09 4.99
C THR A 91 -6.54 9.52 5.47
N VAL A 92 -6.20 10.49 4.64
CA VAL A 92 -6.38 11.90 4.98
C VAL A 92 -7.65 12.44 4.33
N ARG A 93 -8.56 12.95 5.16
CA ARG A 93 -9.82 13.51 4.68
C ARG A 93 -9.56 14.64 3.69
N GLY A 94 -9.67 14.33 2.40
CA GLY A 94 -9.45 15.33 1.37
C GLY A 94 -8.13 15.14 0.65
N ALA A 95 -7.71 13.88 0.49
CA ALA A 95 -6.47 13.56 -0.19
C ALA A 95 -6.60 12.27 -0.99
N GLY A 96 -6.60 11.14 -0.29
CA GLY A 96 -6.71 9.85 -0.96
C GLY A 96 -6.41 8.70 -0.03
N TYR A 97 -5.18 8.19 -0.11
CA TYR A 97 -4.76 7.07 0.72
C TYR A 97 -3.25 7.05 0.90
N VAL A 98 -2.79 6.71 2.10
CA VAL A 98 -1.37 6.64 2.40
C VAL A 98 -1.06 5.55 3.42
N LEU A 99 0.19 5.09 3.43
CA LEU A 99 0.60 4.05 4.35
C LEU A 99 1.64 4.58 5.33
N GLU A 100 1.45 4.26 6.61
CA GLU A 100 2.37 4.70 7.65
C GLU A 100 1.99 4.11 9.01
N ILE A 101 2.98 3.92 9.86
CA ILE A 101 2.75 3.36 11.20
C ILE A 101 2.46 4.46 12.21
N ARG A 102 1.96 4.05 13.38
CA ARG A 102 1.64 5.00 14.44
C ARG A 102 2.77 5.07 15.46
N GLU A 103 3.49 3.98 15.63
CA GLU A 103 4.59 3.93 16.57
C GLU A 103 5.65 4.96 16.24
N GLU A 104 5.73 5.34 14.96
CA GLU A 104 6.69 6.33 14.51
C GLU A 104 6.53 7.65 15.27
N MET A 1 26.30 5.19 -1.68
CA MET A 1 25.63 5.51 -0.43
C MET A 1 24.20 5.99 -0.67
N ALA A 2 23.32 5.05 -1.02
CA ALA A 2 21.93 5.37 -1.28
C ALA A 2 21.00 4.56 -0.40
N ALA A 3 19.70 4.84 -0.48
CA ALA A 3 18.71 4.13 0.32
C ALA A 3 17.76 3.33 -0.57
N THR A 4 18.15 2.08 -0.86
CA THR A 4 17.34 1.21 -1.70
C THR A 4 16.47 0.28 -0.85
N VAL A 5 16.07 0.75 0.31
CA VAL A 5 15.24 -0.04 1.22
C VAL A 5 14.66 0.83 2.33
N CYS A 6 13.35 0.78 2.49
CA CYS A 6 12.68 1.57 3.52
C CYS A 6 12.06 0.65 4.58
N THR A 7 12.62 0.69 5.79
CA THR A 7 12.14 -0.13 6.89
C THR A 7 10.97 0.53 7.60
N ILE A 8 10.10 -0.28 8.19
CA ILE A 8 8.94 0.23 8.91
C ILE A 8 8.88 -0.34 10.31
N ALA A 9 7.75 -0.09 10.99
CA ALA A 9 7.56 -0.59 12.35
C ALA A 9 7.98 -2.05 12.47
N ASP A 10 7.50 -2.87 11.54
CA ASP A 10 7.82 -4.28 11.54
C ASP A 10 7.71 -4.86 10.13
N MET A 11 8.50 -4.32 9.21
CA MET A 11 8.50 -4.78 7.83
C MET A 11 9.66 -4.17 7.05
N THR A 12 9.89 -4.67 5.84
CA THR A 12 10.96 -4.18 4.99
C THR A 12 10.50 -3.98 3.55
N VAL A 13 10.32 -2.72 3.15
CA VAL A 13 9.87 -2.40 1.81
C VAL A 13 11.05 -2.07 0.91
N ASP A 14 11.10 -2.71 -0.26
CA ASP A 14 12.18 -2.48 -1.21
C ASP A 14 11.72 -1.54 -2.32
N MET A 15 12.47 -0.45 -2.51
CA MET A 15 12.14 0.53 -3.55
C MET A 15 12.70 0.09 -4.90
N VAL A 16 13.61 -0.87 -4.87
CA VAL A 16 14.23 -1.37 -6.10
C VAL A 16 13.61 -2.71 -6.51
N ARG A 17 13.18 -3.48 -5.52
CA ARG A 17 12.58 -4.79 -5.77
C ARG A 17 11.06 -4.71 -5.67
N ARG A 18 10.57 -3.66 -5.02
CA ARG A 18 9.13 -3.48 -4.84
C ARG A 18 8.51 -4.67 -4.11
N THR A 19 9.05 -4.99 -2.94
CA THR A 19 8.56 -6.10 -2.15
C THR A 19 8.32 -5.68 -0.70
N VAL A 20 7.81 -6.61 0.10
CA VAL A 20 7.52 -6.34 1.50
C VAL A 20 7.82 -7.56 2.37
N ILE A 21 8.84 -7.43 3.22
CA ILE A 21 9.23 -8.52 4.10
C ILE A 21 8.78 -8.25 5.53
N ARG A 22 7.88 -9.11 6.03
CA ARG A 22 7.37 -8.95 7.39
C ARG A 22 8.14 -9.85 8.36
N SER A 23 8.98 -9.23 9.19
CA SER A 23 9.78 -9.97 10.16
C SER A 23 10.55 -11.11 9.48
N GLY A 24 10.92 -10.88 8.22
CA GLY A 24 11.66 -11.89 7.48
C GLY A 24 10.76 -12.82 6.69
N LYS A 25 9.51 -12.42 6.53
CA LYS A 25 8.54 -13.22 5.80
C LYS A 25 7.82 -12.39 4.75
N LYS A 26 8.20 -12.57 3.50
CA LYS A 26 7.59 -11.83 2.39
C LYS A 26 6.11 -12.15 2.28
N ILE A 27 5.28 -11.10 2.28
CA ILE A 27 3.84 -11.28 2.17
C ILE A 27 3.42 -11.54 0.73
N HIS A 28 2.40 -12.40 0.57
CA HIS A 28 1.90 -12.74 -0.75
C HIS A 28 0.68 -11.88 -1.11
N LEU A 29 0.54 -11.58 -2.40
CA LEU A 29 -0.57 -10.77 -2.88
C LEU A 29 -0.86 -11.03 -4.35
N THR A 30 -1.96 -10.49 -4.84
CA THR A 30 -2.34 -10.67 -6.24
C THR A 30 -1.93 -9.46 -7.07
N GLY A 31 -2.31 -9.47 -8.35
CA GLY A 31 -1.98 -8.37 -9.24
C GLY A 31 -2.50 -7.04 -8.72
N LYS A 32 -3.79 -6.99 -8.42
CA LYS A 32 -4.41 -5.77 -7.92
C LYS A 32 -3.78 -5.33 -6.61
N GLU A 33 -3.71 -6.26 -5.65
CA GLU A 33 -3.14 -5.97 -4.35
C GLU A 33 -1.70 -5.46 -4.49
N TYR A 34 -0.95 -6.08 -5.39
CA TYR A 34 0.44 -5.69 -5.62
C TYR A 34 0.52 -4.28 -6.18
N VAL A 35 -0.46 -3.90 -6.99
CA VAL A 35 -0.51 -2.57 -7.59
C VAL A 35 -0.81 -1.51 -6.54
N LEU A 36 -1.67 -1.86 -5.58
CA LEU A 36 -2.05 -0.94 -4.51
C LEU A 36 -0.85 -0.61 -3.62
N LEU A 37 -0.09 -1.64 -3.26
CA LEU A 37 1.08 -1.46 -2.41
C LEU A 37 2.27 -0.95 -3.22
N GLU A 38 2.31 -1.32 -4.50
CA GLU A 38 3.39 -0.88 -5.37
C GLU A 38 3.51 0.63 -5.38
N LEU A 39 2.40 1.31 -5.63
CA LEU A 39 2.38 2.77 -5.66
C LEU A 39 2.36 3.34 -4.25
N LEU A 40 1.60 2.71 -3.36
CA LEU A 40 1.50 3.16 -1.98
C LEU A 40 2.88 3.23 -1.34
N LEU A 41 3.66 2.17 -1.48
CA LEU A 41 5.00 2.12 -0.90
C LEU A 41 5.97 2.99 -1.71
N GLN A 42 5.79 3.00 -3.02
CA GLN A 42 6.64 3.81 -3.89
C GLN A 42 6.51 5.29 -3.58
N ARG A 43 5.30 5.72 -3.23
CA ARG A 43 5.03 7.11 -2.90
C ARG A 43 4.83 7.29 -1.40
N THR A 44 5.35 6.34 -0.62
CA THR A 44 5.21 6.40 0.83
C THR A 44 5.60 7.77 1.37
N GLY A 45 4.76 8.33 2.23
CA GLY A 45 5.03 9.63 2.79
C GLY A 45 4.08 10.70 2.29
N GLU A 46 3.44 10.43 1.16
CA GLU A 46 2.50 11.38 0.57
C GLU A 46 1.22 10.67 0.13
N VAL A 47 0.10 11.38 0.23
CA VAL A 47 -1.19 10.83 -0.16
C VAL A 47 -1.40 10.92 -1.67
N LEU A 48 -1.79 9.80 -2.27
CA LEU A 48 -2.02 9.76 -3.71
C LEU A 48 -3.51 9.63 -4.01
N PRO A 49 -3.91 10.10 -5.21
CA PRO A 49 -5.31 10.05 -5.64
C PRO A 49 -5.78 8.63 -5.94
N ARG A 50 -7.08 8.42 -5.88
CA ARG A 50 -7.66 7.10 -6.14
C ARG A 50 -7.74 6.83 -7.64
N SER A 51 -8.14 7.84 -8.40
CA SER A 51 -8.26 7.70 -9.84
C SER A 51 -6.97 7.15 -10.44
N LEU A 52 -5.84 7.58 -9.90
CA LEU A 52 -4.54 7.12 -10.38
C LEU A 52 -4.34 5.64 -10.11
N ILE A 53 -4.63 5.23 -8.87
CA ILE A 53 -4.49 3.82 -8.49
C ILE A 53 -5.21 2.91 -9.47
N SER A 54 -6.49 3.15 -9.66
CA SER A 54 -7.30 2.35 -10.56
C SER A 54 -6.66 2.29 -11.96
N SER A 55 -5.96 3.36 -12.32
CA SER A 55 -5.31 3.44 -13.62
C SER A 55 -4.10 2.52 -13.67
N LEU A 56 -3.48 2.31 -12.51
CA LEU A 56 -2.31 1.45 -12.42
C LEU A 56 -2.69 -0.02 -12.61
N VAL A 57 -3.98 -0.29 -12.60
CA VAL A 57 -4.48 -1.66 -12.77
C VAL A 57 -5.47 -1.73 -13.92
N TRP A 58 -6.68 -1.25 -13.69
CA TRP A 58 -7.72 -1.26 -14.72
C TRP A 58 -7.64 -0.02 -15.61
N ASN A 59 -8.07 1.12 -15.08
CA ASN A 59 -8.03 2.36 -15.83
C ASN A 59 -8.41 3.55 -14.94
N MET A 60 -8.10 4.75 -15.41
CA MET A 60 -8.41 5.96 -14.65
C MET A 60 -9.87 6.38 -14.87
N ASN A 61 -10.39 7.20 -13.96
CA ASN A 61 -11.76 7.68 -14.07
C ASN A 61 -12.08 8.67 -12.95
N PHE A 62 -13.16 9.43 -13.14
CA PHE A 62 -13.57 10.42 -12.14
C PHE A 62 -14.52 9.80 -11.13
N ASP A 63 -15.18 8.72 -11.52
CA ASP A 63 -16.12 8.03 -10.64
C ASP A 63 -15.47 6.85 -9.95
N SER A 64 -15.40 6.89 -8.63
CA SER A 64 -14.79 5.82 -7.85
C SER A 64 -15.38 4.46 -8.24
N ASP A 65 -14.53 3.59 -8.77
CA ASP A 65 -14.97 2.25 -9.18
C ASP A 65 -15.36 1.41 -7.96
N THR A 66 -16.62 1.53 -7.54
CA THR A 66 -17.11 0.78 -6.40
C THR A 66 -16.08 0.76 -5.27
N ASN A 67 -15.35 1.86 -5.12
CA ASN A 67 -14.34 1.95 -4.08
C ASN A 67 -13.50 0.68 -4.01
N VAL A 68 -13.15 0.14 -5.18
CA VAL A 68 -12.34 -1.07 -5.26
C VAL A 68 -10.95 -0.85 -4.66
N ILE A 69 -10.51 0.41 -4.66
CA ILE A 69 -9.20 0.76 -4.12
C ILE A 69 -9.16 0.57 -2.62
N ASP A 70 -10.04 1.25 -1.90
CA ASP A 70 -10.12 1.16 -0.46
C ASP A 70 -10.45 -0.26 -0.02
N VAL A 71 -11.25 -0.95 -0.83
CA VAL A 71 -11.64 -2.32 -0.53
C VAL A 71 -10.51 -3.30 -0.82
N ALA A 72 -9.71 -2.99 -1.82
CA ALA A 72 -8.58 -3.83 -2.20
C ALA A 72 -7.52 -3.85 -1.11
N VAL A 73 -7.30 -2.70 -0.49
CA VAL A 73 -6.31 -2.58 0.57
C VAL A 73 -6.84 -3.16 1.89
N ARG A 74 -8.13 -2.97 2.12
CA ARG A 74 -8.76 -3.47 3.35
C ARG A 74 -8.98 -4.98 3.27
N ARG A 75 -9.23 -5.47 2.06
CA ARG A 75 -9.46 -6.90 1.85
C ARG A 75 -8.14 -7.67 1.90
N LEU A 76 -7.10 -7.08 1.30
CA LEU A 76 -5.79 -7.72 1.27
C LEU A 76 -5.12 -7.65 2.65
N ARG A 77 -5.28 -6.52 3.32
CA ARG A 77 -4.68 -6.32 4.64
C ARG A 77 -5.40 -7.19 5.68
N SER A 78 -6.69 -7.38 5.49
CA SER A 78 -7.48 -8.18 6.42
C SER A 78 -7.34 -9.67 6.11
N LYS A 79 -6.50 -9.99 5.13
CA LYS A 79 -6.27 -11.38 4.73
C LYS A 79 -5.08 -11.96 5.48
N ILE A 80 -4.00 -11.20 5.56
CA ILE A 80 -2.79 -11.64 6.25
C ILE A 80 -2.42 -10.68 7.36
N ASP A 81 -2.50 -9.39 7.07
CA ASP A 81 -2.16 -8.36 8.05
C ASP A 81 -3.19 -8.32 9.18
N ASP A 82 -4.30 -9.02 8.97
CA ASP A 82 -5.37 -9.06 9.97
C ASP A 82 -4.83 -9.47 11.33
N ASP A 83 -3.93 -10.45 11.33
CA ASP A 83 -3.33 -10.94 12.57
C ASP A 83 -1.83 -11.17 12.39
N PHE A 84 -1.14 -10.18 11.84
CA PHE A 84 0.29 -10.26 11.62
C PHE A 84 0.98 -8.94 11.92
N GLU A 85 0.35 -7.85 11.49
CA GLU A 85 0.91 -6.51 11.72
C GLU A 85 -0.20 -5.51 12.00
N PRO A 86 0.17 -4.37 12.61
CA PRO A 86 -0.77 -3.30 12.96
C PRO A 86 -1.31 -2.59 11.73
N LYS A 87 -2.39 -1.84 11.91
CA LYS A 87 -3.01 -1.09 10.82
C LYS A 87 -2.12 0.07 10.39
N LEU A 88 -1.51 -0.06 9.21
CA LEU A 88 -0.63 0.98 8.69
C LEU A 88 -1.30 1.73 7.55
N ILE A 89 -2.61 1.53 7.40
CA ILE A 89 -3.37 2.19 6.35
C ILE A 89 -4.01 3.48 6.86
N HIS A 90 -3.77 4.58 6.16
CA HIS A 90 -4.32 5.87 6.55
C HIS A 90 -4.90 6.60 5.33
N THR A 91 -6.07 7.21 5.51
CA THR A 91 -6.72 7.94 4.43
C THR A 91 -7.09 9.35 4.86
N VAL A 92 -6.59 10.34 4.14
CA VAL A 92 -6.87 11.74 4.44
C VAL A 92 -8.11 12.22 3.70
N ARG A 93 -9.20 12.42 4.44
CA ARG A 93 -10.45 12.89 3.84
C ARG A 93 -10.23 14.15 3.01
N GLY A 94 -10.20 13.98 1.70
CA GLY A 94 -9.99 15.12 0.82
C GLY A 94 -8.66 15.05 0.08
N ALA A 95 -8.09 13.85 0.02
CA ALA A 95 -6.81 13.65 -0.65
C ALA A 95 -6.78 12.32 -1.40
N GLY A 96 -6.84 11.23 -0.64
CA GLY A 96 -6.82 9.91 -1.26
C GLY A 96 -6.50 8.81 -0.26
N TYR A 97 -5.29 8.25 -0.38
CA TYR A 97 -4.86 7.19 0.52
C TYR A 97 -3.35 7.23 0.74
N VAL A 98 -2.92 6.73 1.89
CA VAL A 98 -1.50 6.72 2.23
C VAL A 98 -1.20 5.70 3.32
N LEU A 99 0.06 5.30 3.43
CA LEU A 99 0.48 4.33 4.43
C LEU A 99 1.41 4.97 5.45
N GLU A 100 1.35 4.48 6.69
CA GLU A 100 2.19 5.00 7.76
C GLU A 100 2.00 4.20 9.04
N ILE A 101 2.83 4.47 10.04
CA ILE A 101 2.76 3.77 11.32
C ILE A 101 2.41 4.73 12.45
N ARG A 102 2.23 4.18 13.65
CA ARG A 102 1.89 4.98 14.81
C ARG A 102 3.13 5.67 15.38
N GLU A 103 4.29 5.05 15.17
CA GLU A 103 5.55 5.61 15.66
C GLU A 103 5.79 6.99 15.09
N GLU A 104 5.34 7.21 13.86
CA GLU A 104 5.51 8.50 13.20
C GLU A 104 5.01 9.64 14.09
N MET A 1 24.15 3.44 3.18
CA MET A 1 24.81 4.02 2.01
C MET A 1 23.79 4.58 1.03
N ALA A 2 22.78 3.76 0.72
CA ALA A 2 21.74 4.18 -0.22
C ALA A 2 20.36 4.08 0.43
N ALA A 3 19.34 4.57 -0.28
CA ALA A 3 17.97 4.53 0.22
C ALA A 3 17.08 3.71 -0.70
N THR A 4 17.48 2.47 -0.96
CA THR A 4 16.70 1.59 -1.82
C THR A 4 15.89 0.59 -1.01
N VAL A 5 15.55 0.98 0.21
CA VAL A 5 14.77 0.11 1.09
C VAL A 5 14.17 0.91 2.25
N CYS A 6 12.91 0.65 2.55
CA CYS A 6 12.22 1.34 3.64
C CYS A 6 11.74 0.35 4.70
N THR A 7 12.23 0.52 5.92
CA THR A 7 11.85 -0.36 7.02
C THR A 7 10.67 0.21 7.79
N ILE A 8 9.86 -0.69 8.35
CA ILE A 8 8.69 -0.28 9.11
C ILE A 8 8.68 -0.93 10.50
N ALA A 9 7.57 -0.79 11.21
CA ALA A 9 7.44 -1.36 12.54
C ALA A 9 7.94 -2.80 12.58
N ASP A 10 7.50 -3.60 11.62
CA ASP A 10 7.92 -4.99 11.54
C ASP A 10 7.82 -5.50 10.10
N MET A 11 8.53 -4.85 9.20
CA MET A 11 8.52 -5.25 7.79
C MET A 11 9.63 -4.53 7.02
N THR A 12 9.86 -4.97 5.79
CA THR A 12 10.89 -4.37 4.95
C THR A 12 10.40 -4.19 3.51
N VAL A 13 10.09 -2.94 3.16
CA VAL A 13 9.60 -2.63 1.82
C VAL A 13 10.75 -2.26 0.89
N ASP A 14 10.64 -2.65 -0.37
CA ASP A 14 11.67 -2.34 -1.36
C ASP A 14 11.15 -1.37 -2.42
N MET A 15 11.82 -0.23 -2.55
CA MET A 15 11.42 0.77 -3.53
C MET A 15 11.96 0.43 -4.92
N VAL A 16 12.90 -0.51 -4.96
CA VAL A 16 13.50 -0.91 -6.22
C VAL A 16 13.01 -2.30 -6.64
N ARG A 17 12.67 -3.12 -5.65
CA ARG A 17 12.19 -4.47 -5.92
C ARG A 17 10.67 -4.54 -5.77
N ARG A 18 10.10 -3.55 -5.09
CA ARG A 18 8.66 -3.50 -4.88
C ARG A 18 8.17 -4.76 -4.17
N THR A 19 8.78 -5.06 -3.02
CA THR A 19 8.41 -6.23 -2.25
C THR A 19 8.17 -5.88 -0.78
N VAL A 20 7.70 -6.86 -0.01
CA VAL A 20 7.44 -6.64 1.41
C VAL A 20 7.82 -7.86 2.24
N ILE A 21 8.86 -7.72 3.05
CA ILE A 21 9.33 -8.81 3.89
C ILE A 21 8.92 -8.60 5.35
N ARG A 22 8.10 -9.52 5.86
CA ARG A 22 7.63 -9.43 7.24
C ARG A 22 8.48 -10.31 8.16
N SER A 23 9.34 -9.67 8.94
CA SER A 23 10.21 -10.39 9.87
C SER A 23 11.02 -11.46 9.13
N GLY A 24 11.35 -11.18 7.87
CA GLY A 24 12.11 -12.12 7.07
C GLY A 24 11.23 -13.07 6.29
N LYS A 25 9.92 -12.78 6.28
CA LYS A 25 8.96 -13.61 5.55
C LYS A 25 8.13 -12.75 4.58
N LYS A 26 8.44 -12.88 3.30
CA LYS A 26 7.72 -12.13 2.27
C LYS A 26 6.24 -12.49 2.27
N ILE A 27 5.38 -11.47 2.24
CA ILE A 27 3.94 -11.69 2.24
C ILE A 27 3.43 -11.91 0.82
N HIS A 28 2.43 -12.77 0.69
CA HIS A 28 1.85 -13.08 -0.61
C HIS A 28 0.74 -12.08 -0.95
N LEU A 29 0.65 -11.74 -2.23
CA LEU A 29 -0.37 -10.79 -2.69
C LEU A 29 -0.75 -11.06 -4.15
N THR A 30 -1.64 -10.23 -4.68
CA THR A 30 -2.08 -10.38 -6.06
C THR A 30 -1.72 -9.16 -6.89
N GLY A 31 -2.07 -9.19 -8.17
CA GLY A 31 -1.77 -8.08 -9.06
C GLY A 31 -2.31 -6.76 -8.53
N LYS A 32 -3.60 -6.74 -8.22
CA LYS A 32 -4.25 -5.54 -7.71
C LYS A 32 -3.53 -5.02 -6.47
N GLU A 33 -3.35 -5.90 -5.48
CA GLU A 33 -2.68 -5.54 -4.25
C GLU A 33 -1.28 -4.98 -4.52
N TYR A 34 -0.58 -5.61 -5.46
CA TYR A 34 0.77 -5.20 -5.82
C TYR A 34 0.77 -3.75 -6.33
N VAL A 35 -0.30 -3.40 -7.05
CA VAL A 35 -0.42 -2.05 -7.60
C VAL A 35 -0.68 -1.03 -6.51
N LEU A 36 -1.45 -1.42 -5.50
CA LEU A 36 -1.76 -0.54 -4.38
C LEU A 36 -0.58 -0.41 -3.44
N LEU A 37 0.18 -1.48 -3.29
CA LEU A 37 1.35 -1.48 -2.42
C LEU A 37 2.54 -0.80 -3.09
N GLU A 38 2.85 -1.24 -4.31
CA GLU A 38 3.95 -0.68 -5.07
C GLU A 38 3.86 0.84 -5.12
N LEU A 39 2.64 1.35 -5.22
CA LEU A 39 2.40 2.78 -5.29
C LEU A 39 2.50 3.41 -3.90
N LEU A 40 1.81 2.81 -2.93
CA LEU A 40 1.82 3.31 -1.56
C LEU A 40 3.25 3.45 -1.04
N LEU A 41 4.04 2.40 -1.23
CA LEU A 41 5.43 2.40 -0.77
C LEU A 41 6.27 3.36 -1.61
N GLN A 42 6.03 3.37 -2.91
CA GLN A 42 6.76 4.25 -3.82
C GLN A 42 6.59 5.71 -3.42
N ARG A 43 5.35 6.12 -3.19
CA ARG A 43 5.05 7.49 -2.80
C ARG A 43 4.88 7.60 -1.28
N THR A 44 5.50 6.68 -0.56
CA THR A 44 5.42 6.68 0.90
C THR A 44 5.74 8.05 1.47
N GLY A 45 4.84 8.58 2.29
CA GLY A 45 5.05 9.88 2.89
C GLY A 45 4.06 10.92 2.40
N GLU A 46 3.40 10.62 1.29
CA GLU A 46 2.41 11.53 0.72
C GLU A 46 1.15 10.78 0.31
N VAL A 47 0.03 11.49 0.29
CA VAL A 47 -1.25 10.90 -0.10
C VAL A 47 -1.46 10.98 -1.60
N LEU A 48 -1.88 9.87 -2.20
CA LEU A 48 -2.13 9.82 -3.64
C LEU A 48 -3.62 9.69 -3.93
N PRO A 49 -4.04 10.18 -5.10
CA PRO A 49 -5.44 10.14 -5.53
C PRO A 49 -5.90 8.71 -5.85
N ARG A 50 -7.20 8.47 -5.70
CA ARG A 50 -7.77 7.15 -5.97
C ARG A 50 -7.92 6.92 -7.47
N SER A 51 -8.16 8.01 -8.21
CA SER A 51 -8.33 7.93 -9.65
C SER A 51 -7.06 7.39 -10.33
N LEU A 52 -5.93 8.01 -10.00
CA LEU A 52 -4.65 7.60 -10.58
C LEU A 52 -4.38 6.12 -10.28
N ILE A 53 -4.53 5.74 -9.01
CA ILE A 53 -4.30 4.37 -8.59
C ILE A 53 -5.10 3.39 -9.45
N SER A 54 -6.41 3.62 -9.54
CA SER A 54 -7.28 2.76 -10.33
C SER A 54 -6.77 2.63 -11.76
N SER A 55 -6.12 3.69 -12.24
CA SER A 55 -5.58 3.70 -13.61
C SER A 55 -4.39 2.75 -13.72
N LEU A 56 -3.67 2.57 -12.62
CA LEU A 56 -2.50 1.69 -12.60
C LEU A 56 -2.92 0.23 -12.69
N VAL A 57 -4.21 -0.02 -12.49
CA VAL A 57 -4.74 -1.38 -12.55
C VAL A 57 -5.86 -1.49 -13.59
N TRP A 58 -7.04 -1.00 -13.23
CA TRP A 58 -8.19 -1.04 -14.13
C TRP A 58 -8.12 0.07 -15.16
N ASN A 59 -8.41 1.30 -14.73
CA ASN A 59 -8.37 2.45 -15.63
C ASN A 59 -8.75 3.73 -14.88
N MET A 60 -8.87 4.83 -15.61
CA MET A 60 -9.22 6.11 -15.02
C MET A 60 -10.41 6.73 -15.75
N ASN A 61 -11.62 6.46 -15.25
CA ASN A 61 -12.83 7.00 -15.85
C ASN A 61 -13.31 8.23 -15.10
N PHE A 62 -12.38 8.98 -14.52
CA PHE A 62 -12.72 10.18 -13.77
C PHE A 62 -13.70 9.86 -12.64
N ASP A 63 -13.69 8.61 -12.20
CA ASP A 63 -14.57 8.17 -11.11
C ASP A 63 -13.97 7.00 -10.35
N SER A 64 -14.70 6.50 -9.36
CA SER A 64 -14.22 5.38 -8.55
C SER A 64 -14.92 4.09 -8.96
N ASP A 65 -14.13 3.12 -9.40
CA ASP A 65 -14.67 1.83 -9.82
C ASP A 65 -14.98 0.95 -8.60
N THR A 66 -16.25 0.98 -8.18
CA THR A 66 -16.68 0.19 -7.03
C THR A 66 -15.65 0.24 -5.92
N ASN A 67 -14.99 1.39 -5.77
CA ASN A 67 -13.98 1.57 -4.73
C ASN A 67 -13.06 0.36 -4.65
N VAL A 68 -12.71 -0.19 -5.82
CA VAL A 68 -11.83 -1.34 -5.88
C VAL A 68 -10.50 -1.08 -5.17
N ILE A 69 -10.15 0.19 -5.07
CA ILE A 69 -8.91 0.59 -4.41
C ILE A 69 -8.99 0.36 -2.90
N ASP A 70 -9.98 0.97 -2.27
CA ASP A 70 -10.17 0.84 -0.83
C ASP A 70 -10.52 -0.60 -0.46
N VAL A 71 -11.13 -1.32 -1.42
CA VAL A 71 -11.52 -2.70 -1.19
C VAL A 71 -10.31 -3.63 -1.28
N ALA A 72 -9.42 -3.35 -2.22
CA ALA A 72 -8.22 -4.16 -2.40
C ALA A 72 -7.28 -4.04 -1.21
N VAL A 73 -7.20 -2.83 -0.64
CA VAL A 73 -6.35 -2.59 0.51
C VAL A 73 -6.98 -3.13 1.79
N ARG A 74 -8.30 -3.03 1.88
CA ARG A 74 -9.02 -3.50 3.05
C ARG A 74 -9.09 -5.04 3.06
N ARG A 75 -9.32 -5.62 1.89
CA ARG A 75 -9.41 -7.06 1.76
C ARG A 75 -8.06 -7.73 2.05
N LEU A 76 -7.00 -7.10 1.56
CA LEU A 76 -5.64 -7.63 1.76
C LEU A 76 -5.20 -7.45 3.20
N ARG A 77 -5.64 -6.35 3.81
CA ARG A 77 -5.28 -6.06 5.20
C ARG A 77 -5.83 -7.13 6.14
N SER A 78 -7.10 -7.48 5.97
CA SER A 78 -7.74 -8.49 6.81
C SER A 78 -7.43 -9.89 6.30
N LYS A 79 -6.57 -9.96 5.29
CA LYS A 79 -6.19 -11.24 4.69
C LYS A 79 -4.95 -11.81 5.40
N ILE A 80 -3.99 -10.94 5.69
CA ILE A 80 -2.76 -11.36 6.36
C ILE A 80 -2.43 -10.43 7.52
N ASP A 81 -2.53 -9.13 7.28
CA ASP A 81 -2.24 -8.14 8.31
C ASP A 81 -3.22 -8.26 9.46
N ASP A 82 -4.34 -8.93 9.23
CA ASP A 82 -5.35 -9.11 10.25
C ASP A 82 -4.73 -9.67 11.53
N ASP A 83 -3.67 -10.45 11.38
CA ASP A 83 -2.98 -11.03 12.53
C ASP A 83 -1.48 -11.11 12.28
N PHE A 84 -0.91 -10.00 11.81
CA PHE A 84 0.52 -9.95 11.54
C PHE A 84 1.09 -8.58 11.89
N GLU A 85 0.41 -7.53 11.46
CA GLU A 85 0.85 -6.17 11.74
C GLU A 85 -0.34 -5.26 12.04
N PRO A 86 -0.06 -4.13 12.71
CA PRO A 86 -1.10 -3.15 13.07
C PRO A 86 -1.67 -2.42 11.86
N LYS A 87 -2.83 -1.79 12.04
CA LYS A 87 -3.47 -1.06 10.96
C LYS A 87 -2.57 0.08 10.47
N LEU A 88 -1.91 -0.14 9.35
CA LEU A 88 -1.01 0.86 8.77
C LEU A 88 -1.74 1.68 7.70
N ILE A 89 -3.02 1.40 7.53
CA ILE A 89 -3.83 2.12 6.54
C ILE A 89 -4.30 3.47 7.09
N HIS A 90 -3.96 4.53 6.37
CA HIS A 90 -4.36 5.88 6.78
C HIS A 90 -4.87 6.68 5.58
N THR A 91 -6.11 7.16 5.68
CA THR A 91 -6.73 7.93 4.61
C THR A 91 -7.18 9.30 5.11
N VAL A 92 -6.58 10.35 4.57
CA VAL A 92 -6.92 11.71 4.96
C VAL A 92 -8.26 12.13 4.37
N ARG A 93 -9.07 12.83 5.17
CA ARG A 93 -10.37 13.29 4.73
C ARG A 93 -10.23 14.43 3.73
N GLY A 94 -9.93 14.09 2.48
CA GLY A 94 -9.77 15.11 1.45
C GLY A 94 -8.45 15.00 0.73
N ALA A 95 -7.95 13.78 0.58
CA ALA A 95 -6.68 13.55 -0.09
C ALA A 95 -6.76 12.31 -0.99
N GLY A 96 -6.80 11.13 -0.37
CA GLY A 96 -6.88 9.90 -1.13
C GLY A 96 -6.53 8.68 -0.28
N TYR A 97 -5.28 8.23 -0.37
CA TYR A 97 -4.84 7.08 0.39
C TYR A 97 -3.33 7.12 0.63
N VAL A 98 -2.92 6.78 1.84
CA VAL A 98 -1.50 6.78 2.20
C VAL A 98 -1.22 5.81 3.34
N LEU A 99 0.04 5.46 3.50
CA LEU A 99 0.45 4.53 4.55
C LEU A 99 1.15 5.27 5.69
N GLU A 100 1.05 4.73 6.89
CA GLU A 100 1.68 5.34 8.07
C GLU A 100 1.73 4.34 9.23
N ILE A 101 2.70 4.54 10.11
CA ILE A 101 2.86 3.68 11.28
C ILE A 101 3.09 4.49 12.54
N ARG A 102 3.09 3.81 13.69
CA ARG A 102 3.31 4.46 14.97
C ARG A 102 4.76 4.34 15.40
N GLU A 103 5.43 3.30 14.92
CA GLU A 103 6.83 3.07 15.25
C GLU A 103 7.67 4.31 15.00
N GLU A 104 7.26 5.11 14.02
CA GLU A 104 7.96 6.33 13.67
C GLU A 104 8.15 7.22 14.90
N MET A 1 23.44 5.29 3.50
CA MET A 1 22.73 4.07 3.86
C MET A 1 21.22 4.30 3.82
N ALA A 2 20.48 3.22 3.62
CA ALA A 2 19.02 3.29 3.57
C ALA A 2 18.57 4.29 2.52
N ALA A 3 19.09 4.16 1.31
CA ALA A 3 18.74 5.05 0.21
C ALA A 3 17.76 4.39 -0.74
N THR A 4 17.87 3.07 -0.88
CA THR A 4 16.99 2.32 -1.76
C THR A 4 16.23 1.25 -0.99
N VAL A 5 15.98 1.49 0.29
CA VAL A 5 15.27 0.55 1.14
C VAL A 5 14.72 1.22 2.38
N CYS A 6 13.41 1.08 2.60
CA CYS A 6 12.77 1.68 3.77
C CYS A 6 12.20 0.60 4.69
N THR A 7 12.73 0.55 5.91
CA THR A 7 12.28 -0.43 6.90
C THR A 7 11.11 0.11 7.72
N ILE A 8 10.29 -0.80 8.24
CA ILE A 8 9.15 -0.42 9.05
C ILE A 8 9.15 -1.14 10.39
N ALA A 9 8.05 -1.02 11.12
CA ALA A 9 7.93 -1.66 12.43
C ALA A 9 8.42 -3.10 12.38
N ASP A 10 7.94 -3.85 11.39
CA ASP A 10 8.34 -5.25 11.23
C ASP A 10 8.19 -5.68 9.78
N MET A 11 8.90 -5.00 8.88
CA MET A 11 8.85 -5.31 7.46
C MET A 11 9.97 -4.59 6.70
N THR A 12 10.19 -4.99 5.46
CA THR A 12 11.22 -4.39 4.63
C THR A 12 10.67 -4.00 3.26
N VAL A 13 10.49 -2.69 3.05
CA VAL A 13 9.97 -2.19 1.78
C VAL A 13 11.10 -1.75 0.86
N ASP A 14 10.98 -2.07 -0.42
CA ASP A 14 11.99 -1.70 -1.41
C ASP A 14 11.44 -0.71 -2.42
N MET A 15 12.09 0.45 -2.53
CA MET A 15 11.66 1.48 -3.46
C MET A 15 12.19 1.21 -4.86
N VAL A 16 13.16 0.30 -4.95
CA VAL A 16 13.75 -0.05 -6.24
C VAL A 16 13.25 -1.41 -6.73
N ARG A 17 12.98 -2.30 -5.78
CA ARG A 17 12.50 -3.64 -6.10
C ARG A 17 10.98 -3.73 -5.96
N ARG A 18 10.42 -2.77 -5.22
CA ARG A 18 8.97 -2.75 -4.99
C ARG A 18 8.50 -4.05 -4.36
N THR A 19 9.15 -4.44 -3.28
CA THR A 19 8.79 -5.67 -2.57
C THR A 19 8.58 -5.41 -1.09
N VAL A 20 8.05 -6.42 -0.39
CA VAL A 20 7.79 -6.30 1.04
C VAL A 20 8.15 -7.59 1.77
N ILE A 21 9.16 -7.53 2.62
CA ILE A 21 9.59 -8.70 3.38
C ILE A 21 9.14 -8.61 4.84
N ARG A 22 8.39 -9.60 5.28
CA ARG A 22 7.90 -9.62 6.66
C ARG A 22 8.79 -10.49 7.53
N SER A 23 9.64 -9.85 8.33
CA SER A 23 10.55 -10.56 9.22
C SER A 23 11.34 -11.61 8.46
N GLY A 24 11.59 -11.34 7.18
CA GLY A 24 12.34 -12.27 6.35
C GLY A 24 11.44 -13.15 5.52
N LYS A 25 10.17 -12.79 5.43
CA LYS A 25 9.20 -13.56 4.66
C LYS A 25 8.38 -12.65 3.75
N LYS A 26 8.71 -12.66 2.46
CA LYS A 26 8.00 -11.84 1.48
C LYS A 26 6.52 -12.21 1.43
N ILE A 27 5.66 -11.20 1.43
CA ILE A 27 4.22 -11.43 1.38
C ILE A 27 3.77 -11.78 -0.05
N HIS A 28 2.82 -12.69 -0.14
CA HIS A 28 2.29 -13.11 -1.44
C HIS A 28 0.87 -12.59 -1.65
N LEU A 29 0.62 -12.02 -2.82
CA LEU A 29 -0.70 -11.48 -3.15
C LEU A 29 -0.98 -11.62 -4.64
N THR A 30 -2.06 -10.98 -5.09
CA THR A 30 -2.44 -11.04 -6.50
C THR A 30 -2.03 -9.77 -7.23
N GLY A 31 -2.46 -9.65 -8.49
CA GLY A 31 -2.12 -8.48 -9.27
C GLY A 31 -2.72 -7.21 -8.71
N LYS A 32 -4.04 -7.23 -8.50
CA LYS A 32 -4.74 -6.07 -7.96
C LYS A 32 -4.13 -5.63 -6.63
N GLU A 33 -4.03 -6.57 -5.69
CA GLU A 33 -3.48 -6.28 -4.38
C GLU A 33 -2.03 -5.78 -4.50
N TYR A 34 -1.29 -6.36 -5.44
CA TYR A 34 0.09 -5.98 -5.65
C TYR A 34 0.19 -4.56 -6.23
N VAL A 35 -0.83 -4.17 -6.98
CA VAL A 35 -0.87 -2.85 -7.59
C VAL A 35 -1.08 -1.76 -6.54
N LEU A 36 -1.97 -2.04 -5.58
CA LEU A 36 -2.27 -1.09 -4.52
C LEU A 36 -1.10 -0.99 -3.54
N LEU A 37 -0.40 -2.09 -3.34
CA LEU A 37 0.75 -2.11 -2.44
C LEU A 37 1.99 -1.53 -3.11
N GLU A 38 2.32 -2.05 -4.29
CA GLU A 38 3.48 -1.57 -5.04
C GLU A 38 3.45 -0.05 -5.18
N LEU A 39 2.25 0.49 -5.37
CA LEU A 39 2.08 1.93 -5.52
C LEU A 39 2.13 2.63 -4.17
N LEU A 40 1.33 2.15 -3.22
CA LEU A 40 1.30 2.73 -1.88
C LEU A 40 2.69 2.82 -1.29
N LEU A 41 3.48 1.77 -1.47
CA LEU A 41 4.84 1.73 -0.94
C LEU A 41 5.78 2.56 -1.81
N GLN A 42 5.54 2.54 -3.12
CA GLN A 42 6.36 3.30 -4.05
C GLN A 42 6.38 4.78 -3.70
N ARG A 43 5.22 5.29 -3.28
CA ARG A 43 5.09 6.70 -2.91
C ARG A 43 4.94 6.85 -1.40
N THR A 44 5.43 5.86 -0.66
CA THR A 44 5.34 5.88 0.79
C THR A 44 5.84 7.21 1.35
N GLY A 45 5.07 7.80 2.26
CA GLY A 45 5.44 9.07 2.86
C GLY A 45 4.51 10.20 2.47
N GLU A 46 3.83 10.03 1.34
CA GLU A 46 2.89 11.05 0.85
C GLU A 46 1.61 10.41 0.37
N VAL A 47 0.50 11.14 0.50
CA VAL A 47 -0.80 10.65 0.06
C VAL A 47 -1.03 10.92 -1.42
N LEU A 48 -1.55 9.92 -2.13
CA LEU A 48 -1.81 10.05 -3.55
C LEU A 48 -3.28 9.75 -3.86
N PRO A 49 -3.73 10.19 -5.05
CA PRO A 49 -5.11 9.99 -5.49
C PRO A 49 -5.41 8.53 -5.81
N ARG A 50 -6.68 8.15 -5.72
CA ARG A 50 -7.10 6.78 -5.99
C ARG A 50 -7.23 6.55 -7.49
N SER A 51 -7.61 7.60 -8.22
CA SER A 51 -7.78 7.51 -9.66
C SER A 51 -6.54 6.89 -10.32
N LEU A 52 -5.39 7.12 -9.71
CA LEU A 52 -4.13 6.58 -10.24
C LEU A 52 -4.06 5.07 -10.03
N ILE A 53 -4.37 4.62 -8.82
CA ILE A 53 -4.34 3.21 -8.50
C ILE A 53 -5.15 2.39 -9.52
N SER A 54 -6.41 2.76 -9.68
CA SER A 54 -7.29 2.06 -10.61
C SER A 54 -6.70 2.06 -12.02
N SER A 55 -5.93 3.10 -12.32
CA SER A 55 -5.30 3.22 -13.64
C SER A 55 -4.18 2.20 -13.80
N LEU A 56 -3.56 1.83 -12.69
CA LEU A 56 -2.47 0.86 -12.70
C LEU A 56 -3.01 -0.57 -12.78
N VAL A 57 -4.33 -0.70 -12.67
CA VAL A 57 -4.98 -2.00 -12.74
C VAL A 57 -6.03 -2.06 -13.84
N TRP A 58 -7.17 -1.44 -13.57
CA TRP A 58 -8.27 -1.42 -14.54
C TRP A 58 -8.06 -0.30 -15.56
N ASN A 59 -8.32 0.94 -15.12
CA ASN A 59 -8.15 2.10 -15.99
C ASN A 59 -8.39 3.39 -15.22
N MET A 60 -7.99 4.51 -15.81
CA MET A 60 -8.16 5.82 -15.17
C MET A 60 -9.53 6.42 -15.52
N ASN A 61 -10.11 7.12 -14.55
CA ASN A 61 -11.42 7.75 -14.76
C ASN A 61 -11.74 8.69 -13.60
N PHE A 62 -12.80 9.48 -13.78
CA PHE A 62 -13.22 10.43 -12.76
C PHE A 62 -14.46 9.94 -12.03
N ASP A 63 -14.57 8.63 -11.89
CA ASP A 63 -15.72 8.03 -11.22
C ASP A 63 -15.26 7.10 -10.09
N SER A 64 -16.22 6.56 -9.35
CA SER A 64 -15.92 5.66 -8.23
C SER A 64 -16.65 4.33 -8.40
N ASP A 65 -15.88 3.27 -8.60
CA ASP A 65 -16.45 1.94 -8.77
C ASP A 65 -16.52 1.20 -7.43
N THR A 66 -17.62 1.39 -6.71
CA THR A 66 -17.81 0.75 -5.42
C THR A 66 -16.54 0.80 -4.60
N ASN A 67 -15.76 1.86 -4.77
CA ASN A 67 -14.50 2.02 -4.04
C ASN A 67 -13.70 0.72 -4.04
N VAL A 68 -13.67 0.06 -5.20
CA VAL A 68 -12.94 -1.19 -5.34
C VAL A 68 -11.51 -1.06 -4.83
N ILE A 69 -10.96 0.15 -4.95
CA ILE A 69 -9.60 0.41 -4.49
C ILE A 69 -9.51 0.37 -2.97
N ASP A 70 -10.30 1.20 -2.31
CA ASP A 70 -10.31 1.25 -0.85
C ASP A 70 -10.66 -0.11 -0.26
N VAL A 71 -11.50 -0.86 -0.97
CA VAL A 71 -11.91 -2.18 -0.51
C VAL A 71 -10.80 -3.21 -0.72
N ALA A 72 -9.98 -2.98 -1.75
CA ALA A 72 -8.87 -3.88 -2.05
C ALA A 72 -7.79 -3.80 -0.98
N VAL A 73 -7.54 -2.59 -0.49
CA VAL A 73 -6.53 -2.38 0.53
C VAL A 73 -7.03 -2.81 1.90
N ARG A 74 -8.32 -2.59 2.14
CA ARG A 74 -8.93 -2.96 3.41
C ARG A 74 -9.14 -4.47 3.50
N ARG A 75 -9.53 -5.07 2.39
CA ARG A 75 -9.78 -6.51 2.34
C ARG A 75 -8.46 -7.28 2.47
N LEU A 76 -7.42 -6.78 1.81
CA LEU A 76 -6.11 -7.43 1.86
C LEU A 76 -5.45 -7.22 3.20
N ARG A 77 -5.69 -6.06 3.81
CA ARG A 77 -5.11 -5.75 5.11
C ARG A 77 -5.63 -6.70 6.19
N SER A 78 -6.93 -6.91 6.20
CA SER A 78 -7.56 -7.79 7.17
C SER A 78 -7.44 -9.24 6.74
N LYS A 79 -6.78 -9.48 5.60
CA LYS A 79 -6.60 -10.82 5.07
C LYS A 79 -5.35 -11.46 5.67
N ILE A 80 -4.29 -10.68 5.82
CA ILE A 80 -3.05 -11.18 6.38
C ILE A 80 -2.46 -10.20 7.39
N ASP A 81 -2.47 -8.92 7.05
CA ASP A 81 -1.96 -7.88 7.93
C ASP A 81 -2.69 -7.89 9.27
N ASP A 82 -3.91 -8.40 9.27
CA ASP A 82 -4.72 -8.47 10.48
C ASP A 82 -3.96 -9.16 11.60
N ASP A 83 -3.06 -10.07 11.24
CA ASP A 83 -2.26 -10.80 12.21
C ASP A 83 -0.79 -10.79 11.82
N PHE A 84 -0.38 -9.79 11.04
CA PHE A 84 0.99 -9.67 10.59
C PHE A 84 1.59 -8.33 11.01
N GLU A 85 0.81 -7.27 10.86
CA GLU A 85 1.25 -5.93 11.23
C GLU A 85 0.07 -5.05 11.67
N PRO A 86 0.38 -3.97 12.39
CA PRO A 86 -0.64 -3.04 12.87
C PRO A 86 -1.29 -2.24 11.76
N LYS A 87 -2.19 -1.34 12.12
CA LYS A 87 -2.88 -0.50 11.15
C LYS A 87 -1.91 0.48 10.48
N LEU A 88 -1.35 0.04 9.35
CA LEU A 88 -0.40 0.88 8.61
C LEU A 88 -1.10 1.62 7.47
N ILE A 89 -2.43 1.63 7.50
CA ILE A 89 -3.22 2.30 6.48
C ILE A 89 -3.79 3.62 7.00
N HIS A 90 -3.59 4.68 6.23
CA HIS A 90 -4.10 6.00 6.63
C HIS A 90 -4.61 6.76 5.40
N THR A 91 -5.72 7.46 5.58
CA THR A 91 -6.32 8.23 4.49
C THR A 91 -6.57 9.67 4.91
N VAL A 92 -5.85 10.60 4.29
CA VAL A 92 -6.00 12.02 4.59
C VAL A 92 -7.27 12.60 3.98
N ARG A 93 -8.21 12.99 4.83
CA ARG A 93 -9.47 13.56 4.37
C ARG A 93 -9.22 14.69 3.37
N GLY A 94 -9.42 14.40 2.09
CA GLY A 94 -9.22 15.41 1.06
C GLY A 94 -7.94 15.18 0.28
N ALA A 95 -7.55 13.92 0.13
CA ALA A 95 -6.34 13.57 -0.60
C ALA A 95 -6.52 12.26 -1.36
N GLY A 96 -6.45 11.15 -0.63
CA GLY A 96 -6.62 9.84 -1.25
C GLY A 96 -6.31 8.70 -0.30
N TYR A 97 -5.07 8.22 -0.32
CA TYR A 97 -4.66 7.12 0.54
C TYR A 97 -3.15 7.14 0.77
N VAL A 98 -2.72 6.65 1.92
CA VAL A 98 -1.30 6.61 2.26
C VAL A 98 -1.03 5.59 3.36
N LEU A 99 0.23 5.17 3.47
CA LEU A 99 0.62 4.20 4.49
C LEU A 99 1.65 4.80 5.43
N GLU A 100 1.51 4.49 6.72
CA GLU A 100 2.43 5.00 7.74
C GLU A 100 2.11 4.41 9.11
N ILE A 101 3.15 3.97 9.81
CA ILE A 101 2.99 3.39 11.14
C ILE A 101 2.66 4.46 12.16
N ARG A 102 2.23 4.02 13.35
CA ARG A 102 1.89 4.93 14.43
C ARG A 102 3.12 5.32 15.23
N GLU A 103 4.10 4.41 15.28
CA GLU A 103 5.33 4.65 16.02
C GLU A 103 5.96 5.99 15.62
N GLU A 104 5.72 6.39 14.38
CA GLU A 104 6.25 7.66 13.87
C GLU A 104 5.90 8.80 14.80
#